data_5XRZ
#
_entry.id   5XRZ
#
_cell.length_a   67.621
_cell.length_b   101.420
_cell.length_c   101.710
_cell.angle_alpha   91.89
_cell.angle_beta   108.68
_cell.angle_gamma   108.17
#
_symmetry.space_group_name_H-M   'P 1'
#
loop_
_entity.id
_entity.type
_entity.pdbx_description
1 polymer 'DNA repair protein RAD52 homolog'
2 polymer 'ssDNA (40-MER)'
3 non-polymer 'POTASSIUM ION'
#
loop_
_entity_poly.entity_id
_entity_poly.type
_entity_poly.pdbx_seq_one_letter_code
_entity_poly.pdbx_strand_id
1 'polypeptide(L)'
;GSHMSGTEEAILGGRDSHPAAGGGSVLCFGQCQYTAEEYQAIQKALRQRLGPEYISSRMAGGGQKVCYIEGHRVINLANE
MFGYNGWAHSITQQNVDFVDLNNGAFYVGVCAFVRVQLKDGSYHEDVGYGVSEGLASKALSLEKARKEAVTDGLKRALRS
FGNALGNCILDKDYLRSLNKLPRQLPLEVDLTKAKRQDLEPSVEEARYNSCRPNM
;
A,B,C,D,E,F,G,H,I,J,K
2 'polydeoxyribonucleotide'
;(DT)(DT)(DT)(DT)(DT)(DT)(DT)(DT)(DT)(DT)(DT)(DT)(DT)(DT)(DT)(DT)(DT)(DT)(DC)(DC)
(DC)(DT)(DT)(DT)(DT)(DT)(DT)(DT)(DT)(DT)(DT)(DT)(DT)(DT)(DT)(DT)(DT)(DT)(DT)(DT)
;
L
#
# COMPACT_ATOMS: atom_id res chain seq x y z
N CYS A 28 12.47 -8.84 21.11
CA CYS A 28 11.13 -8.42 21.54
C CYS A 28 10.11 -9.52 21.27
N PHE A 29 8.84 -9.17 21.42
CA PHE A 29 7.78 -10.14 21.15
C PHE A 29 7.70 -10.46 19.67
N GLY A 30 7.45 -11.73 19.35
CA GLY A 30 7.47 -12.20 17.99
C GLY A 30 8.85 -12.52 17.45
N GLN A 31 9.91 -12.07 18.11
CA GLN A 31 11.29 -12.30 17.67
C GLN A 31 12.06 -13.26 18.57
N CYS A 32 11.91 -13.14 19.89
CA CYS A 32 12.67 -13.97 20.82
C CYS A 32 12.34 -15.44 20.61
N GLN A 33 13.39 -16.26 20.55
CA GLN A 33 13.24 -17.69 20.32
C GLN A 33 13.27 -18.46 21.64
N TYR A 34 12.54 -19.57 21.68
CA TYR A 34 12.45 -20.38 22.88
C TYR A 34 13.73 -21.18 23.10
N THR A 35 14.19 -21.21 24.35
CA THR A 35 15.31 -22.06 24.71
C THR A 35 14.86 -23.51 24.85
N ALA A 36 15.84 -24.42 24.87
CA ALA A 36 15.54 -25.85 24.94
C ALA A 36 14.78 -26.19 26.21
N GLU A 37 15.23 -25.69 27.35
CA GLU A 37 14.59 -26.02 28.63
C GLU A 37 13.16 -25.51 28.66
N GLU A 38 12.96 -24.23 28.30
CA GLU A 38 11.62 -23.65 28.26
C GLU A 38 10.71 -24.43 27.31
N TYR A 39 11.23 -24.75 26.12
CA TYR A 39 10.46 -25.53 25.15
C TYR A 39 9.99 -26.86 25.75
N GLN A 40 10.93 -27.65 26.27
CA GLN A 40 10.59 -28.97 26.77
C GLN A 40 9.60 -28.88 27.94
N ALA A 41 9.84 -27.94 28.85
CA ALA A 41 8.94 -27.75 29.98
C ALA A 41 7.52 -27.43 29.51
N ILE A 42 7.40 -26.46 28.59
CA ILE A 42 6.08 -26.06 28.10
C ILE A 42 5.39 -27.22 27.40
N GLN A 43 6.13 -27.97 26.58
CA GLN A 43 5.54 -29.10 25.86
C GLN A 43 4.98 -30.12 26.84
N LYS A 44 5.80 -30.56 27.79
CA LYS A 44 5.36 -31.58 28.74
C LYS A 44 4.20 -31.07 29.59
N ALA A 45 4.23 -29.79 29.97
CA ALA A 45 3.12 -29.23 30.72
C ALA A 45 1.85 -29.13 29.87
N LEU A 46 2.00 -28.96 28.57
CA LEU A 46 0.84 -28.86 27.69
C LEU A 46 0.23 -30.22 27.39
N ARG A 47 0.98 -31.31 27.55
CA ARG A 47 0.34 -32.61 27.42
C ARG A 47 -0.59 -32.94 28.57
N GLN A 48 -0.57 -32.16 29.66
CA GLN A 48 -1.44 -32.42 30.81
C GLN A 48 -2.92 -32.28 30.45
N ARG A 49 -3.76 -32.95 31.24
CA ARG A 49 -5.20 -32.80 31.23
C ARG A 49 -5.65 -32.05 32.49
N LEU A 50 -6.86 -31.50 32.43
CA LEU A 50 -7.37 -30.67 33.53
C LEU A 50 -8.18 -31.52 34.51
N GLY A 51 -8.22 -31.05 35.76
CA GLY A 51 -8.98 -31.71 36.80
C GLY A 51 -10.35 -31.09 37.00
N PRO A 52 -11.17 -31.69 37.86
CA PRO A 52 -12.50 -31.13 38.14
C PRO A 52 -12.48 -29.72 38.71
N GLU A 53 -11.35 -29.26 39.25
CA GLU A 53 -11.27 -27.91 39.79
C GLU A 53 -11.38 -26.84 38.71
N TYR A 54 -11.30 -27.21 37.44
CA TYR A 54 -11.40 -26.27 36.33
C TYR A 54 -12.67 -26.43 35.52
N ILE A 55 -13.08 -27.66 35.24
CA ILE A 55 -14.26 -27.90 34.43
C ILE A 55 -15.51 -27.42 35.17
N SER A 56 -16.48 -26.93 34.41
CA SER A 56 -17.79 -26.58 34.92
C SER A 56 -18.84 -27.20 34.00
N SER A 57 -20.11 -26.93 34.27
CA SER A 57 -21.19 -27.63 33.59
C SER A 57 -22.36 -26.69 33.33
N ARG A 58 -22.99 -26.89 32.18
CA ARG A 58 -24.18 -26.17 31.76
C ARG A 58 -25.26 -27.18 31.40
N MET A 59 -26.48 -26.67 31.20
CA MET A 59 -27.62 -27.48 30.80
C MET A 59 -28.04 -27.03 29.40
N ALA A 60 -27.69 -27.82 28.39
CA ALA A 60 -28.05 -27.50 27.02
C ALA A 60 -29.56 -27.50 26.84
N GLY A 61 -30.03 -26.66 25.92
CA GLY A 61 -31.44 -26.61 25.60
C GLY A 61 -31.87 -27.83 24.83
N GLY A 62 -32.71 -28.67 25.43
CA GLY A 62 -33.08 -29.93 24.84
C GLY A 62 -32.05 -31.03 25.00
N GLY A 63 -30.78 -30.69 25.22
CA GLY A 63 -29.74 -31.68 25.38
C GLY A 63 -29.53 -32.07 26.83
N GLN A 64 -28.28 -32.28 27.23
CA GLN A 64 -27.96 -32.72 28.58
C GLN A 64 -26.82 -31.89 29.17
N LYS A 65 -26.30 -32.36 30.31
CA LYS A 65 -25.19 -31.70 30.98
C LYS A 65 -23.97 -31.62 30.06
N VAL A 66 -23.54 -30.40 29.76
CA VAL A 66 -22.35 -30.16 28.95
C VAL A 66 -21.26 -29.60 29.85
N CYS A 67 -20.00 -29.82 29.45
CA CYS A 67 -18.85 -29.40 30.23
C CYS A 67 -18.10 -28.30 29.50
N TYR A 68 -17.58 -27.34 30.26
CA TYR A 68 -16.87 -26.21 29.68
C TYR A 68 -15.78 -25.74 30.64
N ILE A 69 -15.04 -24.73 30.22
CA ILE A 69 -14.01 -24.07 31.04
C ILE A 69 -14.27 -22.58 31.02
N GLU A 70 -14.40 -21.98 32.20
CA GLU A 70 -14.66 -20.55 32.29
C GLU A 70 -13.50 -19.75 31.71
N GLY A 71 -13.82 -18.52 31.27
CA GLY A 71 -12.84 -17.65 30.63
C GLY A 71 -11.62 -17.35 31.46
N HIS A 72 -11.82 -16.80 32.67
CA HIS A 72 -10.70 -16.48 33.56
C HIS A 72 -9.82 -17.69 33.81
N ARG A 73 -10.40 -18.89 33.84
CA ARG A 73 -9.60 -20.11 33.98
C ARG A 73 -8.59 -20.24 32.85
N VAL A 74 -9.05 -20.14 31.61
CA VAL A 74 -8.15 -20.25 30.46
C VAL A 74 -7.14 -19.11 30.44
N ILE A 75 -7.58 -17.92 30.82
CA ILE A 75 -6.69 -16.76 30.84
C ILE A 75 -5.54 -17.00 31.80
N ASN A 76 -5.86 -17.45 33.03
CA ASN A 76 -4.82 -17.77 34.00
C ASN A 76 -3.94 -18.91 33.53
N LEU A 77 -4.53 -19.94 32.91
CA LEU A 77 -3.75 -21.04 32.40
C LEU A 77 -2.71 -20.57 31.38
N ALA A 78 -3.12 -19.68 30.47
CA ALA A 78 -2.18 -19.15 29.48
C ALA A 78 -1.12 -18.28 30.13
N ASN A 79 -1.54 -17.36 31.00
CA ASN A 79 -0.60 -16.48 31.67
C ASN A 79 0.40 -17.24 32.53
N GLU A 80 0.06 -18.45 32.96
CA GLU A 80 1.01 -19.28 33.69
C GLU A 80 1.89 -20.09 32.76
N MET A 81 1.30 -20.74 31.76
CA MET A 81 2.06 -21.59 30.84
C MET A 81 3.12 -20.80 30.11
N PHE A 82 2.76 -19.64 29.56
CA PHE A 82 3.71 -18.85 28.77
C PHE A 82 4.20 -17.60 29.47
N GLY A 83 3.42 -17.01 30.37
CA GLY A 83 3.78 -15.77 30.99
C GLY A 83 2.85 -14.63 30.59
N TYR A 84 2.92 -13.56 31.36
CA TYR A 84 2.15 -12.37 31.02
C TYR A 84 2.62 -11.74 29.72
N ASN A 85 3.88 -11.96 29.34
CA ASN A 85 4.44 -11.43 28.10
C ASN A 85 4.91 -12.54 27.17
N GLY A 86 4.47 -13.77 27.40
CA GLY A 86 4.84 -14.88 26.55
C GLY A 86 3.78 -15.18 25.51
N TRP A 87 2.55 -14.74 25.78
CA TRP A 87 1.44 -14.90 24.86
C TRP A 87 0.79 -13.55 24.62
N ALA A 88 0.04 -13.46 23.52
CA ALA A 88 -0.66 -12.25 23.16
C ALA A 88 -1.86 -12.63 22.31
N HIS A 89 -2.95 -11.88 22.43
CA HIS A 89 -4.11 -12.15 21.61
C HIS A 89 -4.60 -10.87 20.95
N SER A 90 -5.33 -11.04 19.86
CA SER A 90 -5.82 -9.91 19.10
C SER A 90 -7.11 -10.29 18.38
N ILE A 91 -7.96 -9.30 18.15
CA ILE A 91 -9.22 -9.48 17.46
C ILE A 91 -8.97 -9.15 15.99
N THR A 92 -8.87 -10.18 15.15
CA THR A 92 -8.66 -9.95 13.72
C THR A 92 -9.87 -9.28 13.10
N GLN A 93 -11.08 -9.74 13.44
CA GLN A 93 -12.30 -9.14 12.94
C GLN A 93 -13.47 -9.64 13.78
N GLN A 94 -14.40 -8.73 14.09
CA GLN A 94 -15.65 -9.06 14.74
C GLN A 94 -16.79 -8.51 13.92
N ASN A 95 -17.77 -9.36 13.61
CA ASN A 95 -18.89 -8.99 12.75
C ASN A 95 -20.18 -9.47 13.39
N VAL A 96 -21.14 -8.56 13.52
CA VAL A 96 -22.45 -8.89 14.07
C VAL A 96 -23.26 -9.65 13.01
N ASP A 97 -23.62 -10.89 13.32
CA ASP A 97 -24.34 -11.71 12.34
C ASP A 97 -25.77 -11.24 12.17
N PHE A 98 -26.50 -11.06 13.27
CA PHE A 98 -27.90 -10.64 13.12
C PHE A 98 -28.39 -10.00 14.40
N VAL A 99 -29.43 -9.18 14.26
CA VAL A 99 -30.18 -8.57 15.36
C VAL A 99 -31.64 -8.55 14.96
N ASP A 100 -32.47 -9.37 15.60
CA ASP A 100 -33.88 -9.48 15.31
C ASP A 100 -34.71 -9.16 16.55
N LEU A 101 -35.97 -8.83 16.34
CA LEU A 101 -36.87 -8.43 17.41
C LEU A 101 -38.21 -9.14 17.24
N ASN A 102 -38.55 -9.99 18.22
CA ASN A 102 -39.81 -10.72 18.23
C ASN A 102 -40.58 -10.35 19.49
N ASN A 103 -41.64 -9.56 19.32
CA ASN A 103 -42.57 -9.15 20.38
C ASN A 103 -41.84 -8.81 21.68
N GLY A 104 -40.89 -7.87 21.56
CA GLY A 104 -40.20 -7.35 22.71
C GLY A 104 -38.93 -8.07 23.09
N ALA A 105 -38.63 -9.19 22.45
CA ALA A 105 -37.43 -9.96 22.75
C ALA A 105 -36.39 -9.74 21.64
N PHE A 106 -35.16 -9.44 22.05
CA PHE A 106 -34.07 -9.18 21.11
C PHE A 106 -33.21 -10.43 20.97
N TYR A 107 -33.08 -10.91 19.74
CA TYR A 107 -32.25 -12.07 19.43
C TYR A 107 -31.06 -11.59 18.62
N VAL A 108 -29.86 -11.67 19.21
CA VAL A 108 -28.65 -11.13 18.63
C VAL A 108 -27.62 -12.25 18.53
N GLY A 109 -27.06 -12.42 17.32
CA GLY A 109 -25.95 -13.30 17.09
C GLY A 109 -24.73 -12.54 16.59
N VAL A 110 -23.57 -12.79 17.19
CA VAL A 110 -22.34 -12.06 16.89
C VAL A 110 -21.18 -13.05 16.87
N CYS A 111 -20.23 -12.84 15.96
CA CYS A 111 -19.07 -13.71 15.86
C CYS A 111 -17.79 -12.87 15.92
N ALA A 112 -16.72 -13.50 16.38
CA ALA A 112 -15.41 -12.86 16.49
C ALA A 112 -14.33 -13.84 16.09
N PHE A 113 -13.19 -13.30 15.67
CA PHE A 113 -12.04 -14.08 15.23
C PHE A 113 -10.84 -13.67 16.06
N VAL A 114 -10.40 -14.55 16.96
CA VAL A 114 -9.28 -14.24 17.85
C VAL A 114 -8.04 -14.96 17.37
N ARG A 115 -6.91 -14.25 17.38
CA ARG A 115 -5.61 -14.78 17.00
C ARG A 115 -4.66 -14.64 18.18
N VAL A 116 -4.19 -15.78 18.69
CA VAL A 116 -3.20 -15.85 19.76
C VAL A 116 -1.83 -16.08 19.13
N GLN A 117 -0.81 -15.41 19.67
CA GLN A 117 0.54 -15.47 19.16
C GLN A 117 1.52 -15.54 20.32
N LEU A 118 2.49 -16.43 20.21
CA LEU A 118 3.55 -16.56 21.21
C LEU A 118 4.74 -15.68 20.84
N LYS A 119 5.56 -15.38 21.86
CA LYS A 119 6.70 -14.49 21.66
C LYS A 119 7.68 -15.03 20.63
N ASP A 120 7.61 -16.32 20.28
CA ASP A 120 8.47 -16.86 19.23
C ASP A 120 7.91 -16.62 17.83
N GLY A 121 6.66 -16.20 17.72
CA GLY A 121 6.02 -15.98 16.44
C GLY A 121 4.92 -16.97 16.12
N SER A 122 4.89 -18.12 16.78
CA SER A 122 3.84 -19.10 16.57
C SER A 122 2.48 -18.50 16.89
N TYR A 123 1.45 -18.94 16.16
CA TYR A 123 0.14 -18.33 16.26
C TYR A 123 -0.93 -19.34 15.92
N HIS A 124 -2.09 -19.18 16.57
CA HIS A 124 -3.27 -19.96 16.27
C HIS A 124 -4.48 -19.02 16.30
N GLU A 125 -5.37 -19.19 15.34
CA GLU A 125 -6.52 -18.30 15.19
C GLU A 125 -7.79 -19.11 15.05
N ASP A 126 -8.85 -18.67 15.74
CA ASP A 126 -10.10 -19.41 15.72
C ASP A 126 -11.27 -18.47 16.02
N VAL A 127 -12.46 -18.97 15.72
CA VAL A 127 -13.70 -18.20 15.86
C VAL A 127 -14.28 -18.40 17.25
N GLY A 128 -15.14 -17.46 17.63
CA GLY A 128 -15.96 -17.59 18.82
C GLY A 128 -17.28 -16.89 18.60
N TYR A 129 -18.31 -17.34 19.29
CA TYR A 129 -19.65 -16.83 19.07
C TYR A 129 -20.25 -16.28 20.35
N GLY A 130 -21.13 -15.30 20.17
CA GLY A 130 -21.89 -14.74 21.28
C GLY A 130 -23.35 -14.64 20.89
N VAL A 131 -24.22 -14.91 21.85
CA VAL A 131 -25.64 -15.11 21.64
C VAL A 131 -26.41 -14.42 22.76
N SER A 132 -27.40 -13.60 22.40
CA SER A 132 -28.28 -12.99 23.39
C SER A 132 -29.70 -13.05 22.85
N GLU A 133 -30.50 -14.00 23.36
CA GLU A 133 -31.84 -14.21 22.85
C GLU A 133 -32.94 -13.69 23.78
N GLY A 134 -32.71 -13.70 25.09
CA GLY A 134 -33.77 -13.40 26.04
C GLY A 134 -34.02 -11.93 26.30
N LEU A 135 -32.96 -11.15 26.42
CA LEU A 135 -33.07 -9.77 26.90
C LEU A 135 -33.93 -8.93 25.98
N ALA A 136 -34.44 -7.82 26.54
CA ALA A 136 -35.28 -6.87 25.81
C ALA A 136 -34.57 -5.56 25.51
N SER A 137 -33.33 -5.40 25.95
CA SER A 137 -32.55 -4.20 25.68
C SER A 137 -31.53 -4.50 24.58
N LYS A 138 -31.59 -3.72 23.50
CA LYS A 138 -30.68 -3.92 22.38
C LYS A 138 -29.22 -3.75 22.81
N ALA A 139 -28.93 -2.67 23.53
CA ALA A 139 -27.56 -2.41 23.97
C ALA A 139 -27.02 -3.54 24.84
N LEU A 140 -27.83 -4.01 25.79
CA LEU A 140 -27.39 -5.11 26.65
C LEU A 140 -27.13 -6.37 25.84
N SER A 141 -28.04 -6.70 24.92
CA SER A 141 -27.88 -7.90 24.10
C SER A 141 -26.61 -7.81 23.26
N LEU A 142 -26.33 -6.64 22.68
CA LEU A 142 -25.14 -6.50 21.87
C LEU A 142 -23.88 -6.58 22.71
N GLU A 143 -23.86 -5.88 23.86
CA GLU A 143 -22.73 -5.98 24.77
C GLU A 143 -22.43 -7.44 25.12
N LYS A 144 -23.47 -8.18 25.51
CA LYS A 144 -23.29 -9.59 25.86
C LYS A 144 -22.75 -10.37 24.68
N ALA A 145 -23.38 -10.22 23.51
CA ALA A 145 -23.01 -11.03 22.35
C ALA A 145 -21.56 -10.78 21.96
N ARG A 146 -21.15 -9.50 21.90
CA ARG A 146 -19.80 -9.18 21.43
C ARG A 146 -18.74 -9.65 22.43
N LYS A 147 -18.93 -9.34 23.72
CA LYS A 147 -17.94 -9.78 24.70
C LYS A 147 -17.87 -11.30 24.79
N GLU A 148 -19.02 -11.97 24.78
CA GLU A 148 -19.04 -13.43 24.79
C GLU A 148 -18.35 -14.00 23.55
N ALA A 149 -18.55 -13.37 22.39
CA ALA A 149 -17.91 -13.84 21.17
C ALA A 149 -16.39 -13.74 21.28
N VAL A 150 -15.90 -12.61 21.78
CA VAL A 150 -14.45 -12.45 21.89
C VAL A 150 -13.86 -13.45 22.88
N THR A 151 -14.51 -13.64 24.02
CA THR A 151 -14.00 -14.57 25.02
C THR A 151 -14.02 -16.01 24.50
N ASP A 152 -15.12 -16.41 23.86
CA ASP A 152 -15.23 -17.74 23.29
C ASP A 152 -14.19 -17.96 22.19
N GLY A 153 -13.95 -16.94 21.37
CA GLY A 153 -12.92 -17.06 20.36
C GLY A 153 -11.53 -17.21 20.95
N LEU A 154 -11.26 -16.49 22.05
CA LEU A 154 -9.98 -16.65 22.73
C LEU A 154 -9.83 -18.08 23.26
N LYS A 155 -10.89 -18.63 23.84
CA LYS A 155 -10.85 -20.02 24.29
C LYS A 155 -10.57 -20.97 23.14
N ARG A 156 -11.35 -20.86 22.05
CA ARG A 156 -11.20 -21.77 20.92
C ARG A 156 -9.84 -21.62 20.24
N ALA A 157 -9.24 -20.43 20.33
CA ALA A 157 -7.93 -20.23 19.72
C ALA A 157 -6.81 -20.78 20.60
N LEU A 158 -6.96 -20.65 21.92
CA LEU A 158 -5.99 -21.25 22.83
C LEU A 158 -6.12 -22.76 22.88
N ARG A 159 -7.27 -23.30 22.46
CA ARG A 159 -7.44 -24.76 22.43
C ARG A 159 -6.33 -25.43 21.64
N SER A 160 -5.98 -24.89 20.48
CA SER A 160 -5.04 -25.50 19.55
C SER A 160 -3.60 -25.58 20.09
N PHE A 161 -3.32 -25.26 21.35
CA PHE A 161 -1.97 -25.35 21.89
C PHE A 161 -1.70 -26.66 22.62
N GLY A 162 -2.72 -27.32 23.13
CA GLY A 162 -2.52 -28.56 23.86
C GLY A 162 -3.71 -28.86 24.75
N ASN A 163 -3.72 -30.09 25.26
CA ASN A 163 -4.80 -30.53 26.14
C ASN A 163 -4.89 -29.63 27.38
N ALA A 164 -3.75 -29.19 27.90
CA ALA A 164 -3.74 -28.40 29.14
C ALA A 164 -4.50 -27.09 28.98
N LEU A 165 -4.61 -26.56 27.76
CA LEU A 165 -5.26 -25.28 27.53
C LEU A 165 -6.68 -25.42 27.00
N GLY A 166 -7.29 -26.60 27.15
CA GLY A 166 -8.68 -26.80 26.81
C GLY A 166 -8.94 -27.72 25.63
N ASN A 167 -7.90 -28.36 25.08
CA ASN A 167 -8.11 -29.25 23.94
C ASN A 167 -8.75 -30.57 24.36
N CYS A 168 -8.68 -30.92 25.65
CA CYS A 168 -9.22 -32.19 26.12
C CYS A 168 -10.72 -32.13 26.41
N ILE A 169 -11.29 -30.93 26.51
CA ILE A 169 -12.72 -30.81 26.80
C ILE A 169 -13.58 -31.44 25.71
N LEU A 170 -13.00 -31.72 24.55
CA LEU A 170 -13.71 -32.35 23.44
C LEU A 170 -13.43 -33.85 23.36
N ASP A 171 -12.61 -34.39 24.25
CA ASP A 171 -12.32 -35.82 24.29
C ASP A 171 -13.42 -36.51 25.08
N LYS A 172 -14.26 -37.30 24.39
CA LYS A 172 -15.40 -37.94 25.03
C LYS A 172 -14.96 -38.91 26.12
N ASP A 173 -13.88 -39.65 25.88
CA ASP A 173 -13.35 -40.56 26.89
C ASP A 173 -12.89 -39.78 28.13
N TYR A 174 -12.26 -38.63 27.92
CA TYR A 174 -11.88 -37.77 29.03
C TYR A 174 -13.10 -37.34 29.84
N LEU A 175 -14.21 -37.01 29.16
CA LEU A 175 -15.43 -36.65 29.87
C LEU A 175 -15.98 -37.84 30.67
N ARG A 176 -15.99 -39.02 30.06
CA ARG A 176 -16.43 -40.21 30.78
C ARG A 176 -15.61 -40.44 32.04
N SER A 177 -14.28 -40.27 31.94
CA SER A 177 -13.43 -40.39 33.11
C SER A 177 -13.64 -39.24 34.10
N LEU A 178 -14.11 -38.08 33.62
CA LEU A 178 -14.41 -36.98 34.51
C LEU A 178 -15.65 -37.26 35.35
N ASN A 179 -16.65 -37.91 34.76
CA ASN A 179 -17.83 -38.28 35.53
C ASN A 179 -17.50 -39.26 36.65
N LYS A 180 -16.42 -40.03 36.49
CA LYS A 180 -16.03 -41.05 37.46
C LYS A 180 -15.15 -40.50 38.58
N LEU A 181 -15.24 -39.22 38.89
CA LEU A 181 -14.45 -38.63 39.96
C LEU A 181 -15.36 -38.02 41.02
N PRO A 182 -14.88 -37.90 42.26
CA PRO A 182 -15.69 -37.26 43.31
C PRO A 182 -15.98 -35.80 42.99
N ARG A 183 -17.26 -35.44 43.00
CA ARG A 183 -17.70 -34.08 42.72
C ARG A 183 -17.38 -33.23 43.95
N GLN A 184 -16.22 -32.57 43.91
CA GLN A 184 -15.75 -31.80 45.06
C GLN A 184 -16.48 -30.47 45.16
N LEU A 185 -16.51 -29.94 46.38
CA LEU A 185 -17.15 -28.65 46.65
C LEU A 185 -16.24 -27.52 46.18
N PRO A 186 -16.82 -26.37 45.83
CA PRO A 186 -16.00 -25.24 45.39
C PRO A 186 -14.87 -24.91 46.35
N LEU A 187 -13.69 -24.64 45.80
CA LEU A 187 -12.53 -24.32 46.61
C LEU A 187 -12.71 -22.97 47.32
N GLU A 188 -12.08 -22.84 48.48
CA GLU A 188 -12.13 -21.60 49.25
C GLU A 188 -10.94 -20.73 48.89
N VAL A 189 -11.21 -19.44 48.66
CA VAL A 189 -10.19 -18.48 48.25
C VAL A 189 -9.74 -17.69 49.47
N ASP A 190 -8.43 -17.66 49.69
CA ASP A 190 -7.85 -16.97 50.83
C ASP A 190 -7.51 -15.54 50.42
N LEU A 191 -8.20 -14.56 51.02
CA LEU A 191 -7.98 -13.16 50.71
C LEU A 191 -7.16 -12.45 51.78
N THR A 192 -6.28 -13.18 52.46
CA THR A 192 -5.39 -12.57 53.44
C THR A 192 -4.24 -11.84 52.76
N LYS A 193 -3.47 -12.56 51.95
CA LYS A 193 -2.33 -12.02 51.23
C LYS A 193 -2.72 -11.31 49.93
N ALA A 194 -4.00 -10.92 49.79
CA ALA A 194 -4.44 -10.24 48.59
C ALA A 194 -3.79 -8.87 48.47
N LYS A 195 -3.70 -8.38 47.23
CA LYS A 195 -3.13 -7.06 46.98
C LYS A 195 -4.01 -5.99 47.60
N ARG A 196 -3.38 -5.08 48.35
CA ARG A 196 -4.11 -4.07 49.11
C ARG A 196 -3.66 -2.64 48.86
N GLN A 197 -2.59 -2.41 48.12
CA GLN A 197 -2.15 -1.05 47.79
C GLN A 197 -1.60 -1.04 46.36
N ASP A 198 -1.39 0.17 45.85
CA ASP A 198 -0.98 0.32 44.45
C ASP A 198 0.48 -0.02 44.25
N LEU A 199 1.38 0.65 44.98
CA LEU A 199 2.81 0.55 44.72
C LEU A 199 3.32 -0.88 44.92
N GLU A 200 4.21 -1.30 44.04
CA GLU A 200 4.88 -2.60 44.11
C GLU A 200 6.38 -2.38 44.08
N PRO A 201 6.99 -2.08 45.23
CA PRO A 201 8.45 -1.84 45.26
C PRO A 201 9.26 -3.01 44.74
N SER A 202 8.79 -4.24 44.92
CA SER A 202 9.48 -5.40 44.35
C SER A 202 9.69 -5.23 42.86
N VAL A 203 8.68 -4.70 42.16
CA VAL A 203 8.79 -4.47 40.72
C VAL A 203 9.56 -3.18 40.44
N GLU A 204 9.25 -2.12 41.18
CA GLU A 204 9.91 -0.82 41.00
C GLU A 204 11.43 -0.94 41.09
N GLU A 205 11.94 -1.75 42.02
CA GLU A 205 13.38 -1.92 42.18
C GLU A 205 14.00 -2.48 40.90
N ALA A 206 13.49 -3.63 40.45
CA ALA A 206 14.04 -4.27 39.26
C ALA A 206 13.90 -3.38 38.04
N ARG A 207 12.80 -2.63 37.94
CA ARG A 207 12.60 -1.80 36.75
C ARG A 207 13.52 -0.59 36.76
N TYR A 208 13.73 0.03 37.92
CA TYR A 208 14.69 1.13 38.01
C TYR A 208 16.11 0.64 37.75
N ASN A 209 16.42 -0.61 38.13
CA ASN A 209 17.72 -1.17 37.80
C ASN A 209 17.78 -1.72 36.37
N SER A 210 16.65 -1.77 35.67
CA SER A 210 16.60 -2.31 34.31
C SER A 210 17.14 -1.35 33.27
N CYS A 211 17.49 -0.12 33.63
CA CYS A 211 18.01 0.84 32.67
C CYS A 211 19.53 0.73 32.55
N CYS B 28 13.49 1.48 22.25
CA CYS B 28 12.27 2.26 22.43
C CYS B 28 11.09 1.34 22.79
N PHE B 29 9.89 1.90 22.77
CA PHE B 29 8.70 1.11 23.06
C PHE B 29 8.45 0.11 21.95
N GLY B 30 8.01 -1.10 22.33
CA GLY B 30 7.87 -2.19 21.40
C GLY B 30 9.14 -2.93 21.09
N GLN B 31 10.30 -2.38 21.44
CA GLN B 31 11.60 -2.99 21.18
C GLN B 31 12.31 -3.45 22.45
N CYS B 32 12.26 -2.65 23.51
CA CYS B 32 12.97 -2.99 24.75
C CYS B 32 12.47 -4.31 25.33
N GLN B 33 13.40 -5.18 25.69
CA GLN B 33 13.10 -6.49 26.25
C GLN B 33 13.17 -6.46 27.77
N TYR B 34 12.32 -7.27 28.40
CA TYR B 34 12.26 -7.33 29.84
C TYR B 34 13.45 -8.09 30.42
N THR B 35 14.02 -7.55 31.49
CA THR B 35 15.07 -8.25 32.22
C THR B 35 14.44 -9.34 33.11
N ALA B 36 15.31 -10.25 33.58
CA ALA B 36 14.84 -11.37 34.38
C ALA B 36 14.17 -10.90 35.68
N GLU B 37 14.81 -9.96 36.38
CA GLU B 37 14.27 -9.49 37.65
C GLU B 37 12.92 -8.80 37.46
N GLU B 38 12.85 -7.89 36.50
CA GLU B 38 11.59 -7.20 36.19
C GLU B 38 10.50 -8.19 35.81
N TYR B 39 10.84 -9.16 34.95
CA TYR B 39 9.89 -10.19 34.54
C TYR B 39 9.33 -10.94 35.75
N GLN B 40 10.21 -11.48 36.59
CA GLN B 40 9.76 -12.28 37.73
C GLN B 40 8.92 -11.44 38.69
N ALA B 41 9.35 -10.21 38.96
CA ALA B 41 8.59 -9.32 39.83
C ALA B 41 7.19 -9.08 39.29
N ILE B 42 7.09 -8.72 38.00
CA ILE B 42 5.79 -8.44 37.41
C ILE B 42 4.91 -9.67 37.43
N GLN B 43 5.46 -10.84 37.10
CA GLN B 43 4.68 -12.08 37.10
C GLN B 43 4.10 -12.36 38.48
N LYS B 44 4.97 -12.39 39.50
CA LYS B 44 4.50 -12.70 40.84
C LYS B 44 3.50 -11.65 41.35
N ALA B 45 3.73 -10.38 41.03
CA ALA B 45 2.77 -9.35 41.41
C ALA B 45 1.45 -9.50 40.68
N LEU B 46 1.47 -10.04 39.46
CA LEU B 46 0.24 -10.22 38.69
C LEU B 46 -0.54 -11.44 39.13
N ARG B 47 0.09 -12.42 39.79
CA ARG B 47 -0.70 -13.50 40.36
C ARG B 47 -1.53 -13.08 41.57
N GLN B 48 -1.29 -11.89 42.12
CA GLN B 48 -2.05 -11.42 43.28
C GLN B 48 -3.53 -11.22 42.95
N ARG B 49 -4.35 -11.29 43.99
CA ARG B 49 -5.76 -10.91 43.93
C ARG B 49 -5.98 -9.59 44.64
N LEU B 50 -7.10 -8.94 44.33
CA LEU B 50 -7.37 -7.61 44.86
C LEU B 50 -8.19 -7.69 46.14
N GLY B 51 -8.06 -6.65 46.98
CA GLY B 51 -8.80 -6.55 48.21
C GLY B 51 -10.04 -5.71 48.07
N PRO B 52 -10.85 -5.64 49.14
CA PRO B 52 -12.06 -4.81 49.10
C PRO B 52 -11.80 -3.33 48.82
N GLU B 53 -10.56 -2.85 48.98
CA GLU B 53 -10.25 -1.45 48.73
C GLU B 53 -10.40 -1.05 47.27
N TYR B 54 -10.56 -2.01 46.36
CA TYR B 54 -10.71 -1.74 44.95
C TYR B 54 -12.10 -2.04 44.40
N ILE B 55 -12.69 -3.16 44.83
CA ILE B 55 -13.99 -3.56 44.32
C ILE B 55 -15.06 -2.56 44.74
N SER B 56 -16.07 -2.40 43.87
CA SER B 56 -17.24 -1.59 44.18
C SER B 56 -18.49 -2.39 43.86
N SER B 57 -19.67 -1.77 43.95
CA SER B 57 -20.90 -2.50 43.78
C SER B 57 -21.95 -1.66 43.09
N ARG B 58 -22.73 -2.31 42.22
CA ARG B 58 -23.87 -1.68 41.55
C ARG B 58 -25.10 -2.56 41.77
N MET B 59 -26.25 -2.04 41.34
CA MET B 59 -27.51 -2.76 41.39
C MET B 59 -27.96 -2.98 39.95
N ALA B 60 -27.80 -4.21 39.46
CA ALA B 60 -28.21 -4.55 38.11
C ALA B 60 -29.71 -4.40 37.96
N GLY B 61 -30.13 -4.04 36.74
CA GLY B 61 -31.55 -3.92 36.45
C GLY B 61 -32.22 -5.28 36.43
N GLY B 62 -33.11 -5.52 37.39
CA GLY B 62 -33.72 -6.82 37.55
C GLY B 62 -32.85 -7.84 38.26
N GLY B 63 -31.53 -7.66 38.25
CA GLY B 63 -30.62 -8.59 38.91
C GLY B 63 -30.32 -8.25 40.35
N GLN B 64 -29.08 -8.46 40.76
CA GLN B 64 -28.68 -8.22 42.15
C GLN B 64 -27.37 -7.44 42.23
N LYS B 65 -26.80 -7.38 43.41
CA LYS B 65 -25.53 -6.69 43.64
C LYS B 65 -24.42 -7.29 42.77
N VAL B 66 -23.86 -6.48 41.89
CA VAL B 66 -22.75 -6.87 41.04
C VAL B 66 -21.50 -6.12 41.50
N CYS B 67 -20.34 -6.71 41.25
CA CYS B 67 -19.06 -6.15 41.68
C CYS B 67 -18.24 -5.74 40.47
N TYR B 68 -17.52 -4.62 40.60
CA TYR B 68 -16.71 -4.09 39.51
C TYR B 68 -15.50 -3.36 40.07
N ILE B 69 -14.66 -2.87 39.16
CA ILE B 69 -13.49 -2.07 39.50
C ILE B 69 -13.55 -0.78 38.68
N GLU B 70 -13.47 0.36 39.36
CA GLU B 70 -13.53 1.64 38.67
C GLU B 70 -12.34 1.81 37.74
N GLY B 71 -12.53 2.62 36.69
CA GLY B 71 -11.53 2.86 35.67
C GLY B 71 -10.19 3.38 36.16
N HIS B 72 -10.20 4.53 36.84
CA HIS B 72 -8.98 5.13 37.36
C HIS B 72 -8.19 4.15 38.22
N ARG B 73 -8.88 3.25 38.94
CA ARG B 73 -8.19 2.22 39.70
C ARG B 73 -7.32 1.36 38.79
N VAL B 74 -7.91 0.83 37.72
CA VAL B 74 -7.18 -0.01 36.78
C VAL B 74 -6.06 0.78 36.10
N ILE B 75 -6.31 2.06 35.79
CA ILE B 75 -5.29 2.89 35.16
C ILE B 75 -4.08 3.01 36.06
N ASN B 76 -4.30 3.34 37.34
CA ASN B 76 -3.20 3.42 38.30
C ASN B 76 -2.52 2.08 38.48
N LEU B 77 -3.30 0.99 38.55
CA LEU B 77 -2.71 -0.33 38.68
C LEU B 77 -1.76 -0.64 37.53
N ALA B 78 -2.16 -0.31 36.30
CA ALA B 78 -1.30 -0.55 35.15
C ALA B 78 -0.06 0.34 35.19
N ASN B 79 -0.26 1.63 35.45
CA ASN B 79 0.87 2.55 35.53
C ASN B 79 1.86 2.17 36.62
N GLU B 80 1.43 1.44 37.65
CA GLU B 80 2.35 0.96 38.66
C GLU B 80 3.01 -0.36 38.26
N MET B 81 2.21 -1.32 37.78
CA MET B 81 2.74 -2.64 37.43
C MET B 81 3.79 -2.52 36.33
N PHE B 82 3.50 -1.74 35.28
CA PHE B 82 4.40 -1.65 34.14
C PHE B 82 5.17 -0.35 34.07
N GLY B 83 4.65 0.74 34.60
CA GLY B 83 5.25 2.04 34.50
C GLY B 83 4.39 2.97 33.66
N TYR B 84 4.68 4.28 33.78
CA TYR B 84 3.96 5.25 32.95
C TYR B 84 4.30 5.09 31.48
N ASN B 85 5.47 4.53 31.18
CA ASN B 85 5.91 4.30 29.80
C ASN B 85 6.19 2.83 29.54
N GLY B 86 5.67 1.94 30.39
CA GLY B 86 5.87 0.51 30.19
C GLY B 86 4.70 -0.14 29.50
N TRP B 87 3.53 0.51 29.56
CA TRP B 87 2.34 0.02 28.89
C TRP B 87 1.79 1.11 27.99
N ALA B 88 0.97 0.69 27.02
CA ALA B 88 0.35 1.62 26.08
C ALA B 88 -0.94 1.00 25.57
N HIS B 89 -1.93 1.85 25.32
CA HIS B 89 -3.21 1.40 24.77
C HIS B 89 -3.58 2.26 23.57
N SER B 90 -4.44 1.70 22.73
CA SER B 90 -4.87 2.36 21.51
C SER B 90 -6.26 1.87 21.14
N ILE B 91 -7.01 2.73 20.44
CA ILE B 91 -8.36 2.41 19.99
C ILE B 91 -8.25 1.84 18.58
N THR B 92 -8.39 0.52 18.45
CA THR B 92 -8.32 -0.10 17.13
C THR B 92 -9.51 0.31 16.27
N GLN B 93 -10.70 0.33 16.86
CA GLN B 93 -11.90 0.75 16.14
C GLN B 93 -13.02 1.01 17.14
N GLN B 94 -13.77 2.08 16.90
CA GLN B 94 -14.99 2.39 17.63
C GLN B 94 -16.11 2.60 16.64
N ASN B 95 -17.22 1.88 16.83
CA ASN B 95 -18.34 1.93 15.90
C ASN B 95 -19.64 2.06 16.70
N VAL B 96 -20.44 3.06 16.32
CA VAL B 96 -21.75 3.25 16.95
C VAL B 96 -22.71 2.21 16.39
N ASP B 97 -23.23 1.35 17.27
CA ASP B 97 -24.11 0.27 16.81
C ASP B 97 -25.47 0.80 16.40
N PHE B 98 -26.08 1.63 17.23
CA PHE B 98 -27.43 2.13 16.94
C PHE B 98 -27.68 3.41 17.72
N VAL B 99 -28.64 4.18 17.22
CA VAL B 99 -29.15 5.36 17.89
C VAL B 99 -30.65 5.40 17.63
N ASP B 100 -31.45 5.16 18.66
CA ASP B 100 -32.90 5.11 18.53
C ASP B 100 -33.55 6.19 19.39
N LEU B 101 -34.81 6.50 19.05
CA LEU B 101 -35.57 7.54 19.72
C LEU B 101 -36.97 7.02 19.99
N ASN B 102 -37.33 6.89 21.26
CA ASN B 102 -38.66 6.44 21.66
C ASN B 102 -39.27 7.52 22.54
N ASN B 103 -40.24 8.25 21.97
CA ASN B 103 -41.01 9.31 22.64
C ASN B 103 -40.12 10.17 23.56
N GLY B 104 -39.09 10.76 22.94
CA GLY B 104 -38.25 11.72 23.61
C GLY B 104 -37.01 11.16 24.29
N ALA B 105 -36.87 9.84 24.37
CA ALA B 105 -35.74 9.22 25.04
C ALA B 105 -34.78 8.66 23.99
N PHE B 106 -33.49 8.94 24.15
CA PHE B 106 -32.46 8.50 23.23
C PHE B 106 -31.77 7.26 23.79
N TYR B 107 -31.80 6.17 23.04
CA TYR B 107 -31.16 4.91 23.42
C TYR B 107 -30.00 4.69 22.48
N VAL B 108 -28.78 4.72 23.02
CA VAL B 108 -27.56 4.67 22.22
C VAL B 108 -26.72 3.49 22.65
N GLY B 109 -26.30 2.68 21.68
CA GLY B 109 -25.34 1.62 21.93
C GLY B 109 -24.07 1.86 21.13
N VAL B 110 -22.92 1.75 21.78
CA VAL B 110 -21.63 2.03 21.16
C VAL B 110 -20.62 1.01 21.66
N CYS B 111 -19.76 0.54 20.76
CA CYS B 111 -18.72 -0.42 21.11
C CYS B 111 -17.38 0.10 20.64
N ALA B 112 -16.32 -0.34 21.32
CA ALA B 112 -14.96 0.07 21.00
C ALA B 112 -14.04 -1.13 21.13
N PHE B 113 -12.90 -1.06 20.45
CA PHE B 113 -11.89 -2.12 20.46
C PHE B 113 -10.57 -1.51 20.92
N VAL B 114 -10.18 -1.82 22.16
CA VAL B 114 -8.97 -1.28 22.76
C VAL B 114 -7.88 -2.34 22.73
N ARG B 115 -6.67 -1.92 22.35
CA ARG B 115 -5.50 -2.80 22.30
C ARG B 115 -4.44 -2.26 23.23
N VAL B 116 -4.10 -3.02 24.27
CA VAL B 116 -3.06 -2.65 25.21
C VAL B 116 -1.77 -3.36 24.80
N GLN B 117 -0.65 -2.64 24.89
CA GLN B 117 0.63 -3.18 24.45
C GLN B 117 1.72 -2.78 25.44
N LEU B 118 2.57 -3.74 25.78
CA LEU B 118 3.70 -3.50 26.66
C LEU B 118 4.94 -3.17 25.83
N LYS B 119 5.91 -2.52 26.49
CA LYS B 119 7.12 -2.08 25.80
C LYS B 119 7.90 -3.22 25.18
N ASP B 120 7.64 -4.47 25.58
CA ASP B 120 8.32 -5.61 24.96
C ASP B 120 7.67 -6.06 23.66
N GLY B 121 6.47 -5.58 23.35
CA GLY B 121 5.75 -5.97 22.16
C GLY B 121 4.51 -6.80 22.41
N SER B 122 4.41 -7.42 23.59
CA SER B 122 3.22 -8.17 23.93
C SER B 122 1.99 -7.26 23.91
N TYR B 123 0.84 -7.84 23.55
CA TYR B 123 -0.36 -7.06 23.34
C TYR B 123 -1.60 -7.89 23.62
N HIS B 124 -2.64 -7.22 24.11
CA HIS B 124 -3.94 -7.84 24.31
C HIS B 124 -5.02 -6.85 23.89
N GLU B 125 -6.02 -7.37 23.19
CA GLU B 125 -7.09 -6.55 22.62
C GLU B 125 -8.44 -7.14 22.96
N ASP B 126 -9.39 -6.27 23.33
CA ASP B 126 -10.72 -6.72 23.74
C ASP B 126 -11.71 -5.59 23.49
N VAL B 127 -13.00 -5.96 23.50
CA VAL B 127 -14.07 -5.03 23.20
C VAL B 127 -14.56 -4.36 24.47
N GLY B 128 -15.24 -3.24 24.32
CA GLY B 128 -15.95 -2.60 25.41
C GLY B 128 -17.18 -1.92 24.88
N TYR B 129 -18.20 -1.81 25.73
CA TYR B 129 -19.48 -1.27 25.32
C TYR B 129 -19.89 -0.10 26.19
N GLY B 130 -20.66 0.80 25.60
CA GLY B 130 -21.23 1.92 26.33
C GLY B 130 -22.70 2.04 26.04
N VAL B 131 -23.47 2.43 27.06
CA VAL B 131 -24.92 2.37 27.01
C VAL B 131 -25.47 3.65 27.64
N SER B 132 -26.36 4.34 26.92
CA SER B 132 -27.07 5.51 27.43
C SER B 132 -28.52 5.40 26.95
N GLU B 133 -29.41 5.01 27.85
CA GLU B 133 -30.81 4.80 27.52
C GLU B 133 -31.74 5.89 28.02
N GLY B 134 -31.44 6.52 29.14
CA GLY B 134 -32.37 7.43 29.78
C GLY B 134 -32.42 8.84 29.23
N LEU B 135 -31.26 9.42 28.94
CA LEU B 135 -31.17 10.84 28.64
C LEU B 135 -31.98 11.20 27.39
N ALA B 136 -32.32 12.48 27.30
CA ALA B 136 -33.07 13.02 26.17
C ALA B 136 -32.22 13.88 25.26
N SER B 137 -30.94 14.10 25.58
CA SER B 137 -30.03 14.86 24.74
C SER B 137 -29.13 13.89 23.99
N LYS B 138 -29.15 14.00 22.66
CA LYS B 138 -28.34 13.11 21.83
C LYS B 138 -26.85 13.26 22.13
N ALA B 139 -26.37 14.50 22.23
CA ALA B 139 -24.94 14.73 22.47
C ALA B 139 -24.50 14.10 23.78
N LEU B 140 -25.29 14.28 24.85
CA LEU B 140 -24.93 13.69 26.14
C LEU B 140 -24.90 12.18 26.07
N SER B 141 -25.92 11.59 25.45
CA SER B 141 -25.98 10.13 25.33
C SER B 141 -24.78 9.60 24.55
N LEU B 142 -24.41 10.26 23.45
CA LEU B 142 -23.29 9.81 22.65
C LEU B 142 -21.97 9.96 23.41
N GLU B 143 -21.76 11.11 24.05
CA GLU B 143 -20.58 11.29 24.88
C GLU B 143 -20.43 10.16 25.89
N LYS B 144 -21.52 9.89 26.63
CA LYS B 144 -21.49 8.82 27.63
C LYS B 144 -21.19 7.47 26.99
N ALA B 145 -21.90 7.14 25.91
CA ALA B 145 -21.75 5.81 25.32
C ALA B 145 -20.34 5.59 24.81
N ARG B 146 -19.79 6.58 24.10
CA ARG B 146 -18.47 6.40 23.49
C ARG B 146 -17.37 6.34 24.55
N LYS B 147 -17.38 7.28 25.50
CA LYS B 147 -16.34 7.25 26.53
C LYS B 147 -16.44 5.98 27.39
N GLU B 148 -17.68 5.60 27.77
CA GLU B 148 -17.87 4.37 28.52
C GLU B 148 -17.39 3.15 27.75
N ALA B 149 -17.65 3.12 26.43
CA ALA B 149 -17.22 2.00 25.62
C ALA B 149 -15.70 1.88 25.60
N VAL B 150 -15.01 3.01 25.39
CA VAL B 150 -13.55 2.96 25.34
C VAL B 150 -12.97 2.55 26.68
N THR B 151 -13.49 3.12 27.78
CA THR B 151 -12.97 2.76 29.10
C THR B 151 -13.22 1.29 29.42
N ASP B 152 -14.43 0.80 29.14
CA ASP B 152 -14.75 -0.60 29.37
C ASP B 152 -13.86 -1.51 28.54
N GLY B 153 -13.59 -1.13 27.28
CA GLY B 153 -12.68 -1.92 26.46
C GLY B 153 -11.27 -1.92 27.01
N LEU B 154 -10.81 -0.79 27.55
CA LEU B 154 -9.50 -0.75 28.17
C LEU B 154 -9.43 -1.69 29.37
N LYS B 155 -10.49 -1.71 30.19
CA LYS B 155 -10.54 -2.64 31.31
C LYS B 155 -10.51 -4.08 30.83
N ARG B 156 -11.36 -4.43 29.87
CA ARG B 156 -11.43 -5.80 29.38
C ARG B 156 -10.14 -6.23 28.69
N ALA B 157 -9.38 -5.29 28.13
CA ALA B 157 -8.13 -5.63 27.48
C ALA B 157 -7.00 -5.79 28.49
N LEU B 158 -7.01 -4.97 29.56
CA LEU B 158 -6.04 -5.15 30.62
C LEU B 158 -6.33 -6.37 31.47
N ARG B 159 -7.57 -6.87 31.46
CA ARG B 159 -7.90 -8.08 32.20
C ARG B 159 -6.99 -9.24 31.85
N SER B 160 -6.72 -9.45 30.56
CA SER B 160 -5.99 -10.62 30.07
C SER B 160 -4.52 -10.65 30.52
N PHE B 161 -4.07 -9.79 31.43
CA PHE B 161 -2.69 -9.81 31.91
C PHE B 161 -2.51 -10.58 33.21
N GLY B 162 -3.55 -10.72 34.02
CA GLY B 162 -3.42 -11.42 35.27
C GLY B 162 -4.53 -11.05 36.23
N ASN B 163 -4.63 -11.84 37.30
CA ASN B 163 -5.65 -11.59 38.33
C ASN B 163 -5.52 -10.20 38.93
N ALA B 164 -4.29 -9.73 39.10
CA ALA B 164 -4.07 -8.43 39.74
C ALA B 164 -4.70 -7.28 38.95
N LEU B 165 -4.86 -7.46 37.64
CA LEU B 165 -5.40 -6.41 36.79
C LEU B 165 -6.87 -6.62 36.44
N GLY B 166 -7.57 -7.46 37.19
CA GLY B 166 -9.00 -7.63 37.03
C GLY B 166 -9.47 -8.97 36.51
N ASN B 167 -8.57 -9.94 36.35
CA ASN B 167 -9.00 -11.26 35.86
C ASN B 167 -9.75 -12.05 36.93
N CYS B 168 -9.59 -11.70 38.20
CA CYS B 168 -10.24 -12.44 39.28
C CYS B 168 -11.66 -11.99 39.54
N ILE B 169 -12.08 -10.84 39.01
CA ILE B 169 -13.44 -10.34 39.24
C ILE B 169 -14.48 -11.28 38.68
N LEU B 170 -14.09 -12.20 37.80
CA LEU B 170 -15.01 -13.18 37.23
C LEU B 170 -14.95 -14.53 37.91
N ASP B 171 -14.08 -14.69 38.92
CA ASP B 171 -14.00 -15.92 39.69
C ASP B 171 -15.06 -15.85 40.80
N LYS B 172 -16.08 -16.71 40.68
CA LYS B 172 -17.20 -16.66 41.63
C LYS B 172 -16.73 -16.93 43.06
N ASP B 173 -15.80 -17.86 43.22
CA ASP B 173 -15.25 -18.16 44.55
C ASP B 173 -14.57 -16.93 45.15
N TYR B 174 -13.84 -16.18 44.33
CA TYR B 174 -13.21 -14.95 44.79
C TYR B 174 -14.25 -13.95 45.30
N LEU B 175 -15.38 -13.83 44.59
CA LEU B 175 -16.44 -12.94 45.06
C LEU B 175 -17.06 -13.43 46.36
N ARG B 176 -17.30 -14.75 46.46
CA ARG B 176 -17.83 -15.31 47.69
C ARG B 176 -16.91 -15.03 48.87
N SER B 177 -15.60 -15.16 48.67
CA SER B 177 -14.65 -14.83 49.72
C SER B 177 -14.56 -13.33 49.97
N LEU B 178 -14.90 -12.51 48.97
CA LEU B 178 -14.93 -11.07 49.18
C LEU B 178 -16.09 -10.66 50.07
N ASN B 179 -17.25 -11.32 49.91
CA ASN B 179 -18.37 -11.02 50.79
C ASN B 179 -18.07 -11.38 52.25
N LYS B 180 -17.17 -12.34 52.48
CA LYS B 180 -16.85 -12.80 53.82
C LYS B 180 -15.74 -11.98 54.49
N LEU B 181 -15.54 -10.74 54.07
CA LEU B 181 -14.54 -9.86 54.65
C LEU B 181 -15.22 -8.60 55.18
N PRO B 182 -14.61 -7.92 56.15
CA PRO B 182 -15.20 -6.67 56.64
C PRO B 182 -15.24 -5.61 55.56
N ARG B 183 -16.45 -5.11 55.29
CA ARG B 183 -16.66 -4.08 54.27
C ARG B 183 -16.22 -2.74 54.85
N GLN B 184 -14.99 -2.35 54.55
CA GLN B 184 -14.43 -1.15 55.15
C GLN B 184 -15.00 0.11 54.49
N LEU B 185 -14.94 1.22 55.24
CA LEU B 185 -15.41 2.51 54.77
C LEU B 185 -14.41 3.11 53.79
N PRO B 186 -14.87 3.96 52.88
CA PRO B 186 -13.95 4.59 51.92
C PRO B 186 -12.73 5.21 52.58
N LEU B 187 -11.57 5.01 51.96
CA LEU B 187 -10.32 5.53 52.48
C LEU B 187 -10.28 7.05 52.42
N GLU B 188 -9.53 7.64 53.33
CA GLU B 188 -9.35 9.09 53.38
C GLU B 188 -8.09 9.45 52.59
N VAL B 189 -8.21 10.46 51.73
CA VAL B 189 -7.13 10.87 50.85
C VAL B 189 -6.39 12.05 51.48
N ASP B 190 -5.07 11.94 51.57
CA ASP B 190 -4.25 12.97 52.17
C ASP B 190 -3.79 13.94 51.08
N LEU B 191 -4.27 15.18 51.15
CA LEU B 191 -3.94 16.21 50.17
C LEU B 191 -2.92 17.22 50.71
N THR B 192 -2.05 16.78 51.62
CA THR B 192 -1.01 17.67 52.13
C THR B 192 0.14 17.78 51.12
N LYS B 193 0.75 16.65 50.77
CA LYS B 193 1.86 16.63 49.81
C LYS B 193 1.38 16.59 48.37
N ALA B 194 0.14 16.99 48.11
CA ALA B 194 -0.40 17.00 46.76
C ALA B 194 0.34 18.02 45.90
N LYS B 195 0.32 17.77 44.58
CA LYS B 195 0.96 18.68 43.65
C LYS B 195 0.27 20.05 43.67
N ARG B 196 1.05 21.11 43.79
CA ARG B 196 0.52 22.45 43.94
C ARG B 196 1.08 23.47 42.97
N GLN B 197 2.10 23.11 42.17
CA GLN B 197 2.66 24.02 41.18
C GLN B 197 3.05 23.22 39.94
N ASP B 198 3.35 23.95 38.87
CA ASP B 198 3.65 23.32 37.59
C ASP B 198 5.04 22.70 37.57
N LEU B 199 6.06 23.50 37.84
CA LEU B 199 7.44 23.07 37.67
C LEU B 199 7.78 21.88 38.57
N GLU B 200 8.52 20.93 38.02
CA GLU B 200 9.03 19.77 38.75
C GLU B 200 10.54 19.73 38.56
N PRO B 201 11.29 20.47 39.38
CA PRO B 201 12.75 20.50 39.21
C PRO B 201 13.41 19.13 39.32
N SER B 202 12.85 18.23 40.13
CA SER B 202 13.37 16.87 40.20
C SER B 202 13.41 16.21 38.83
N VAL B 203 12.37 16.42 38.02
CA VAL B 203 12.32 15.84 36.68
C VAL B 203 13.17 16.66 35.72
N GLU B 204 13.04 17.99 35.78
CA GLU B 204 13.81 18.88 34.90
C GLU B 204 15.30 18.60 34.97
N GLU B 205 15.81 18.33 36.18
CA GLU B 205 17.23 18.04 36.35
C GLU B 205 17.65 16.82 35.54
N ALA B 206 16.97 15.69 35.78
CA ALA B 206 17.32 14.46 35.09
C ALA B 206 17.14 14.60 33.58
N ARG B 207 16.12 15.36 33.14
CA ARG B 207 15.89 15.48 31.71
C ARG B 207 16.95 16.35 31.04
N TYR B 208 17.36 17.43 31.72
CA TYR B 208 18.46 18.24 31.20
C TYR B 208 19.77 17.46 31.18
N ASN B 209 19.95 16.55 32.13
CA ASN B 209 21.12 15.69 32.12
C ASN B 209 20.98 14.50 31.18
N SER B 210 19.79 14.29 30.61
CA SER B 210 19.55 13.16 29.72
C SER B 210 20.12 13.36 28.32
N CYS B 211 20.68 14.53 28.02
CA CYS B 211 21.24 14.79 26.70
C CYS B 211 22.71 14.40 26.65
N CYS C 28 15.92 10.69 17.97
CA CYS C 28 14.84 11.63 17.73
C CYS C 28 13.59 11.20 18.50
N PHE C 29 12.46 11.86 18.20
CA PHE C 29 11.21 11.50 18.84
C PHE C 29 10.75 10.13 18.38
N GLY C 30 10.19 9.35 19.30
CA GLY C 30 9.85 7.96 19.04
C GLY C 30 11.01 7.00 19.14
N GLN C 31 12.24 7.49 19.14
CA GLN C 31 13.44 6.67 19.26
C GLN C 31 14.17 6.85 20.57
N CYS C 32 14.30 8.09 21.05
CA CYS C 32 15.03 8.36 22.28
C CYS C 32 14.39 7.63 23.45
N GLN C 33 15.21 6.93 24.23
CA GLN C 33 14.74 6.16 25.37
C GLN C 33 14.95 6.93 26.66
N TYR C 34 14.04 6.70 27.62
CA TYR C 34 14.12 7.39 28.90
C TYR C 34 15.25 6.82 29.75
N THR C 35 16.00 7.72 30.37
CA THR C 35 17.03 7.31 31.32
C THR C 35 16.38 6.93 32.66
N ALA C 36 17.18 6.24 33.49
CA ALA C 36 16.67 5.77 34.78
C ALA C 36 16.22 6.94 35.65
N GLU C 37 17.04 7.98 35.74
CA GLU C 37 16.71 9.12 36.59
C GLU C 37 15.43 9.80 36.10
N GLU C 38 15.37 10.10 34.80
CA GLU C 38 14.18 10.71 34.22
C GLU C 38 12.96 9.84 34.43
N TYR C 39 13.08 8.54 34.19
CA TYR C 39 11.96 7.61 34.41
C TYR C 39 11.45 7.68 35.83
N GLN C 40 12.33 7.50 36.81
CA GLN C 40 11.90 7.48 38.21
C GLN C 40 11.30 8.81 38.62
N ALA C 41 11.93 9.91 38.21
CA ALA C 41 11.41 11.23 38.53
C ALA C 41 9.99 11.41 37.98
N ILE C 42 9.80 11.08 36.70
CA ILE C 42 8.48 11.24 36.08
C ILE C 42 7.46 10.35 36.77
N GLN C 43 7.83 9.11 37.09
CA GLN C 43 6.91 8.20 37.76
C GLN C 43 6.46 8.76 39.10
N LYS C 44 7.42 9.15 39.94
CA LYS C 44 7.07 9.67 41.27
C LYS C 44 6.26 10.96 41.17
N ALA C 45 6.60 11.83 40.21
CA ALA C 45 5.82 13.04 40.02
C ALA C 45 4.41 12.74 39.51
N LEU C 46 4.24 11.65 38.77
CA LEU C 46 2.92 11.28 38.26
C LEU C 46 2.07 10.58 39.30
N ARG C 47 2.69 10.00 40.33
CA ARG C 47 1.89 9.49 41.45
C ARG C 47 1.30 10.60 42.30
N GLN C 48 1.75 11.84 42.13
CA GLN C 48 1.21 12.96 42.89
C GLN C 48 -0.26 13.20 42.52
N ARG C 49 -0.99 13.80 43.45
CA ARG C 49 -2.34 14.30 43.21
C ARG C 49 -2.31 15.82 43.16
N LEU C 50 -3.35 16.38 42.56
CA LEU C 50 -3.40 17.82 42.33
C LEU C 50 -4.09 18.54 43.48
N GLY C 51 -3.74 19.82 43.65
CA GLY C 51 -4.33 20.66 44.66
C GLY C 51 -5.49 21.47 44.13
N PRO C 52 -6.17 22.21 45.02
CA PRO C 52 -7.29 23.06 44.57
C PRO C 52 -6.91 24.12 43.55
N GLU C 53 -5.62 24.45 43.41
CA GLU C 53 -5.22 25.46 42.44
C GLU C 53 -5.44 25.02 41.00
N TYR C 54 -5.76 23.76 40.76
CA TYR C 54 -6.02 23.24 39.42
C TYR C 54 -7.46 22.85 39.20
N ILE C 55 -8.10 22.22 40.19
CA ILE C 55 -9.48 21.79 40.03
C ILE C 55 -10.40 23.00 39.92
N SER C 56 -11.47 22.84 39.16
CA SER C 56 -12.52 23.86 39.05
C SER C 56 -13.88 23.19 39.23
N SER C 57 -14.96 23.93 39.03
CA SER C 57 -16.28 23.41 39.30
C SER C 57 -17.28 23.91 38.27
N ARG C 58 -18.21 23.03 37.88
CA ARG C 58 -19.30 23.37 36.97
C ARG C 58 -20.62 22.94 37.58
N MET C 59 -21.70 23.34 36.92
CA MET C 59 -23.05 22.95 37.31
C MET C 59 -23.60 22.09 36.18
N ALA C 60 -23.64 20.78 36.41
CA ALA C 60 -24.17 19.85 35.41
C ALA C 60 -25.65 20.13 35.17
N GLY C 61 -26.10 19.85 33.94
CA GLY C 61 -27.49 20.03 33.63
C GLY C 61 -28.34 18.99 34.35
N GLY C 62 -29.18 19.46 35.28
CA GLY C 62 -29.94 18.59 36.14
C GLY C 62 -29.16 17.99 37.30
N GLY C 63 -27.83 17.92 37.22
CA GLY C 63 -27.03 17.37 38.29
C GLY C 63 -26.56 18.38 39.30
N GLN C 64 -25.32 18.21 39.79
CA GLN C 64 -24.76 19.09 40.82
C GLN C 64 -23.34 19.52 40.48
N LYS C 65 -22.64 20.09 41.46
CA LYS C 65 -21.27 20.55 41.29
C LYS C 65 -20.35 19.41 40.85
N VAL C 66 -19.76 19.54 39.66
CA VAL C 66 -18.80 18.60 39.13
C VAL C 66 -17.43 19.26 39.12
N CYS C 67 -16.38 18.45 39.20
CA CYS C 67 -15.01 18.93 39.26
C CYS C 67 -14.25 18.53 37.99
N TYR C 68 -13.39 19.44 37.53
CA TYR C 68 -12.64 19.21 36.30
C TYR C 68 -11.29 19.93 36.38
N ILE C 69 -10.50 19.78 35.31
CA ILE C 69 -9.24 20.47 35.13
C ILE C 69 -9.27 21.17 33.79
N GLU C 70 -9.02 22.48 33.78
CA GLU C 70 -9.06 23.24 32.55
C GLU C 70 -8.00 22.75 31.55
N GLY C 71 -8.27 22.97 30.28
CA GLY C 71 -7.40 22.52 29.20
C GLY C 71 -5.97 23.01 29.28
N HIS C 72 -5.80 24.34 29.28
CA HIS C 72 -4.47 24.92 29.38
C HIS C 72 -3.72 24.40 30.60
N ARG C 73 -4.43 24.12 31.69
CA ARG C 73 -3.81 23.52 32.86
C ARG C 73 -3.14 22.20 32.51
N VAL C 74 -3.90 21.30 31.88
CA VAL C 74 -3.35 19.98 31.49
C VAL C 74 -2.21 20.15 30.49
N ILE C 75 -2.34 21.11 29.58
CA ILE C 75 -1.29 21.34 28.59
C ILE C 75 0.00 21.72 29.28
N ASN C 76 -0.06 22.67 30.22
CA ASN C 76 1.13 23.06 30.98
C ASN C 76 1.66 21.90 31.81
N LEU C 77 0.75 21.13 32.42
CA LEU C 77 1.18 19.97 33.21
C LEU C 77 1.98 18.99 32.35
N ALA C 78 1.52 18.73 31.13
CA ALA C 78 2.24 17.82 30.25
C ALA C 78 3.57 18.41 29.82
N ASN C 79 3.56 19.69 29.39
CA ASN C 79 4.79 20.35 28.98
C ASN C 79 5.82 20.42 30.10
N GLU C 80 5.39 20.36 31.35
CA GLU C 80 6.34 20.31 32.46
C GLU C 80 6.79 18.88 32.77
N MET C 81 5.85 17.95 32.84
CA MET C 81 6.18 16.56 33.19
C MET C 81 7.13 15.95 32.17
N PHE C 82 6.85 16.12 30.89
CA PHE C 82 7.65 15.50 29.84
C PHE C 82 8.56 16.46 29.10
N GLY C 83 8.19 17.72 28.99
CA GLY C 83 8.95 18.68 28.21
C GLY C 83 8.17 19.17 27.01
N TYR C 84 8.64 20.27 26.44
CA TYR C 84 8.02 20.78 25.21
C TYR C 84 8.22 19.83 24.05
N ASN C 85 9.28 19.01 24.09
CA ASN C 85 9.56 18.05 23.04
C ASN C 85 9.61 16.61 23.57
N GLY C 86 9.05 16.37 24.75
CA GLY C 86 9.03 15.04 25.32
C GLY C 86 7.73 14.30 25.09
N TRP C 87 6.66 15.05 24.80
CA TRP C 87 5.36 14.48 24.52
C TRP C 87 4.85 15.03 23.19
N ALA C 88 3.91 14.31 22.60
CA ALA C 88 3.31 14.69 21.33
C ALA C 88 1.91 14.11 21.25
N HIS C 89 1.00 14.85 20.61
CA HIS C 89 -0.36 14.40 20.40
C HIS C 89 -0.75 14.56 18.94
N SER C 90 -1.76 13.80 18.54
CA SER C 90 -2.23 13.81 17.16
C SER C 90 -3.71 13.44 17.12
N ILE C 91 -4.39 13.93 16.10
CA ILE C 91 -5.82 13.65 15.90
C ILE C 91 -5.91 12.46 14.95
N THR C 92 -6.22 11.28 15.50
CA THR C 92 -6.35 10.10 14.66
C THR C 92 -7.55 10.21 13.73
N GLN C 93 -8.68 10.68 14.24
CA GLN C 93 -9.87 10.88 13.44
C GLN C 93 -10.87 11.71 14.22
N GLN C 94 -11.53 12.64 13.53
CA GLN C 94 -12.62 13.42 14.09
C GLN C 94 -13.83 13.29 13.18
N ASN C 95 -14.97 12.95 13.77
CA ASN C 95 -16.20 12.70 13.03
C ASN C 95 -17.36 13.44 13.69
N VAL C 96 -18.08 14.21 12.89
CA VAL C 96 -19.27 14.91 13.38
C VAL C 96 -20.42 13.91 13.46
N ASP C 97 -20.95 13.72 14.67
CA ASP C 97 -22.00 12.72 14.86
C ASP C 97 -23.32 13.17 14.25
N PHE C 98 -23.73 14.41 14.52
CA PHE C 98 -25.02 14.87 14.04
C PHE C 98 -25.04 16.39 13.99
N VAL C 99 -25.95 16.92 13.18
CA VAL C 99 -26.25 18.35 13.11
C VAL C 99 -27.75 18.47 12.92
N ASP C 100 -28.45 18.95 13.95
CA ASP C 100 -29.90 19.07 13.91
C ASP C 100 -30.32 20.51 14.11
N LEU C 101 -31.55 20.81 13.71
CA LEU C 101 -32.10 22.16 13.78
C LEU C 101 -33.52 22.07 14.32
N ASN C 102 -33.74 22.65 15.50
CA ASN C 102 -35.05 22.68 16.14
C ASN C 102 -35.45 24.13 16.34
N ASN C 103 -36.39 24.60 15.51
CA ASN C 103 -36.97 25.95 15.57
C ASN C 103 -35.90 27.01 15.87
N GLY C 104 -34.89 27.05 15.02
CA GLY C 104 -33.88 28.07 15.08
C GLY C 104 -32.66 27.76 15.93
N ALA C 105 -32.68 26.66 16.67
CA ALA C 105 -31.57 26.28 17.54
C ALA C 105 -30.79 25.14 16.91
N PHE C 106 -29.47 25.28 16.87
CA PHE C 106 -28.59 24.28 16.27
C PHE C 106 -27.99 23.41 17.37
N TYR C 107 -28.22 22.10 17.29
CA TYR C 107 -27.68 21.13 18.23
C TYR C 107 -26.66 20.29 17.49
N VAL C 108 -25.39 20.39 17.90
CA VAL C 108 -24.28 19.76 17.20
C VAL C 108 -23.54 18.87 18.18
N GLY C 109 -23.32 17.61 17.78
CA GLY C 109 -22.45 16.71 18.52
C GLY C 109 -21.26 16.29 17.70
N VAL C 110 -20.07 16.36 18.28
CA VAL C 110 -18.82 16.07 17.57
C VAL C 110 -17.90 15.31 18.51
N CYS C 111 -17.20 14.31 17.98
CA CYS C 111 -16.27 13.50 18.74
C CYS C 111 -14.91 13.48 18.03
N ALA C 112 -13.87 13.27 18.82
CA ALA C 112 -12.51 13.22 18.30
C ALA C 112 -11.74 12.12 19.00
N PHE C 113 -10.68 11.66 18.34
CA PHE C 113 -9.82 10.59 18.86
C PHE C 113 -8.39 11.12 18.88
N VAL C 114 -7.89 11.45 20.08
CA VAL C 114 -6.56 12.01 20.25
C VAL C 114 -5.61 10.92 20.76
N ARG C 115 -4.41 10.88 20.18
CA ARG C 115 -3.37 9.93 20.57
C ARG C 115 -2.15 10.71 21.04
N VAL C 116 -1.80 10.55 22.32
CA VAL C 116 -0.62 11.19 22.89
C VAL C 116 0.51 10.18 22.89
N GLN C 117 1.72 10.64 22.55
CA GLN C 117 2.87 9.76 22.43
C GLN C 117 4.09 10.43 23.03
N LEU C 118 4.85 9.66 23.81
CA LEU C 118 6.10 10.12 24.39
C LEU C 118 7.27 9.77 23.48
N LYS C 119 8.37 10.50 23.67
CA LYS C 119 9.55 10.32 22.82
C LYS C 119 10.12 8.91 22.89
N ASP C 120 9.76 8.13 23.92
CA ASP C 120 10.22 6.74 24.01
C ASP C 120 9.38 5.79 23.17
N GLY C 121 8.23 6.23 22.67
CA GLY C 121 7.34 5.38 21.89
C GLY C 121 6.04 5.04 22.59
N SER C 122 5.98 5.19 23.92
CA SER C 122 4.75 4.93 24.64
C SER C 122 3.65 5.87 24.14
N TYR C 123 2.41 5.38 24.17
CA TYR C 123 1.31 6.09 23.56
C TYR C 123 0.01 5.76 24.28
N HIS C 124 -0.88 6.74 24.33
CA HIS C 124 -2.23 6.54 24.86
C HIS C 124 -3.22 7.29 23.98
N GLU C 125 -4.35 6.64 23.69
CA GLU C 125 -5.36 7.18 22.80
C GLU C 125 -6.73 7.08 23.46
N ASP C 126 -7.52 8.14 23.35
CA ASP C 126 -8.83 8.17 23.97
C ASP C 126 -9.72 9.15 23.22
N VAL C 127 -11.02 9.06 23.48
CA VAL C 127 -12.01 9.85 22.79
C VAL C 127 -12.26 11.15 23.53
N GLY C 128 -12.81 12.13 22.83
CA GLY C 128 -13.30 13.35 23.46
C GLY C 128 -14.48 13.86 22.67
N TYR C 129 -15.38 14.56 23.36
CA TYR C 129 -16.63 15.01 22.77
C TYR C 129 -16.77 16.52 22.88
N GLY C 130 -17.48 17.09 21.92
CA GLY C 130 -17.81 18.50 21.95
C GLY C 130 -19.27 18.70 21.67
N VAL C 131 -19.86 19.69 22.34
CA VAL C 131 -21.30 19.88 22.38
C VAL C 131 -21.61 21.36 22.26
N SER C 132 -22.48 21.72 21.30
CA SER C 132 -22.97 23.08 21.16
C SER C 132 -24.46 23.00 20.87
N GLU C 133 -25.28 23.29 21.88
CA GLU C 133 -26.73 23.18 21.77
C GLU C 133 -27.44 24.53 21.68
N GLY C 134 -26.89 25.57 22.29
CA GLY C 134 -27.60 26.83 22.43
C GLY C 134 -27.58 27.75 21.23
N LEU C 135 -26.41 27.86 20.59
CA LEU C 135 -26.22 28.88 19.56
C LEU C 135 -27.17 28.67 18.39
N ALA C 136 -27.39 29.75 17.63
CA ALA C 136 -28.25 29.73 16.46
C ALA C 136 -27.48 29.79 15.15
N SER C 137 -26.16 29.92 15.21
CA SER C 137 -25.31 29.94 14.03
C SER C 137 -24.64 28.57 13.89
N LYS C 138 -24.83 27.94 12.72
CA LYS C 138 -24.24 26.63 12.48
C LYS C 138 -22.72 26.67 12.57
N ALA C 139 -22.11 27.68 11.95
CA ALA C 139 -20.66 27.81 11.96
C ALA C 139 -20.13 27.93 13.38
N LEU C 140 -20.78 28.76 14.20
CA LEU C 140 -20.34 28.93 15.59
C LEU C 140 -20.46 27.63 16.37
N SER C 141 -21.59 26.93 16.20
CA SER C 141 -21.77 25.67 16.91
C SER C 141 -20.71 24.65 16.52
N LEU C 142 -20.40 24.55 15.23
CA LEU C 142 -19.38 23.59 14.78
C LEU C 142 -18.00 23.99 15.27
N GLU C 143 -17.66 25.29 15.18
CA GLU C 143 -16.41 25.79 15.70
C GLU C 143 -16.23 25.39 17.16
N LYS C 144 -17.26 25.61 17.98
CA LYS C 144 -17.19 25.22 19.39
C LYS C 144 -17.03 23.71 19.54
N ALA C 145 -17.90 22.94 18.85
CA ALA C 145 -17.97 21.51 19.07
C ALA C 145 -16.67 20.80 18.72
N ARG C 146 -16.08 21.13 17.57
CA ARG C 146 -14.90 20.41 17.11
C ARG C 146 -13.70 20.67 18.01
N LYS C 147 -13.46 21.94 18.35
CA LYS C 147 -12.35 22.27 19.24
C LYS C 147 -12.56 21.67 20.62
N GLU C 148 -13.78 21.73 21.14
CA GLU C 148 -14.06 21.10 22.43
C GLU C 148 -13.81 19.61 22.38
N ALA C 149 -14.20 18.95 21.28
CA ALA C 149 -13.98 17.52 21.16
C ALA C 149 -12.49 17.18 21.18
N VAL C 150 -11.70 17.91 20.41
CA VAL C 150 -10.26 17.63 20.36
C VAL C 150 -9.62 17.87 21.72
N THR C 151 -9.96 18.99 22.37
CA THR C 151 -9.37 19.27 23.68
C THR C 151 -9.77 18.24 24.72
N ASP C 152 -11.05 17.86 24.74
CA ASP C 152 -11.51 16.84 25.67
C ASP C 152 -10.81 15.50 25.42
N GLY C 153 -10.61 15.16 24.14
CA GLY C 153 -9.88 13.93 23.83
C GLY C 153 -8.44 13.99 24.28
N LEU C 154 -7.81 15.16 24.14
CA LEU C 154 -6.45 15.32 24.64
C LEU C 154 -6.39 15.14 26.15
N LYS C 155 -7.36 15.71 26.86
CA LYS C 155 -7.43 15.52 28.31
C LYS C 155 -7.59 14.04 28.67
N ARG C 156 -8.58 13.38 28.04
CA ARG C 156 -8.84 11.98 28.36
C ARG C 156 -7.68 11.07 27.98
N ALA C 157 -6.88 11.47 26.99
CA ALA C 157 -5.74 10.65 26.59
C ALA C 157 -4.54 10.89 27.51
N LEU C 158 -4.35 12.12 27.96
CA LEU C 158 -3.29 12.40 28.93
C LEU C 158 -3.63 11.87 30.31
N ARG C 159 -4.91 11.64 30.60
CA ARG C 159 -5.29 11.07 31.89
C ARG C 159 -4.55 9.77 32.18
N SER C 160 -4.45 8.89 31.19
CA SER C 160 -3.90 7.54 31.35
C SER C 160 -2.40 7.53 31.72
N PHE C 161 -1.76 8.66 32.01
CA PHE C 161 -0.36 8.67 32.38
C PHE C 161 -0.14 8.67 33.89
N GLY C 162 -1.11 9.14 34.67
CA GLY C 162 -0.96 9.20 36.10
C GLY C 162 -1.92 10.19 36.71
N ASN C 163 -2.02 10.11 38.04
CA ASN C 163 -2.91 11.01 38.78
C ASN C 163 -2.56 12.47 38.53
N ALA C 164 -1.26 12.78 38.43
CA ALA C 164 -0.83 14.16 38.26
C ALA C 164 -1.37 14.78 36.99
N LEU C 165 -1.67 13.98 35.97
CA LEU C 165 -2.13 14.48 34.68
C LEU C 165 -3.64 14.34 34.52
N GLY C 166 -4.38 14.14 35.61
CA GLY C 166 -5.83 14.13 35.58
C GLY C 166 -6.48 12.80 35.85
N ASN C 167 -5.72 11.77 36.20
CA ASN C 167 -6.32 10.47 36.49
C ASN C 167 -7.04 10.45 37.84
N CYS C 168 -6.71 11.37 38.74
CA CYS C 168 -7.31 11.38 40.07
C CYS C 168 -8.65 12.10 40.13
N ILE C 169 -9.00 12.88 39.10
CA ILE C 169 -10.25 13.63 39.10
C ILE C 169 -11.47 12.71 39.15
N LEU C 170 -11.30 11.42 38.88
CA LEU C 170 -12.39 10.46 38.92
C LEU C 170 -12.44 9.65 40.21
N ASP C 171 -11.51 9.89 41.13
CA ASP C 171 -11.52 9.20 42.42
C ASP C 171 -12.46 9.96 43.37
N LYS C 172 -13.58 9.32 43.71
CA LYS C 172 -14.58 10.00 44.53
C LYS C 172 -14.03 10.36 45.90
N ASP C 173 -13.19 9.50 46.48
CA ASP C 173 -12.56 9.83 47.75
C ASP C 173 -11.67 11.05 47.62
N TYR C 174 -10.94 11.16 46.52
CA TYR C 174 -10.13 12.35 46.26
C TYR C 174 -11.00 13.60 46.20
N LEU C 175 -12.18 13.50 45.58
CA LEU C 175 -13.09 14.64 45.53
C LEU C 175 -13.58 15.01 46.93
N ARG C 176 -13.96 14.01 47.72
CA ARG C 176 -14.38 14.26 49.09
C ARG C 176 -13.29 14.97 49.89
N SER C 177 -12.05 14.53 49.73
CA SER C 177 -10.94 15.20 50.40
C SER C 177 -10.67 16.59 49.81
N LEU C 178 -11.04 16.81 48.54
CA LEU C 178 -10.89 18.14 47.96
C LEU C 178 -11.89 19.11 48.54
N ASN C 179 -13.11 18.65 48.82
CA ASN C 179 -14.09 19.51 49.47
C ASN C 179 -13.64 19.90 50.88
N LYS C 180 -12.79 19.09 51.51
CA LYS C 180 -12.31 19.32 52.86
C LYS C 180 -11.08 20.21 52.92
N LEU C 181 -10.87 21.06 51.91
CA LEU C 181 -9.75 21.97 51.86
C LEU C 181 -10.23 23.41 51.77
N PRO C 182 -9.43 24.37 52.22
CA PRO C 182 -9.84 25.78 52.11
C PRO C 182 -10.00 26.20 50.65
N ARG C 183 -11.18 26.72 50.33
CA ARG C 183 -11.48 27.19 48.98
C ARG C 183 -10.77 28.52 48.77
N GLN C 184 -9.57 28.46 48.22
CA GLN C 184 -8.74 29.64 48.06
C GLN C 184 -9.22 30.49 46.88
N LEU C 185 -8.90 31.77 46.95
CA LEU C 185 -9.26 32.71 45.90
C LEU C 185 -8.32 32.54 44.70
N PRO C 186 -8.78 32.88 43.49
CA PRO C 186 -7.93 32.75 42.31
C PRO C 186 -6.55 33.37 42.50
N LEU C 187 -5.53 32.67 42.04
CA LEU C 187 -4.15 33.13 42.15
C LEU C 187 -3.92 34.37 41.31
N GLU C 188 -2.99 35.21 41.76
CA GLU C 188 -2.62 36.42 41.04
C GLU C 188 -1.43 36.13 40.13
N VAL C 189 -1.51 36.59 38.88
CA VAL C 189 -0.48 36.32 37.88
C VAL C 189 0.43 37.55 37.79
N ASP C 190 1.73 37.31 37.90
CA ASP C 190 2.73 38.38 37.85
C ASP C 190 3.18 38.57 36.42
N LEU C 191 2.89 39.74 35.84
CA LEU C 191 3.22 40.06 34.46
C LEU C 191 4.43 40.98 34.35
N THR C 192 5.37 40.89 35.29
CA THR C 192 6.58 41.71 35.21
C THR C 192 7.56 41.15 34.19
N LYS C 193 8.01 39.90 34.38
CA LYS C 193 8.96 39.25 33.50
C LYS C 193 8.32 38.62 32.26
N ALA C 194 7.12 39.05 31.89
CA ALA C 194 6.46 38.48 30.71
C ALA C 194 7.25 38.79 29.44
N LYS C 195 7.07 37.95 28.43
CA LYS C 195 7.74 38.14 27.16
C LYS C 195 7.26 39.42 26.48
N ARG C 196 8.21 40.24 26.04
CA ARG C 196 7.90 41.55 25.49
C ARG C 196 8.52 41.82 24.12
N GLN C 197 9.38 40.95 23.61
CA GLN C 197 9.96 41.14 22.28
C GLN C 197 10.12 39.77 21.61
N ASP C 198 10.41 39.81 20.32
CA ASP C 198 10.49 38.59 19.53
C ASP C 198 11.77 37.82 19.81
N LEU C 199 12.92 38.47 19.64
CA LEU C 199 14.20 37.79 19.70
C LEU C 199 14.43 37.15 21.07
N GLU C 200 15.01 35.95 21.06
CA GLU C 200 15.39 35.23 22.27
C GLU C 200 16.87 34.88 22.16
N PRO C 201 17.75 35.82 22.52
CA PRO C 201 19.19 35.56 22.40
C PRO C 201 19.66 34.35 23.19
N SER C 202 19.06 34.10 24.35
CA SER C 202 19.39 32.89 25.12
C SER C 202 19.19 31.64 24.28
N VAL C 203 18.11 31.58 23.50
CA VAL C 203 17.83 30.43 22.66
C VAL C 203 18.67 30.46 21.39
N GLU C 204 18.74 31.64 20.76
CA GLU C 204 19.53 31.79 19.53
C GLU C 204 20.97 31.33 19.74
N GLU C 205 21.56 31.66 20.90
CA GLU C 205 22.93 31.26 21.20
C GLU C 205 23.08 29.74 21.17
N ALA C 206 22.27 29.04 21.97
CA ALA C 206 22.37 27.59 22.04
C ALA C 206 22.08 26.94 20.69
N ARG C 207 21.15 27.51 19.92
CA ARG C 207 20.80 26.90 18.64
C ARG C 207 21.90 27.11 17.62
N TYR C 208 22.53 28.29 17.61
CA TYR C 208 23.68 28.52 16.74
C TYR C 208 24.85 27.64 17.13
N ASN C 209 25.00 27.34 18.42
CA ASN C 209 26.04 26.41 18.86
C ASN C 209 25.63 24.95 18.69
N SER C 210 24.38 24.67 18.34
CA SER C 210 23.91 23.30 18.17
C SER C 210 24.36 22.67 16.86
N CYS C 211 25.01 23.42 15.98
CA CYS C 211 25.46 22.88 14.70
C CYS C 211 26.86 22.28 14.82
N CYS D 28 19.00 15.94 9.50
CA CYS D 28 18.00 16.73 8.81
C CYS D 28 16.77 16.95 9.69
N PHE D 29 15.71 17.47 9.10
CA PHE D 29 14.47 17.67 9.84
C PHE D 29 13.85 16.32 10.19
N GLY D 30 13.31 16.23 11.41
CA GLY D 30 12.79 14.99 11.93
C GLY D 30 13.83 14.06 12.52
N GLN D 31 15.11 14.28 12.24
CA GLN D 31 16.20 13.44 12.75
C GLN D 31 17.07 14.13 13.79
N CYS D 32 17.41 15.40 13.58
CA CYS D 32 18.30 16.10 14.51
C CYS D 32 17.69 16.16 15.90
N GLN D 33 18.49 15.82 16.89
CA GLN D 33 18.06 15.82 18.28
C GLN D 33 18.47 17.13 18.95
N TYR D 34 17.66 17.58 19.89
CA TYR D 34 17.96 18.83 20.58
C TYR D 34 19.11 18.62 21.54
N THR D 35 20.05 19.57 21.54
CA THR D 35 21.14 19.54 22.50
C THR D 35 20.65 20.05 23.86
N ALA D 36 21.46 19.79 24.89
CA ALA D 36 21.08 20.20 26.24
C ALA D 36 20.85 21.70 26.32
N GLU D 37 21.77 22.48 25.75
CA GLU D 37 21.66 23.93 25.80
C GLU D 37 20.40 24.41 25.06
N GLU D 38 20.22 23.95 23.82
CA GLU D 38 19.04 24.31 23.04
C GLU D 38 17.76 23.88 23.74
N TYR D 39 17.74 22.64 24.23
CA TYR D 39 16.58 22.14 24.96
C TYR D 39 16.22 23.05 26.13
N GLN D 40 17.19 23.29 27.01
CA GLN D 40 16.92 24.08 28.21
C GLN D 40 16.49 25.49 27.86
N ALA D 41 17.16 26.11 26.89
CA ALA D 41 16.80 27.47 26.48
C ALA D 41 15.36 27.53 25.98
N ILE D 42 14.99 26.63 25.06
CA ILE D 42 13.62 26.63 24.53
C ILE D 42 12.62 26.34 25.63
N GLN D 43 12.93 25.38 26.50
CA GLN D 43 12.02 25.02 27.58
C GLN D 43 11.74 26.21 28.48
N LYS D 44 12.80 26.87 28.96
CA LYS D 44 12.61 28.01 29.85
C LYS D 44 11.91 29.17 29.14
N ALA D 45 12.25 29.40 27.87
CA ALA D 45 11.60 30.47 27.11
C ALA D 45 10.11 30.21 26.88
N LEU D 46 9.71 28.94 26.80
CA LEU D 46 8.30 28.64 26.55
C LEU D 46 7.41 28.80 27.77
N ARG D 47 7.98 28.78 28.98
CA ARG D 47 7.19 29.07 30.17
C ARG D 47 6.82 30.55 30.29
N GLN D 48 7.42 31.43 29.48
CA GLN D 48 7.09 32.84 29.54
C GLN D 48 5.64 33.08 29.14
N ARG D 49 5.10 34.20 29.62
CA ARG D 49 3.81 34.71 29.21
C ARG D 49 4.00 35.94 28.33
N LEU D 50 2.98 36.27 27.56
CA LEU D 50 3.08 37.36 26.60
C LEU D 50 2.62 38.67 27.21
N GLY D 51 3.15 39.77 26.67
CA GLY D 51 2.79 41.10 27.11
C GLY D 51 1.70 41.72 26.26
N PRO D 52 1.22 42.90 26.67
CA PRO D 52 0.20 43.60 25.87
C PRO D 52 0.61 43.91 24.44
N GLU D 53 1.91 43.90 24.13
CA GLU D 53 2.37 44.17 22.77
C GLU D 53 1.93 43.09 21.79
N TYR D 54 1.42 41.97 22.27
CA TYR D 54 0.96 40.86 21.43
C TYR D 54 -0.55 40.69 21.43
N ILE D 55 -1.18 40.82 22.60
CA ILE D 55 -2.61 40.61 22.70
C ILE D 55 -3.37 41.69 21.93
N SER D 56 -4.52 41.30 21.39
CA SER D 56 -5.44 42.23 20.72
C SER D 56 -6.84 41.98 21.26
N SER D 57 -7.85 42.63 20.68
CA SER D 57 -9.20 42.54 21.23
C SER D 57 -10.24 42.54 20.11
N ARG D 58 -11.30 41.76 20.31
CA ARG D 58 -12.43 41.72 19.40
C ARG D 58 -13.71 41.93 20.19
N MET D 59 -14.81 42.09 19.45
CA MET D 59 -16.14 42.25 20.05
C MET D 59 -16.99 41.04 19.66
N ALA D 60 -17.17 40.12 20.61
CA ALA D 60 -17.99 38.95 20.35
C ALA D 60 -19.44 39.34 20.12
N GLY D 61 -20.13 38.56 19.28
CA GLY D 61 -21.54 38.77 19.03
C GLY D 61 -22.39 38.38 20.21
N GLY D 62 -23.04 39.36 20.85
CA GLY D 62 -23.80 39.13 22.06
C GLY D 62 -22.96 39.00 23.32
N GLY D 63 -21.69 38.65 23.20
CA GLY D 63 -20.81 38.50 24.36
C GLY D 63 -20.09 39.80 24.68
N GLN D 64 -18.83 39.69 25.08
CA GLN D 64 -18.05 40.88 25.45
C GLN D 64 -16.68 40.89 24.80
N LYS D 65 -15.83 41.82 25.24
CA LYS D 65 -14.47 41.95 24.72
C LYS D 65 -13.67 40.67 24.93
N VAL D 66 -13.23 40.07 23.84
CA VAL D 66 -12.38 38.88 23.88
C VAL D 66 -10.98 39.27 23.41
N CYS D 67 -9.99 38.52 23.88
CA CYS D 67 -8.58 38.79 23.60
C CYS D 67 -7.99 37.66 22.76
N TYR D 68 -7.10 38.01 21.83
CA TYR D 68 -6.50 37.03 20.93
C TYR D 68 -5.07 37.44 20.60
N ILE D 69 -4.41 36.60 19.81
CA ILE D 69 -3.07 36.86 19.29
C ILE D 69 -3.13 36.72 17.78
N GLU D 70 -2.70 37.75 17.06
CA GLU D 70 -2.73 37.73 15.61
C GLU D 70 -1.82 36.63 15.05
N GLY D 71 -2.15 36.18 13.84
CA GLY D 71 -1.43 35.11 13.18
C GLY D 71 0.06 35.35 13.02
N HIS D 72 0.41 36.45 12.34
CA HIS D 72 1.82 36.79 12.13
C HIS D 72 2.60 36.83 13.44
N ARG D 73 1.95 37.25 14.53
CA ARG D 73 2.59 37.24 15.83
C ARG D 73 3.03 35.83 16.22
N VAL D 74 2.12 34.86 16.15
CA VAL D 74 2.44 33.48 16.49
C VAL D 74 3.49 32.92 15.54
N ILE D 75 3.39 33.27 14.26
CA ILE D 75 4.35 32.78 13.27
C ILE D 75 5.75 33.26 13.62
N ASN D 76 5.89 34.55 13.92
CA ASN D 76 7.19 35.09 14.32
C ASN D 76 7.67 34.47 15.63
N LEU D 77 6.75 34.29 16.58
CA LEU D 77 7.12 33.64 17.84
C LEU D 77 7.71 32.26 17.61
N ALA D 78 7.10 31.48 16.72
CA ALA D 78 7.62 30.15 16.42
C ALA D 78 8.97 30.24 15.71
N ASN D 79 9.06 31.10 14.69
CA ASN D 79 10.31 31.26 13.96
C ASN D 79 11.44 31.75 14.86
N GLU D 80 11.12 32.40 15.98
CA GLU D 80 12.16 32.80 16.93
C GLU D 80 12.49 31.68 17.91
N MET D 81 11.46 31.06 18.50
CA MET D 81 11.68 30.03 19.49
C MET D 81 12.45 28.84 18.91
N PHE D 82 12.05 28.38 17.73
CA PHE D 82 12.66 27.19 17.14
C PHE D 82 13.57 27.49 15.97
N GLY D 83 13.34 28.58 15.24
CA GLY D 83 14.09 28.88 14.04
C GLY D 83 13.21 28.79 12.81
N TYR D 84 13.73 29.35 11.72
CA TYR D 84 13.03 29.25 10.44
C TYR D 84 12.94 27.80 9.96
N ASN D 85 13.87 26.96 10.40
CA ASN D 85 13.91 25.55 10.03
C ASN D 85 13.80 24.63 11.25
N GLY D 86 13.33 25.17 12.38
CA GLY D 86 13.17 24.36 13.57
C GLY D 86 11.75 23.86 13.76
N TRP D 87 10.79 24.51 13.13
CA TRP D 87 9.40 24.11 13.18
C TRP D 87 8.85 23.96 11.77
N ALA D 88 7.78 23.19 11.64
CA ALA D 88 7.12 22.95 10.37
C ALA D 88 5.67 22.60 10.63
N HIS D 89 4.78 23.03 9.72
CA HIS D 89 3.37 22.71 9.83
C HIS D 89 2.86 22.17 8.50
N SER D 90 1.75 21.45 8.57
CA SER D 90 1.15 20.84 7.40
C SER D 90 -0.35 20.72 7.61
N ILE D 91 -1.09 20.72 6.51
CA ILE D 91 -2.54 20.60 6.53
C ILE D 91 -2.87 19.12 6.34
N THR D 92 -3.24 18.44 7.43
CA THR D 92 -3.59 17.03 7.33
C THR D 92 -4.88 16.84 6.53
N GLN D 93 -5.89 17.67 6.79
CA GLN D 93 -7.14 17.60 6.06
C GLN D 93 -7.95 18.87 6.32
N GLN D 94 -8.58 19.38 5.26
CA GLN D 94 -9.52 20.49 5.36
C GLN D 94 -10.82 20.08 4.69
N ASN D 95 -11.93 20.25 5.39
CA ASN D 95 -13.24 19.83 4.90
C ASN D 95 -14.24 20.95 5.11
N VAL D 96 -14.95 21.31 4.06
CA VAL D 96 -15.99 22.33 4.13
C VAL D 96 -17.24 21.70 4.75
N ASP D 97 -17.67 22.25 5.89
CA ASP D 97 -18.79 21.67 6.60
C ASP D 97 -20.10 21.95 5.87
N PHE D 98 -20.34 23.19 5.47
CA PHE D 98 -21.60 23.54 4.82
C PHE D 98 -21.41 24.81 4.01
N VAL D 99 -22.31 25.00 3.04
CA VAL D 99 -22.41 26.23 2.26
C VAL D 99 -23.90 26.46 2.04
N ASP D 100 -24.44 27.50 2.68
CA ASP D 100 -25.86 27.82 2.60
C ASP D 100 -26.04 29.23 2.06
N LEU D 101 -27.25 29.51 1.58
CA LEU D 101 -27.59 30.79 0.98
C LEU D 101 -28.94 31.25 1.51
N ASN D 102 -28.96 32.36 2.23
CA ASN D 102 -30.17 32.94 2.80
C ASN D 102 -30.34 34.35 2.23
N ASN D 103 -31.29 34.50 1.31
CA ASN D 103 -31.68 35.77 0.69
C ASN D 103 -30.47 36.65 0.39
N GLY D 104 -29.55 36.10 -0.40
CA GLY D 104 -28.42 36.84 -0.91
C GLY D 104 -27.17 36.80 -0.05
N ALA D 105 -27.24 36.25 1.15
CA ALA D 105 -26.10 36.17 2.04
C ALA D 105 -25.57 34.74 2.06
N PHE D 106 -24.25 34.60 1.92
CA PHE D 106 -23.61 33.30 1.88
C PHE D 106 -23.02 32.98 3.26
N TYR D 107 -23.44 31.87 3.84
CA TYR D 107 -22.95 31.42 5.14
C TYR D 107 -22.15 30.15 4.90
N VAL D 108 -20.84 30.22 5.16
CA VAL D 108 -19.91 29.13 4.86
C VAL D 108 -19.17 28.75 6.14
N GLY D 109 -19.15 27.45 6.43
CA GLY D 109 -18.34 26.93 7.51
C GLY D 109 -17.28 25.97 7.00
N VAL D 110 -16.03 26.17 7.44
CA VAL D 110 -14.89 25.39 6.97
C VAL D 110 -13.98 25.10 8.14
N CYS D 111 -13.43 23.89 8.19
CA CYS D 111 -12.53 23.47 9.24
C CYS D 111 -11.25 22.91 8.62
N ALA D 112 -10.16 22.99 9.37
CA ALA D 112 -8.88 22.48 8.92
C ALA D 112 -8.16 21.81 10.08
N PHE D 113 -7.23 20.92 9.75
CA PHE D 113 -6.45 20.17 10.74
C PHE D 113 -4.98 20.42 10.44
N VAL D 114 -4.33 21.22 11.28
CA VAL D 114 -2.93 21.58 11.10
C VAL D 114 -2.09 20.77 12.08
N ARG D 115 -0.97 20.25 11.60
CA ARG D 115 -0.03 19.48 12.40
C ARG D 115 1.33 20.17 12.36
N VAL D 116 1.78 20.66 13.52
CA VAL D 116 3.09 21.29 13.66
C VAL D 116 4.08 20.27 14.18
N GLN D 117 5.29 20.29 13.63
CA GLN D 117 6.31 19.31 13.98
C GLN D 117 7.66 20.00 14.09
N LEU D 118 8.41 19.66 15.13
CA LEU D 118 9.75 20.18 15.33
C LEU D 118 10.79 19.25 14.72
N LYS D 119 11.97 19.79 14.46
CA LYS D 119 13.04 19.03 13.82
C LYS D 119 13.45 17.80 14.61
N ASP D 120 13.10 17.72 15.89
CA ASP D 120 13.42 16.53 16.68
C ASP D 120 12.42 15.41 16.48
N GLY D 121 11.27 15.67 15.85
CA GLY D 121 10.24 14.68 15.64
C GLY D 121 8.98 14.91 16.43
N SER D 122 9.04 15.73 17.50
CA SER D 122 7.86 16.06 18.26
C SER D 122 6.83 16.75 17.37
N TYR D 123 5.55 16.53 17.68
CA TYR D 123 4.48 16.99 16.81
C TYR D 123 3.23 17.28 17.62
N HIS D 124 2.48 18.29 17.19
CA HIS D 124 1.19 18.61 17.77
C HIS D 124 0.21 18.98 16.66
N GLU D 125 -1.01 18.46 16.77
CA GLU D 125 -2.04 18.66 15.74
C GLU D 125 -3.33 19.10 16.39
N ASP D 126 -4.00 20.08 15.79
CA ASP D 126 -5.23 20.62 16.33
C ASP D 126 -6.06 21.22 15.20
N VAL D 127 -7.34 21.47 15.50
CA VAL D 127 -8.29 21.95 14.50
C VAL D 127 -8.29 23.48 14.47
N GLY D 128 -8.78 24.02 13.37
CA GLY D 128 -9.07 25.44 13.27
C GLY D 128 -10.25 25.64 12.36
N TYR D 129 -10.99 26.72 12.60
CA TYR D 129 -12.24 26.98 11.89
C TYR D 129 -12.20 28.35 11.21
N GLY D 130 -12.92 28.44 10.11
CA GLY D 130 -13.09 29.70 9.41
C GLY D 130 -14.55 29.93 9.09
N VAL D 131 -14.97 31.19 9.18
CA VAL D 131 -16.39 31.56 9.13
C VAL D 131 -16.54 32.80 8.27
N SER D 132 -17.43 32.74 7.28
CA SER D 132 -17.79 33.89 6.46
C SER D 132 -19.30 33.87 6.26
N GLU D 133 -20.01 34.71 7.00
CA GLU D 133 -21.47 34.75 6.97
C GLU D 133 -22.04 35.95 6.24
N GLY D 134 -21.36 37.09 6.24
CA GLY D 134 -21.92 38.34 5.76
C GLY D 134 -21.88 38.54 4.25
N LEU D 135 -20.75 38.20 3.63
CA LEU D 135 -20.51 38.55 2.23
C LEU D 135 -21.55 37.92 1.32
N ALA D 136 -21.69 38.50 0.13
CA ALA D 136 -22.63 38.01 -0.88
C ALA D 136 -21.95 37.31 -2.04
N SER D 137 -20.62 37.24 -2.05
CA SER D 137 -19.88 36.53 -3.07
C SER D 137 -19.40 35.19 -2.51
N LYS D 138 -19.77 34.11 -3.20
CA LYS D 138 -19.39 32.77 -2.75
C LYS D 138 -17.88 32.61 -2.71
N ALA D 139 -17.20 33.05 -3.78
CA ALA D 139 -15.75 32.92 -3.86
C ALA D 139 -15.08 33.64 -2.70
N LEU D 140 -15.53 34.86 -2.38
CA LEU D 140 -14.95 35.60 -1.27
C LEU D 140 -15.17 34.88 0.05
N SER D 141 -16.38 34.35 0.27
CA SER D 141 -16.68 33.65 1.50
C SER D 141 -15.79 32.42 1.67
N LEU D 142 -15.60 31.65 0.59
CA LEU D 142 -14.75 30.47 0.68
C LEU D 142 -13.29 30.84 0.87
N GLU D 143 -12.81 31.83 0.11
CA GLU D 143 -11.45 32.34 0.29
C GLU D 143 -11.18 32.70 1.74
N LYS D 144 -12.09 33.47 2.35
CA LYS D 144 -11.93 33.83 3.75
C LYS D 144 -11.95 32.60 4.65
N ALA D 145 -12.97 31.74 4.48
CA ALA D 145 -13.19 30.64 5.41
C ALA D 145 -12.01 29.67 5.44
N ARG D 146 -11.50 29.28 4.26
CA ARG D 146 -10.46 28.26 4.22
C ARG D 146 -9.16 28.77 4.83
N LYS D 147 -8.73 29.96 4.43
CA LYS D 147 -7.51 30.54 4.98
C LYS D 147 -7.63 30.79 6.47
N GLU D 148 -8.78 31.32 6.91
CA GLU D 148 -9.00 31.53 8.34
C GLU D 148 -8.93 30.22 9.11
N ALA D 149 -9.51 29.15 8.54
CA ALA D 149 -9.50 27.86 9.21
C ALA D 149 -8.07 27.33 9.36
N VAL D 150 -7.29 27.41 8.28
CA VAL D 150 -5.92 26.90 8.35
C VAL D 150 -5.08 27.72 9.34
N THR D 151 -5.21 29.05 9.30
CA THR D 151 -4.44 29.89 10.22
C THR D 151 -4.84 29.64 11.66
N ASP D 152 -6.15 29.54 11.93
CA ASP D 152 -6.61 29.24 13.28
C ASP D 152 -6.12 27.89 13.75
N GLY D 153 -6.10 26.89 12.85
CA GLY D 153 -5.56 25.59 13.22
C GLY D 153 -4.08 25.65 13.53
N LEU D 154 -3.34 26.45 12.77
CA LEU D 154 -1.91 26.63 13.07
C LEU D 154 -1.71 27.26 14.44
N LYS D 155 -2.54 28.26 14.76
CA LYS D 155 -2.47 28.88 16.09
C LYS D 155 -2.78 27.86 17.19
N ARG D 156 -3.88 27.13 17.04
CA ARG D 156 -4.29 26.16 18.06
C ARG D 156 -3.28 25.02 18.18
N ALA D 157 -2.55 24.71 17.12
CA ALA D 157 -1.56 23.64 17.19
C ALA D 157 -0.26 24.13 17.81
N LEU D 158 0.12 25.38 17.54
CA LEU D 158 1.30 25.94 18.19
C LEU D 158 1.03 26.26 19.66
N ARG D 159 -0.24 26.39 20.04
CA ARG D 159 -0.58 26.61 21.45
C ARG D 159 0.02 25.54 22.36
N SER D 160 -0.08 24.28 21.95
CA SER D 160 0.29 23.12 22.77
C SER D 160 1.79 23.04 23.09
N PHE D 161 2.62 24.04 22.76
CA PHE D 161 4.04 24.00 23.08
C PHE D 161 4.38 24.74 24.37
N GLY D 162 3.55 25.69 24.78
CA GLY D 162 3.84 26.46 25.98
C GLY D 162 3.06 27.75 25.98
N ASN D 163 3.07 28.40 27.15
CA ASN D 163 2.37 29.67 27.30
C ASN D 163 2.87 30.71 26.31
N ALA D 164 4.17 30.71 26.03
CA ALA D 164 4.75 31.72 25.15
C ALA D 164 4.16 31.68 23.75
N LEU D 165 3.66 30.52 23.32
CA LEU D 165 3.13 30.35 21.97
C LEU D 165 1.60 30.39 21.95
N GLY D 166 0.97 30.92 22.99
CA GLY D 166 -0.46 31.13 23.00
C GLY D 166 -1.27 30.27 23.95
N ASN D 167 -0.62 29.46 24.80
CA ASN D 167 -1.36 28.63 25.74
C ASN D 167 -1.95 29.42 26.89
N CYS D 168 -1.44 30.63 27.14
CA CYS D 168 -1.91 31.44 28.26
C CYS D 168 -3.15 32.25 27.95
N ILE D 169 -3.53 32.37 26.67
CA ILE D 169 -4.70 33.17 26.30
C ILE D 169 -5.98 32.61 26.91
N LEU D 170 -5.97 31.36 27.37
CA LEU D 170 -7.13 30.75 27.99
C LEU D 170 -7.08 30.77 29.51
N ASP D 171 -6.01 31.32 30.10
CA ASP D 171 -5.93 31.43 31.56
C ASP D 171 -6.66 32.69 31.98
N LYS D 172 -7.80 32.53 32.64
CA LYS D 172 -8.64 33.67 33.02
C LYS D 172 -7.93 34.60 33.98
N ASP D 173 -7.16 34.05 34.93
CA ASP D 173 -6.39 34.89 35.84
C ASP D 173 -5.36 35.72 35.09
N TYR D 174 -4.70 35.11 34.09
CA TYR D 174 -3.76 35.84 33.26
C TYR D 174 -4.44 36.99 32.53
N LEU D 175 -5.66 36.76 32.03
CA LEU D 175 -6.40 37.84 31.36
C LEU D 175 -6.75 38.96 32.34
N ARG D 176 -7.22 38.58 33.54
CA ARG D 176 -7.52 39.59 34.55
C ARG D 176 -6.29 40.43 34.88
N SER D 177 -5.12 39.80 35.01
CA SER D 177 -3.90 40.55 35.24
C SER D 177 -3.47 41.36 34.03
N LEU D 178 -3.88 40.94 32.82
CA LEU D 178 -3.58 41.73 31.63
C LEU D 178 -4.41 43.00 31.59
N ASN D 179 -5.65 42.94 32.05
CA ASN D 179 -6.48 44.14 32.12
C ASN D 179 -5.91 45.18 33.08
N LYS D 180 -5.09 44.76 34.06
CA LYS D 180 -4.52 45.64 35.07
C LYS D 180 -3.22 46.29 34.64
N LEU D 181 -3.01 46.47 33.34
CA LEU D 181 -1.79 47.08 32.82
C LEU D 181 -2.10 48.33 32.03
N PRO D 182 -1.14 49.25 31.91
CA PRO D 182 -1.37 50.46 31.10
C PRO D 182 -1.63 50.13 29.64
N ARG D 183 -2.72 50.67 29.11
CA ARG D 183 -3.12 50.44 27.73
C ARG D 183 -2.20 51.23 26.81
N GLN D 184 -1.16 50.56 26.30
CA GLN D 184 -0.14 51.22 25.50
C GLN D 184 -0.63 51.51 24.09
N LEU D 185 -0.03 52.51 23.47
CA LEU D 185 -0.35 52.89 22.10
C LEU D 185 0.32 51.93 21.13
N PRO D 186 -0.26 51.74 19.94
CA PRO D 186 0.34 50.84 18.96
C PRO D 186 1.81 51.13 18.72
N LEU D 187 2.62 50.08 18.66
CA LEU D 187 4.05 50.24 18.45
C LEU D 187 4.33 50.77 17.04
N GLU D 188 5.41 51.53 16.92
CA GLU D 188 5.86 52.07 15.65
C GLU D 188 6.93 51.16 15.06
N VAL D 189 6.79 50.86 13.77
CA VAL D 189 7.71 49.96 13.07
C VAL D 189 8.74 50.80 12.35
N ASP D 190 10.01 50.49 12.56
CA ASP D 190 11.11 51.24 11.95
C ASP D 190 11.47 50.60 10.62
N LEU D 191 11.24 51.33 9.52
CA LEU D 191 11.49 50.85 8.17
C LEU D 191 12.78 51.43 7.59
N THR D 192 13.77 51.72 8.43
CA THR D 192 15.05 52.22 7.91
C THR D 192 15.89 51.08 7.34
N LYS D 193 16.23 50.10 8.17
CA LYS D 193 17.03 48.95 7.75
C LYS D 193 16.19 47.85 7.10
N ALA D 194 15.00 48.17 6.62
CA ALA D 194 14.15 47.18 5.98
C ALA D 194 14.80 46.68 4.68
N LYS D 195 14.43 45.47 4.28
CA LYS D 195 14.95 44.89 3.05
C LYS D 195 14.51 45.71 1.85
N ARG D 196 15.46 46.05 0.99
CA ARG D 196 15.20 46.93 -0.13
C ARG D 196 15.65 46.39 -1.49
N GLN D 197 16.37 45.27 -1.52
CA GLN D 197 16.79 44.66 -2.76
C GLN D 197 16.76 43.14 -2.62
N ASP D 198 16.89 42.44 -3.74
CA ASP D 198 16.78 40.99 -3.75
C ASP D 198 18.02 40.33 -3.16
N LEU D 199 19.19 40.63 -3.70
CA LEU D 199 20.40 39.90 -3.35
C LEU D 199 20.72 40.04 -1.86
N GLU D 200 21.16 38.94 -1.27
CA GLU D 200 21.60 38.89 0.14
C GLU D 200 23.00 38.30 0.17
N PRO D 201 24.03 39.13 -0.05
CA PRO D 201 25.41 38.59 -0.03
C PRO D 201 25.79 37.94 1.29
N SER D 202 25.27 38.42 2.41
CA SER D 202 25.53 37.78 3.71
C SER D 202 25.13 36.31 3.69
N VAL D 203 23.99 35.99 3.10
CA VAL D 203 23.53 34.60 3.04
C VAL D 203 24.24 33.85 1.93
N GLU D 204 24.37 34.48 0.74
CA GLU D 204 25.06 33.88 -0.38
C GLU D 204 26.45 33.40 -0.01
N GLU D 205 27.15 34.18 0.82
CA GLU D 205 28.50 33.81 1.26
C GLU D 205 28.50 32.48 1.99
N ALA D 206 27.70 32.39 3.05
CA ALA D 206 27.65 31.16 3.85
C ALA D 206 27.17 29.98 3.02
N ARG D 207 26.23 30.21 2.10
CA ARG D 207 25.71 29.10 1.31
C ARG D 207 26.72 28.61 0.29
N TYR D 208 27.46 29.54 -0.34
CA TYR D 208 28.54 29.14 -1.24
C TYR D 208 29.65 28.42 -0.49
N ASN D 209 29.89 28.80 0.77
CA ASN D 209 30.86 28.08 1.58
C ASN D 209 30.30 26.80 2.18
N SER D 210 29.00 26.56 2.06
CA SER D 210 28.37 25.38 2.64
C SER D 210 28.59 24.10 1.83
N CYS D 211 29.23 24.20 0.67
CA CYS D 211 29.48 23.02 -0.15
C CYS D 211 30.81 22.37 0.20
N CYS E 28 21.49 15.16 -0.85
CA CYS E 28 20.55 15.70 -1.82
C CYS E 28 19.51 16.59 -1.13
N PHE E 29 18.47 16.96 -1.88
CA PHE E 29 17.40 17.76 -1.30
C PHE E 29 16.62 16.95 -0.28
N GLY E 30 16.24 17.60 0.81
CA GLY E 30 15.61 16.92 1.93
C GLY E 30 16.57 16.23 2.87
N GLN E 31 17.82 16.05 2.49
CA GLN E 31 18.84 15.39 3.31
C GLN E 31 19.90 16.33 3.85
N CYS E 32 20.38 17.26 3.03
CA CYS E 32 21.46 18.16 3.44
C CYS E 32 21.03 19.00 4.64
N GLN E 33 21.90 19.09 5.64
CA GLN E 33 21.63 19.84 6.85
C GLN E 33 22.25 21.23 6.76
N TYR E 34 21.59 22.20 7.38
CA TYR E 34 22.07 23.57 7.35
C TYR E 34 23.28 23.74 8.26
N THR E 35 24.29 24.45 7.76
CA THR E 35 25.44 24.81 8.56
C THR E 35 25.10 26.00 9.46
N ALA E 36 25.96 26.23 10.46
CA ALA E 36 25.72 27.30 11.43
C ALA E 36 25.65 28.66 10.74
N GLU E 37 26.61 28.94 9.86
CA GLU E 37 26.65 30.24 9.18
C GLU E 37 25.42 30.43 8.30
N GLU E 38 25.10 29.44 7.46
CA GLU E 38 23.93 29.52 6.62
C GLU E 38 22.66 29.70 7.45
N TYR E 39 22.53 28.92 8.53
CA TYR E 39 21.36 29.05 9.41
C TYR E 39 21.24 30.47 9.93
N GLN E 40 22.30 31.00 10.55
CA GLN E 40 22.22 32.32 11.17
C GLN E 40 21.94 33.40 10.13
N ALA E 41 22.61 33.32 8.97
CA ALA E 41 22.38 34.29 7.91
C ALA E 41 20.93 34.28 7.46
N ILE E 42 20.40 33.08 7.17
CA ILE E 42 19.01 32.99 6.71
C ILE E 42 18.05 33.50 7.77
N GLN E 43 18.28 33.12 9.04
CA GLN E 43 17.40 33.55 10.12
C GLN E 43 17.36 35.08 10.23
N LYS E 44 18.53 35.71 10.33
CA LYS E 44 18.58 37.16 10.47
C LYS E 44 18.02 37.86 9.24
N ALA E 45 18.28 37.32 8.04
CA ALA E 45 17.71 37.91 6.84
C ALA E 45 16.20 37.75 6.80
N LEU E 46 15.67 36.68 7.40
CA LEU E 46 14.23 36.47 7.44
C LEU E 46 13.54 37.31 8.50
N ARG E 47 14.29 37.76 9.52
CA ARG E 47 13.71 38.73 10.44
C ARG E 47 13.54 40.11 9.81
N GLN E 48 14.16 40.35 8.66
CA GLN E 48 14.02 41.64 7.99
C GLN E 48 12.58 41.87 7.54
N ARG E 49 12.22 43.15 7.39
CA ARG E 49 10.96 43.55 6.80
C ARG E 49 11.22 44.14 5.41
N LEU E 50 10.16 44.19 4.60
CA LEU E 50 10.29 44.63 3.22
C LEU E 50 10.03 46.12 3.10
N GLY E 51 10.61 46.73 2.07
CA GLY E 51 10.42 48.13 1.79
C GLY E 51 9.33 48.37 0.78
N PRO E 52 9.00 49.65 0.54
CA PRO E 52 7.97 49.97 -0.47
C PRO E 52 8.29 49.48 -1.86
N GLU E 53 9.54 49.14 -2.17
CA GLU E 53 9.91 48.65 -3.49
C GLU E 53 9.28 47.31 -3.81
N TYR E 54 8.69 46.64 -2.83
CA TYR E 54 8.02 45.35 -3.01
C TYR E 54 6.52 45.43 -2.86
N ILE E 55 6.04 46.20 -1.87
CA ILE E 55 4.62 46.28 -1.61
C ILE E 55 3.91 46.97 -2.77
N SER E 56 2.66 46.56 -3.00
CA SER E 56 1.80 47.20 -3.99
C SER E 56 0.44 47.47 -3.37
N SER E 57 -0.51 47.94 -4.17
CA SER E 57 -1.82 48.33 -3.66
C SER E 57 -2.90 47.99 -4.68
N ARG E 58 -4.05 47.52 -4.17
CA ARG E 58 -5.22 47.21 -4.98
C ARG E 58 -6.42 47.92 -4.39
N MET E 59 -7.55 47.83 -5.10
CA MET E 59 -8.82 48.38 -4.65
C MET E 59 -9.78 47.23 -4.36
N ALA E 60 -9.96 46.93 -3.08
CA ALA E 60 -10.89 45.89 -2.67
C ALA E 60 -12.31 46.29 -3.02
N GLY E 61 -13.15 45.29 -3.32
CA GLY E 61 -14.54 45.55 -3.61
C GLY E 61 -15.29 45.94 -2.35
N GLY E 62 -15.74 47.19 -2.29
CA GLY E 62 -16.38 47.72 -1.09
C GLY E 62 -15.44 48.11 0.02
N GLY E 63 -14.21 47.59 0.04
CA GLY E 63 -13.26 47.91 1.09
C GLY E 63 -12.39 49.10 0.77
N GLN E 64 -11.11 49.04 1.16
CA GLN E 64 -10.20 50.15 0.97
C GLN E 64 -8.86 49.70 0.37
N LYS E 65 -7.88 50.59 0.36
CA LYS E 65 -6.56 50.28 -0.14
C LYS E 65 -5.93 49.15 0.67
N VAL E 66 -5.64 48.03 -0.01
CA VAL E 66 -4.98 46.90 0.61
C VAL E 66 -3.56 46.80 0.06
N CYS E 67 -2.67 46.22 0.85
CA CYS E 67 -1.26 46.10 0.49
C CYS E 67 -0.92 44.62 0.33
N TYR E 68 -0.08 44.33 -0.66
CA TYR E 68 0.30 42.95 -0.96
C TYR E 68 1.71 42.93 -1.55
N ILE E 69 2.20 41.74 -1.84
CA ILE E 69 3.48 41.52 -2.51
C ILE E 69 3.22 40.65 -3.72
N GLU E 70 3.64 41.11 -4.89
CA GLU E 70 3.43 40.36 -6.13
C GLU E 70 4.14 39.02 -6.09
N GLY E 71 3.60 38.06 -6.85
CA GLY E 71 4.12 36.71 -6.88
C GLY E 71 5.59 36.57 -7.23
N HIS E 72 5.98 37.09 -8.40
CA HIS E 72 7.37 37.03 -8.83
C HIS E 72 8.31 37.64 -7.79
N ARG E 73 7.86 38.67 -7.09
CA ARG E 73 8.65 39.25 -6.00
C ARG E 73 8.98 38.20 -4.95
N VAL E 74 7.96 37.50 -4.44
CA VAL E 74 8.17 36.48 -3.42
C VAL E 74 9.01 35.34 -3.98
N ILE E 75 8.82 35.00 -5.26
CA ILE E 75 9.59 33.94 -5.88
C ILE E 75 11.08 34.28 -5.88
N ASN E 76 11.40 35.51 -6.29
CA ASN E 76 12.80 35.95 -6.26
C ASN E 76 13.33 36.01 -4.83
N LEU E 77 12.51 36.48 -3.89
CA LEU E 77 12.92 36.53 -2.50
C LEU E 77 13.31 35.15 -1.99
N ALA E 78 12.50 34.13 -2.33
CA ALA E 78 12.80 32.76 -1.90
C ALA E 78 14.05 32.24 -2.60
N ASN E 79 14.14 32.43 -3.91
CA ASN E 79 15.32 31.98 -4.66
C ASN E 79 16.60 32.63 -4.17
N GLU E 80 16.51 33.80 -3.54
CA GLU E 80 17.69 34.41 -2.94
C GLU E 80 17.95 33.91 -1.53
N MET E 81 16.89 33.87 -0.69
CA MET E 81 17.05 33.45 0.70
C MET E 81 17.58 32.03 0.81
N PHE E 82 17.02 31.10 0.03
CA PHE E 82 17.38 29.70 0.12
C PHE E 82 18.23 29.21 -1.04
N GLY E 83 18.10 29.81 -2.21
CA GLY E 83 18.77 29.34 -3.41
C GLY E 83 17.76 28.83 -4.43
N TYR E 84 18.24 28.68 -5.67
CA TYR E 84 17.37 28.12 -6.70
C TYR E 84 17.05 26.66 -6.41
N ASN E 85 17.90 25.97 -5.67
CA ASN E 85 17.70 24.57 -5.30
C ASN E 85 17.66 24.39 -3.79
N GLY E 86 17.45 25.47 -3.03
CA GLY E 86 17.38 25.38 -1.58
C GLY E 86 15.96 25.27 -1.08
N TRP E 87 15.00 25.67 -1.92
CA TRP E 87 13.59 25.57 -1.59
C TRP E 87 12.87 24.81 -2.70
N ALA E 88 11.70 24.27 -2.36
CA ALA E 88 10.90 23.51 -3.30
C ALA E 88 9.44 23.59 -2.87
N HIS E 89 8.54 23.64 -3.85
CA HIS E 89 7.11 23.66 -3.57
C HIS E 89 6.40 22.60 -4.41
N SER E 90 5.21 22.22 -3.95
CA SER E 90 4.42 21.19 -4.61
C SER E 90 2.96 21.44 -4.34
N ILE E 91 2.11 20.99 -5.26
CA ILE E 91 0.66 21.13 -5.14
C ILE E 91 0.14 19.84 -4.54
N THR E 92 -0.21 19.88 -3.24
CA THR E 92 -0.76 18.69 -2.60
C THR E 92 -2.12 18.34 -3.18
N GLN E 93 -2.97 19.34 -3.39
CA GLN E 93 -4.28 19.11 -3.99
C GLN E 93 -4.86 20.46 -4.43
N GLN E 94 -5.49 20.46 -5.60
CA GLN E 94 -6.26 21.60 -6.09
C GLN E 94 -7.65 21.11 -6.46
N ASN E 95 -8.67 21.77 -5.92
CA ASN E 95 -10.06 21.37 -6.12
C ASN E 95 -10.90 22.58 -6.47
N VAL E 96 -11.66 22.46 -7.56
CA VAL E 96 -12.56 23.52 -7.98
C VAL E 96 -13.81 23.50 -7.10
N ASP E 97 -14.05 24.59 -6.38
CA ASP E 97 -15.16 24.64 -5.45
C ASP E 97 -16.49 24.71 -6.18
N PHE E 98 -16.61 25.61 -7.16
CA PHE E 98 -17.86 25.79 -7.88
C PHE E 98 -17.58 26.44 -9.23
N VAL E 99 -18.53 26.25 -10.15
CA VAL E 99 -18.53 26.92 -11.45
C VAL E 99 -19.99 27.24 -11.76
N ASP E 100 -20.35 28.51 -11.72
CA ASP E 100 -21.72 28.96 -11.94
C ASP E 100 -21.78 29.93 -13.11
N LEU E 101 -22.99 30.09 -13.65
CA LEU E 101 -23.23 30.93 -14.81
C LEU E 101 -24.47 31.79 -14.55
N ASN E 102 -24.27 33.10 -14.48
CA ASN E 102 -25.35 34.06 -14.26
C ASN E 102 -25.40 35.02 -15.45
N ASN E 103 -26.41 34.85 -16.30
CA ASN E 103 -26.69 35.70 -17.47
C ASN E 103 -25.41 36.07 -18.21
N GLY E 104 -24.68 35.03 -18.63
CA GLY E 104 -23.52 35.20 -19.48
C GLY E 104 -22.20 35.38 -18.76
N ALA E 105 -22.22 35.54 -17.45
CA ALA E 105 -21.00 35.73 -16.67
C ALA E 105 -20.67 34.46 -15.91
N PHE E 106 -19.41 34.02 -16.00
CA PHE E 106 -18.96 32.80 -15.36
C PHE E 106 -18.27 33.16 -14.05
N TYR E 107 -18.77 32.60 -12.95
CA TYR E 107 -18.22 32.82 -11.62
C TYR E 107 -17.60 31.51 -11.16
N VAL E 108 -16.27 31.51 -11.00
CA VAL E 108 -15.51 30.31 -10.70
C VAL E 108 -14.73 30.52 -9.42
N GLY E 109 -14.86 29.58 -8.50
CA GLY E 109 -14.03 29.56 -7.31
C GLY E 109 -13.17 28.31 -7.27
N VAL E 110 -11.87 28.49 -7.03
CA VAL E 110 -10.91 27.39 -7.04
C VAL E 110 -9.92 27.60 -5.91
N CYS E 111 -9.55 26.52 -5.23
CA CYS E 111 -8.59 26.57 -4.15
C CYS E 111 -7.48 25.55 -4.41
N ALA E 112 -6.31 25.82 -3.85
CA ALA E 112 -5.16 24.94 -4.00
C ALA E 112 -4.41 24.88 -2.67
N PHE E 113 -3.66 23.80 -2.50
CA PHE E 113 -2.87 23.57 -1.28
C PHE E 113 -1.42 23.37 -1.69
N VAL E 114 -0.59 24.37 -1.45
CA VAL E 114 0.81 24.34 -1.83
C VAL E 114 1.65 24.06 -0.59
N ARG E 115 2.64 23.19 -0.74
CA ARG E 115 3.55 22.83 0.32
C ARG E 115 4.97 23.19 -0.10
N VAL E 116 5.59 24.13 0.61
CA VAL E 116 6.95 24.54 0.36
C VAL E 116 7.87 23.80 1.32
N GLN E 117 9.02 23.35 0.82
CA GLN E 117 9.95 22.55 1.60
C GLN E 117 11.37 23.00 1.30
N LEU E 118 12.17 23.15 2.36
CA LEU E 118 13.58 23.50 2.22
C LEU E 118 14.44 22.24 2.17
N LYS E 119 15.66 22.41 1.65
CA LYS E 119 16.57 21.29 1.46
C LYS E 119 16.92 20.58 2.75
N ASP E 120 16.67 21.20 3.90
CA ASP E 120 16.93 20.54 5.18
C ASP E 120 15.80 19.63 5.63
N GLY E 121 14.63 19.72 4.98
CA GLY E 121 13.47 18.93 5.36
C GLY E 121 12.33 19.74 5.95
N SER E 122 12.60 20.95 6.42
CA SER E 122 11.54 21.82 6.92
C SER E 122 10.51 22.09 5.83
N TYR E 123 9.26 22.26 6.24
CA TYR E 123 8.17 22.34 5.26
C TYR E 123 7.04 23.19 5.83
N HIS E 124 6.36 23.90 4.94
CA HIS E 124 5.17 24.66 5.28
C HIS E 124 4.14 24.49 4.18
N GLU E 125 2.88 24.29 4.58
CA GLU E 125 1.79 24.05 3.65
C GLU E 125 0.63 24.96 4.01
N ASP E 126 0.02 25.57 2.98
CA ASP E 126 -1.07 26.51 3.21
C ASP E 126 -1.94 26.57 1.97
N VAL E 127 -3.12 27.17 2.13
CA VAL E 127 -4.11 27.24 1.06
C VAL E 127 -3.89 28.49 0.22
N GLY E 128 -4.43 28.46 -0.99
CA GLY E 128 -4.52 29.64 -1.82
C GLY E 128 -5.77 29.55 -2.68
N TYR E 129 -6.31 30.71 -3.02
CA TYR E 129 -7.58 30.77 -3.73
C TYR E 129 -7.45 31.56 -5.02
N GLY E 130 -8.28 31.20 -5.99
CA GLY E 130 -8.36 31.94 -7.24
C GLY E 130 -9.80 32.23 -7.58
N VAL E 131 -10.03 33.40 -8.16
CA VAL E 131 -11.38 33.95 -8.35
C VAL E 131 -11.46 34.57 -9.73
N SER E 132 -12.47 34.19 -10.50
CA SER E 132 -12.76 34.80 -11.80
C SER E 132 -14.27 34.98 -11.90
N GLU E 133 -14.73 36.21 -11.72
CA GLU E 133 -16.15 36.52 -11.71
C GLU E 133 -16.64 37.22 -12.98
N GLY E 134 -15.79 38.01 -13.62
CA GLY E 134 -16.22 38.86 -14.72
C GLY E 134 -16.33 38.20 -16.07
N LEU E 135 -15.37 37.36 -16.42
CA LEU E 135 -15.24 36.85 -17.78
C LEU E 135 -16.48 36.06 -18.21
N ALA E 136 -16.65 35.95 -19.52
CA ALA E 136 -17.76 35.21 -20.12
C ALA E 136 -17.30 33.91 -20.76
N SER E 137 -15.99 33.63 -20.77
CA SER E 137 -15.45 32.39 -21.29
C SER E 137 -15.09 31.48 -20.12
N LYS E 138 -15.65 30.27 -20.13
CA LYS E 138 -15.39 29.32 -19.04
C LYS E 138 -13.90 28.98 -18.94
N ALA E 139 -13.27 28.69 -20.09
CA ALA E 139 -11.87 28.31 -20.08
C ALA E 139 -10.98 29.41 -19.49
N LEU E 140 -11.24 30.66 -19.87
CA LEU E 140 -10.46 31.77 -19.32
C LEU E 140 -10.64 31.89 -17.82
N SER E 141 -11.89 31.79 -17.36
CA SER E 141 -12.18 31.89 -15.93
C SER E 141 -11.47 30.79 -15.16
N LEU E 142 -11.50 29.56 -15.67
CA LEU E 142 -10.86 28.46 -14.98
C LEU E 142 -9.33 28.61 -14.98
N GLU E 143 -8.76 28.98 -16.13
CA GLU E 143 -7.33 29.25 -16.19
C GLU E 143 -6.91 30.26 -15.12
N LYS E 144 -7.64 31.38 -15.07
CA LYS E 144 -7.34 32.41 -14.09
C LYS E 144 -7.46 31.88 -12.67
N ALA E 145 -8.58 31.22 -12.37
CA ALA E 145 -8.83 30.79 -11.00
C ALA E 145 -7.76 29.80 -10.53
N ARG E 146 -7.43 28.82 -11.37
CA ARG E 146 -6.49 27.79 -10.95
C ARG E 146 -5.08 28.35 -10.78
N LYS E 147 -4.60 29.12 -11.77
CA LYS E 147 -3.26 29.68 -11.64
C LYS E 147 -3.16 30.65 -10.47
N GLU E 148 -4.17 31.51 -10.29
CA GLU E 148 -4.19 32.42 -9.16
C GLU E 148 -4.20 31.66 -7.83
N ALA E 149 -4.96 30.55 -7.77
CA ALA E 149 -5.02 29.77 -6.54
C ALA E 149 -3.66 29.20 -6.19
N VAL E 150 -2.97 28.63 -7.19
CA VAL E 150 -1.66 28.04 -6.92
C VAL E 150 -0.66 29.10 -6.48
N THR E 151 -0.66 30.25 -7.17
CA THR E 151 0.27 31.32 -6.81
C THR E 151 -0.01 31.86 -5.41
N ASP E 152 -1.29 32.07 -5.09
CA ASP E 152 -1.67 32.54 -3.76
C ASP E 152 -1.27 31.53 -2.69
N GLY E 153 -1.44 30.24 -2.97
CA GLY E 153 -1.02 29.23 -2.02
C GLY E 153 0.48 29.22 -1.80
N LEU E 154 1.25 29.42 -2.88
CA LEU E 154 2.70 29.49 -2.76
C LEU E 154 3.11 30.68 -1.90
N LYS E 155 2.48 31.84 -2.13
CA LYS E 155 2.76 33.01 -1.30
C LYS E 155 2.42 32.76 0.17
N ARG E 156 1.21 32.25 0.42
CA ARG E 156 0.77 32.02 1.80
C ARG E 156 1.63 30.97 2.50
N ALA E 157 2.21 30.04 1.73
CA ALA E 157 3.05 29.02 2.35
C ALA E 157 4.45 29.55 2.61
N LEU E 158 4.96 30.41 1.73
CA LEU E 158 6.26 31.04 1.98
C LEU E 158 6.18 32.09 3.08
N ARG E 159 4.98 32.60 3.38
CA ARG E 159 4.83 33.56 4.47
C ARG E 159 5.39 33.03 5.78
N SER E 160 5.09 31.78 6.11
CA SER E 160 5.42 31.18 7.41
C SER E 160 6.93 31.03 7.67
N PHE E 161 7.83 31.55 6.83
CA PHE E 161 9.26 31.45 7.07
C PHE E 161 9.85 32.66 7.77
N GLY E 162 9.20 33.82 7.67
CA GLY E 162 9.71 35.03 8.28
C GLY E 162 9.12 36.25 7.63
N ASN E 163 9.33 37.39 8.29
CA ASN E 163 8.82 38.65 7.78
C ASN E 163 9.33 38.95 6.38
N ALA E 164 10.59 38.59 6.10
CA ALA E 164 11.19 38.91 4.81
C ALA E 164 10.45 38.25 3.64
N LEU E 165 9.76 37.13 3.89
CA LEU E 165 9.07 36.40 2.83
C LEU E 165 7.56 36.68 2.83
N GLY E 166 7.13 37.76 3.47
CA GLY E 166 5.75 38.18 3.42
C GLY E 166 4.96 38.07 4.70
N ASN E 167 5.61 37.69 5.82
CA ASN E 167 4.88 37.59 7.08
C ASN E 167 4.56 38.95 7.67
N CYS E 168 5.26 40.00 7.26
CA CYS E 168 5.04 41.33 7.82
C CYS E 168 3.90 42.08 7.15
N ILE E 169 3.45 41.62 5.98
CA ILE E 169 2.37 42.30 5.25
C ILE E 169 1.08 42.34 6.04
N LEU E 170 0.96 41.51 7.08
CA LEU E 170 -0.24 41.46 7.91
C LEU E 170 -0.09 42.25 9.21
N ASP E 171 1.06 42.87 9.44
CA ASP E 171 1.27 43.69 10.63
C ASP E 171 0.74 45.08 10.35
N LYS E 172 -0.36 45.45 11.02
CA LYS E 172 -1.00 46.73 10.75
C LYS E 172 -0.07 47.90 11.05
N ASP E 173 0.73 47.79 12.11
CA ASP E 173 1.71 48.83 12.42
C ASP E 173 2.73 48.97 11.29
N TYR E 174 3.17 47.84 10.74
CA TYR E 174 4.08 47.86 9.59
C TYR E 174 3.44 48.60 8.41
N LEU E 175 2.16 48.36 8.15
CA LEU E 175 1.48 49.06 7.06
C LEU E 175 1.38 50.56 7.34
N ARG E 176 1.03 50.93 8.57
CA ARG E 176 0.96 52.34 8.94
C ARG E 176 2.32 53.02 8.74
N SER E 177 3.40 52.35 9.12
CA SER E 177 4.73 52.90 8.90
C SER E 177 5.10 52.91 7.43
N LEU E 178 4.49 52.03 6.63
CA LEU E 178 4.72 52.05 5.18
C LEU E 178 4.05 53.26 4.54
N ASN E 179 2.88 53.64 5.04
CA ASN E 179 2.21 54.83 4.54
C ASN E 179 3.03 56.09 4.84
N LYS E 180 3.86 56.05 5.89
CA LYS E 180 4.64 57.20 6.31
C LYS E 180 5.99 57.29 5.59
N LEU E 181 6.09 56.74 4.39
CA LEU E 181 7.31 56.78 3.60
C LEU E 181 7.06 57.46 2.26
N PRO E 182 8.10 58.01 1.63
CA PRO E 182 7.92 58.66 0.33
C PRO E 182 7.45 57.67 -0.72
N ARG E 183 6.37 58.05 -1.41
CA ARG E 183 5.78 57.21 -2.47
C ARG E 183 6.70 57.27 -3.68
N GLN E 184 7.59 56.29 -3.80
CA GLN E 184 8.61 56.29 -4.83
C GLN E 184 8.05 55.90 -6.20
N LEU E 185 8.72 56.36 -7.25
CA LEU E 185 8.38 56.06 -8.63
C LEU E 185 8.88 54.66 -9.01
N PRO E 186 8.21 54.00 -9.96
CA PRO E 186 8.65 52.67 -10.39
C PRO E 186 10.13 52.65 -10.78
N LEU E 187 10.82 51.60 -10.35
CA LEU E 187 12.24 51.44 -10.66
C LEU E 187 12.45 51.18 -12.15
N GLU E 188 13.60 51.62 -12.65
CA GLU E 188 13.98 51.39 -14.03
C GLU E 188 14.86 50.15 -14.13
N VAL E 189 14.55 49.28 -15.08
CA VAL E 189 15.25 48.01 -15.25
C VAL E 189 16.30 48.17 -16.35
N ASP E 190 17.54 47.79 -16.03
CA ASP E 190 18.66 47.91 -16.96
C ASP E 190 18.77 46.61 -17.76
N LEU E 191 18.52 46.69 -19.07
CA LEU E 191 18.58 45.54 -19.96
C LEU E 191 19.84 45.51 -20.81
N THR E 192 20.95 46.05 -20.30
CA THR E 192 22.20 45.99 -21.03
C THR E 192 22.84 44.62 -20.93
N LYS E 193 23.14 44.17 -19.71
CA LYS E 193 23.74 42.87 -19.45
C LYS E 193 22.72 41.74 -19.43
N ALA E 194 21.54 41.94 -20.02
CA ALA E 194 20.52 40.90 -20.05
C ALA E 194 20.99 39.70 -20.87
N LYS E 195 20.42 38.53 -20.56
CA LYS E 195 20.76 37.32 -21.28
C LYS E 195 20.34 37.44 -22.74
N ARG E 196 21.27 37.12 -23.65
CA ARG E 196 21.05 37.29 -25.07
C ARG E 196 21.33 36.04 -25.90
N GLN E 197 21.86 34.97 -25.31
CA GLN E 197 22.09 33.73 -26.02
C GLN E 197 21.82 32.56 -25.09
N ASP E 198 21.75 31.36 -25.68
CA ASP E 198 21.40 30.17 -24.92
C ASP E 198 22.56 29.68 -24.07
N LEU E 199 23.70 29.41 -24.71
CA LEU E 199 24.82 28.77 -24.03
C LEU E 199 25.32 29.61 -22.87
N GLU E 200 25.69 28.94 -21.78
CA GLU E 200 26.27 29.55 -20.59
C GLU E 200 27.60 28.87 -20.32
N PRO E 201 28.68 29.30 -20.99
CA PRO E 201 29.98 28.66 -20.80
C PRO E 201 30.46 28.67 -19.35
N SER E 202 30.13 29.73 -18.60
CA SER E 202 30.45 29.76 -17.18
C SER E 202 29.84 28.56 -16.46
N VAL E 203 28.60 28.21 -16.79
CA VAL E 203 27.93 27.08 -16.16
C VAL E 203 28.40 25.76 -16.78
N GLU E 204 28.49 25.72 -18.11
CA GLU E 204 28.93 24.52 -18.81
C GLU E 204 30.29 24.04 -18.30
N GLU E 205 31.20 24.98 -18.03
CA GLU E 205 32.52 24.65 -17.52
C GLU E 205 32.43 23.91 -16.20
N ALA E 206 31.76 24.51 -15.22
CA ALA E 206 31.64 23.91 -13.90
C ALA E 206 30.92 22.57 -13.97
N ARG E 207 29.92 22.45 -14.85
CA ARG E 207 29.18 21.20 -14.92
C ARG E 207 30.00 20.10 -15.57
N TYR E 208 30.78 20.43 -16.60
CA TYR E 208 31.68 19.45 -17.19
C TYR E 208 32.75 19.03 -16.21
N ASN E 209 33.19 19.94 -15.34
CA ASN E 209 34.13 19.57 -14.29
C ASN E 209 33.47 18.90 -13.09
N SER E 210 32.14 18.88 -13.03
CA SER E 210 31.42 18.31 -11.90
C SER E 210 31.38 16.79 -11.91
N CYS E 211 31.87 16.14 -12.97
CA CYS E 211 31.86 14.68 -13.03
C CYS E 211 33.13 14.09 -12.43
N CYS F 28 22.93 8.90 -9.05
CA CYS F 28 21.98 9.01 -10.16
C CYS F 28 21.12 10.26 -10.02
N PHE F 29 20.07 10.36 -10.84
CA PHE F 29 19.17 11.49 -10.76
C PHE F 29 18.37 11.43 -9.47
N GLY F 30 18.16 12.60 -8.86
CA GLY F 30 17.55 12.68 -7.56
C GLY F 30 18.51 12.45 -6.41
N GLN F 31 19.69 11.90 -6.67
CA GLN F 31 20.70 11.63 -5.66
C GLN F 31 21.93 12.53 -5.77
N CYS F 32 22.39 12.80 -6.99
CA CYS F 32 23.60 13.60 -7.19
C CYS F 32 23.41 15.01 -6.63
N GLN F 33 24.40 15.47 -5.87
CA GLN F 33 24.37 16.78 -5.25
C GLN F 33 25.16 17.79 -6.08
N TYR F 34 24.71 19.04 -6.03
CA TYR F 34 25.36 20.10 -6.80
C TYR F 34 26.68 20.50 -6.16
N THR F 35 27.70 20.68 -7.00
CA THR F 35 28.97 21.20 -6.53
C THR F 35 28.89 22.72 -6.37
N ALA F 36 29.86 23.27 -5.65
CA ALA F 36 29.88 24.71 -5.36
C ALA F 36 29.94 25.53 -6.65
N GLU F 37 30.84 25.15 -7.57
CA GLU F 37 31.02 25.90 -8.80
C GLU F 37 29.75 25.88 -9.65
N GLU F 38 29.20 24.69 -9.86
CA GLU F 38 27.95 24.56 -10.61
C GLU F 38 26.82 25.36 -9.97
N TYR F 39 26.70 25.26 -8.64
CA TYR F 39 25.67 26.02 -7.93
C TYR F 39 25.80 27.52 -8.18
N GLN F 40 26.99 28.09 -7.94
CA GLN F 40 27.17 29.52 -8.09
C GLN F 40 26.95 29.96 -9.53
N ALA F 41 27.47 29.20 -10.49
CA ALA F 41 27.26 29.53 -11.90
C ALA F 41 25.78 29.55 -12.25
N ILE F 42 25.04 28.51 -11.86
CA ILE F 42 23.61 28.45 -12.16
C ILE F 42 22.88 29.60 -11.49
N GLN F 43 23.22 29.90 -10.23
CA GLN F 43 22.57 30.99 -9.51
C GLN F 43 22.75 32.32 -10.24
N LYS F 44 24.01 32.66 -10.55
CA LYS F 44 24.27 33.93 -11.23
C LYS F 44 23.63 33.98 -12.60
N ALA F 45 23.63 32.87 -13.32
CA ALA F 45 22.97 32.85 -14.62
C ALA F 45 21.45 32.96 -14.50
N LEU F 46 20.88 32.49 -13.39
CA LEU F 46 19.44 32.57 -13.18
C LEU F 46 19.00 33.95 -12.70
N ARG F 47 19.90 34.72 -12.10
CA ARG F 47 19.53 36.10 -11.80
C ARG F 47 19.47 36.99 -13.03
N GLN F 48 19.97 36.52 -14.17
CA GLN F 48 19.91 37.29 -15.41
C GLN F 48 18.47 37.49 -15.86
N ARG F 49 18.25 38.56 -16.64
CA ARG F 49 17.01 38.79 -17.34
C ARG F 49 17.20 38.55 -18.83
N LEU F 50 16.10 38.34 -19.53
CA LEU F 50 16.14 37.99 -20.95
C LEU F 50 16.06 39.22 -21.83
N GLY F 51 16.59 39.09 -23.05
CA GLY F 51 16.55 40.15 -24.03
C GLY F 51 15.38 40.01 -24.98
N PRO F 52 15.20 41.00 -25.85
CA PRO F 52 14.11 40.93 -26.84
C PRO F 52 14.18 39.72 -27.77
N GLU F 53 15.34 39.07 -27.89
CA GLU F 53 15.47 37.90 -28.76
C GLU F 53 14.63 36.71 -28.31
N TYR F 54 14.06 36.75 -27.10
CA TYR F 54 13.24 35.66 -26.57
C TYR F 54 11.77 36.00 -26.47
N ILE F 55 11.43 37.21 -26.03
CA ILE F 55 10.03 37.58 -25.84
C ILE F 55 9.30 37.63 -27.17
N SER F 56 8.01 37.29 -27.14
CA SER F 56 7.13 37.42 -28.30
C SER F 56 5.85 38.13 -27.88
N SER F 57 4.88 38.24 -28.78
CA SER F 57 3.69 39.03 -28.50
C SER F 57 2.46 38.41 -29.13
N ARG F 58 1.33 38.51 -28.43
CA ARG F 58 0.03 38.07 -28.91
C ARG F 58 -0.95 39.22 -28.75
N MET F 59 -2.16 39.03 -29.29
CA MET F 59 -3.24 40.00 -29.16
C MET F 59 -4.33 39.37 -28.29
N ALA F 60 -4.40 39.80 -27.04
CA ALA F 60 -5.40 39.27 -26.11
C ALA F 60 -6.80 39.61 -26.59
N GLY F 61 -7.75 38.72 -26.27
CA GLY F 61 -9.13 38.93 -26.60
C GLY F 61 -9.76 40.01 -25.72
N GLY F 62 -10.13 41.14 -26.32
CA GLY F 62 -10.61 42.28 -25.58
C GLY F 62 -9.54 43.10 -24.90
N GLY F 63 -8.38 42.53 -24.63
CA GLY F 63 -7.29 43.25 -23.98
C GLY F 63 -6.35 43.89 -24.97
N GLN F 64 -5.05 43.85 -24.66
CA GLN F 64 -4.05 44.48 -25.52
C GLN F 64 -2.88 43.55 -25.76
N LYS F 65 -1.80 44.09 -26.32
CA LYS F 65 -0.59 43.32 -26.60
C LYS F 65 -0.02 42.73 -25.32
N VAL F 66 0.05 41.40 -25.27
CA VAL F 66 0.64 40.67 -24.16
C VAL F 66 1.94 40.04 -24.62
N CYS F 67 2.84 39.80 -23.68
CA CYS F 67 4.17 39.26 -23.96
C CYS F 67 4.29 37.86 -23.37
N TYR F 68 4.99 36.98 -24.09
CA TYR F 68 5.14 35.59 -23.66
C TYR F 68 6.48 35.05 -24.11
N ILE F 69 6.76 33.81 -23.72
CA ILE F 69 7.95 33.08 -24.12
C ILE F 69 7.50 31.73 -24.68
N GLU F 70 7.92 31.44 -25.92
CA GLU F 70 7.54 30.17 -26.54
C GLU F 70 8.13 28.99 -25.78
N GLY F 71 7.46 27.84 -25.90
CA GLY F 71 7.84 26.63 -25.21
C GLY F 71 9.25 26.14 -25.46
N HIS F 72 9.58 25.88 -26.73
CA HIS F 72 10.92 25.41 -27.10
C HIS F 72 12.01 26.32 -26.57
N ARG F 73 11.74 27.62 -26.49
CA ARG F 73 12.70 28.55 -25.90
C ARG F 73 13.02 28.15 -24.47
N VAL F 74 11.98 27.97 -23.64
CA VAL F 74 12.18 27.59 -22.25
C VAL F 74 12.83 26.22 -22.15
N ILE F 75 12.48 25.30 -23.05
CA ILE F 75 13.06 23.97 -23.03
C ILE F 75 14.57 24.05 -23.24
N ASN F 76 14.99 24.81 -24.25
CA ASN F 76 16.42 24.99 -24.50
C ASN F 76 17.10 25.71 -23.34
N LEU F 77 16.44 26.73 -22.78
CA LEU F 77 16.99 27.43 -21.63
C LEU F 77 17.26 26.48 -20.47
N ALA F 78 16.31 25.59 -20.19
CA ALA F 78 16.51 24.62 -19.10
C ALA F 78 17.61 23.63 -19.44
N ASN F 79 17.58 23.07 -20.64
CA ASN F 79 18.62 22.12 -21.05
C ASN F 79 20.00 22.73 -21.04
N GLU F 80 20.12 24.05 -21.15
CA GLU F 80 21.43 24.69 -21.03
C GLU F 80 21.78 25.00 -19.57
N MET F 81 20.84 25.58 -18.83
CA MET F 81 21.10 25.97 -17.44
C MET F 81 21.47 24.76 -16.59
N PHE F 82 20.71 23.68 -16.71
CA PHE F 82 20.91 22.50 -15.86
C PHE F 82 21.56 21.33 -16.59
N GLY F 83 21.37 21.22 -17.89
CA GLY F 83 21.83 20.08 -18.65
C GLY F 83 20.67 19.27 -19.20
N TYR F 84 20.98 18.42 -20.18
CA TYR F 84 19.95 17.54 -20.73
C TYR F 84 19.48 16.53 -19.70
N ASN F 85 20.33 16.20 -18.73
CA ASN F 85 20.01 15.24 -17.67
C ASN F 85 20.10 15.86 -16.28
N GLY F 86 20.09 17.19 -16.20
CA GLY F 86 20.15 17.85 -14.91
C GLY F 86 18.78 18.23 -14.39
N TRP F 87 17.81 18.31 -15.29
CA TRP F 87 16.43 18.61 -14.94
C TRP F 87 15.52 17.53 -15.49
N ALA F 88 14.33 17.43 -14.89
CA ALA F 88 13.33 16.46 -15.30
C ALA F 88 11.95 16.98 -14.94
N HIS F 89 10.97 16.68 -15.78
CA HIS F 89 9.59 17.07 -15.52
C HIS F 89 8.68 15.86 -15.68
N SER F 90 7.51 15.96 -15.05
CA SER F 90 6.52 14.88 -15.09
C SER F 90 5.13 15.47 -14.94
N ILE F 91 4.15 14.76 -15.49
CA ILE F 91 2.75 15.17 -15.41
C ILE F 91 2.13 14.47 -14.21
N THR F 92 1.92 15.22 -13.13
CA THR F 92 1.29 14.65 -11.94
C THR F 92 -0.15 14.27 -12.21
N GLN F 93 -0.90 15.14 -12.90
CA GLN F 93 -2.28 14.84 -13.26
C GLN F 93 -2.74 15.82 -14.32
N GLN F 94 -3.48 15.31 -15.30
CA GLN F 94 -4.14 16.12 -16.31
C GLN F 94 -5.61 15.76 -16.35
N ASN F 95 -6.47 16.76 -16.25
CA ASN F 95 -7.92 16.57 -16.18
C ASN F 95 -8.62 17.53 -17.13
N VAL F 96 -9.49 16.99 -17.97
CA VAL F 96 -10.29 17.81 -18.88
C VAL F 96 -11.43 18.44 -18.08
N ASP F 97 -11.46 19.77 -18.04
CA ASP F 97 -12.45 20.46 -17.23
C ASP F 97 -13.85 20.37 -17.85
N PHE F 98 -13.96 20.67 -19.14
CA PHE F 98 -15.27 20.68 -19.78
C PHE F 98 -15.11 20.51 -21.28
N VAL F 99 -16.20 20.08 -21.92
CA VAL F 99 -16.31 19.98 -23.37
C VAL F 99 -17.72 20.39 -23.74
N ASP F 100 -17.87 21.54 -24.38
CA ASP F 100 -19.17 22.06 -24.76
C ASP F 100 -19.24 22.23 -26.27
N LEU F 101 -20.47 22.30 -26.79
CA LEU F 101 -20.72 22.42 -28.22
C LEU F 101 -21.81 23.47 -28.44
N ASN F 102 -21.46 24.56 -29.11
CA ASN F 102 -22.40 25.63 -29.43
C ASN F 102 -22.46 25.79 -30.94
N ASN F 103 -23.55 25.33 -31.54
CA ASN F 103 -23.86 25.45 -32.97
C ASN F 103 -22.61 25.20 -33.83
N GLY F 104 -22.02 24.04 -33.64
CA GLY F 104 -20.91 23.59 -34.46
C GLY F 104 -19.53 23.97 -33.96
N ALA F 105 -19.44 24.78 -32.91
CA ALA F 105 -18.16 25.21 -32.37
C ALA F 105 -17.87 24.46 -31.08
N PHE F 106 -16.66 23.91 -30.96
CA PHE F 106 -16.26 23.13 -29.80
C PHE F 106 -15.41 23.99 -28.88
N TYR F 107 -15.86 24.13 -27.63
CA TYR F 107 -15.14 24.89 -26.60
C TYR F 107 -14.63 23.89 -25.57
N VAL F 108 -13.31 23.75 -25.48
CA VAL F 108 -12.67 22.74 -24.64
C VAL F 108 -11.73 23.43 -23.67
N GLY F 109 -11.87 23.11 -22.39
CA GLY F 109 -10.92 23.56 -21.37
C GLY F 109 -10.22 22.38 -20.73
N VAL F 110 -8.89 22.44 -20.63
CA VAL F 110 -8.09 21.35 -20.10
C VAL F 110 -6.98 21.94 -19.25
N CYS F 111 -6.68 21.29 -18.13
CA CYS F 111 -5.63 21.71 -17.22
C CYS F 111 -4.69 20.55 -16.96
N ALA F 112 -3.44 20.88 -16.63
CA ALA F 112 -2.42 19.88 -16.34
C ALA F 112 -1.57 20.36 -15.16
N PHE F 113 -0.94 19.40 -14.49
CA PHE F 113 -0.09 19.66 -13.34
C PHE F 113 1.29 19.08 -13.63
N VAL F 114 2.24 19.95 -13.91
CA VAL F 114 3.61 19.54 -14.27
C VAL F 114 4.51 19.76 -13.06
N ARG F 115 5.37 18.79 -12.80
CA ARG F 115 6.34 18.84 -11.70
C ARG F 115 7.73 18.74 -12.31
N VAL F 116 8.51 19.81 -12.18
CA VAL F 116 9.90 19.84 -12.65
C VAL F 116 10.81 19.56 -11.47
N GLN F 117 11.84 18.75 -11.72
CA GLN F 117 12.75 18.32 -10.66
C GLN F 117 14.18 18.34 -11.16
N LEU F 118 15.08 18.87 -10.34
CA LEU F 118 16.51 18.89 -10.64
C LEU F 118 17.18 17.65 -10.06
N LYS F 119 18.36 17.33 -10.62
CA LYS F 119 19.07 16.12 -10.21
C LYS F 119 19.43 16.12 -8.73
N ASP F 120 19.41 17.27 -8.07
CA ASP F 120 19.69 17.32 -6.64
C ASP F 120 18.48 16.98 -5.78
N GLY F 121 17.28 16.92 -6.37
CA GLY F 121 16.06 16.64 -5.64
C GLY F 121 15.11 17.81 -5.55
N SER F 122 15.60 19.03 -5.76
CA SER F 122 14.73 20.20 -5.76
C SER F 122 13.65 20.05 -6.82
N TYR F 123 12.46 20.60 -6.53
CA TYR F 123 11.30 20.39 -7.39
C TYR F 123 10.36 21.57 -7.30
N HIS F 124 9.68 21.85 -8.41
CA HIS F 124 8.63 22.86 -8.45
C HIS F 124 7.49 22.33 -9.30
N GLU F 125 6.26 22.55 -8.83
CA GLU F 125 5.07 22.04 -9.48
C GLU F 125 4.04 23.16 -9.62
N ASP F 126 3.42 23.25 -10.79
CA ASP F 126 2.45 24.30 -11.06
C ASP F 126 1.50 23.84 -12.14
N VAL F 127 0.39 24.56 -12.28
CA VAL F 127 -0.67 24.21 -13.22
C VAL F 127 -0.42 24.87 -14.56
N GLY F 128 -1.04 24.34 -15.59
CA GLY F 128 -1.09 24.99 -16.90
C GLY F 128 -2.40 24.64 -17.57
N TYR F 129 -2.85 25.55 -18.44
CA TYR F 129 -4.15 25.41 -19.06
C TYR F 129 -4.05 25.41 -20.57
N GLY F 130 -4.99 24.73 -21.20
CA GLY F 130 -5.10 24.72 -22.65
C GLY F 130 -6.53 24.99 -23.06
N VAL F 131 -6.67 25.71 -24.16
CA VAL F 131 -7.96 26.26 -24.58
C VAL F 131 -8.11 26.10 -26.08
N SER F 132 -9.23 25.51 -26.51
CA SER F 132 -9.57 25.41 -27.93
C SER F 132 -11.06 25.72 -28.07
N GLU F 133 -11.36 26.93 -28.55
CA GLU F 133 -12.73 27.40 -28.67
C GLU F 133 -13.25 27.43 -30.10
N GLY F 134 -12.38 27.66 -31.07
CA GLY F 134 -12.82 27.91 -32.44
C GLY F 134 -13.15 26.68 -33.26
N LEU F 135 -12.33 25.63 -33.16
CA LEU F 135 -12.42 24.50 -34.06
C LEU F 135 -13.78 23.81 -33.96
N ALA F 136 -14.11 23.07 -35.01
CA ALA F 136 -15.36 22.32 -35.09
C ALA F 136 -15.16 20.82 -34.95
N SER F 137 -13.91 20.36 -34.84
CA SER F 137 -13.60 18.95 -34.66
C SER F 137 -13.23 18.71 -33.20
N LYS F 138 -13.95 17.78 -32.55
CA LYS F 138 -13.70 17.48 -31.14
C LYS F 138 -12.27 16.98 -30.93
N ALA F 139 -11.82 16.04 -31.79
CA ALA F 139 -10.48 15.50 -31.64
C ALA F 139 -9.42 16.59 -31.77
N LEU F 140 -9.58 17.50 -32.74
CA LEU F 140 -8.61 18.57 -32.90
C LEU F 140 -8.60 19.49 -31.69
N SER F 141 -9.79 19.84 -31.17
CA SER F 141 -9.86 20.71 -30.02
C SER F 141 -9.17 20.08 -28.81
N LEU F 142 -9.39 18.79 -28.59
CA LEU F 142 -8.76 18.12 -27.45
C LEU F 142 -7.25 18.00 -27.65
N GLU F 143 -6.82 17.64 -28.86
CA GLU F 143 -5.41 17.59 -29.18
C GLU F 143 -4.73 18.91 -28.85
N LYS F 144 -5.33 20.02 -29.28
CA LYS F 144 -4.76 21.34 -28.96
C LYS F 144 -4.76 21.58 -27.45
N ALA F 145 -5.91 21.38 -26.81
CA ALA F 145 -6.06 21.76 -25.41
C ALA F 145 -5.09 21.03 -24.49
N ARG F 146 -4.96 19.71 -24.66
CA ARG F 146 -4.14 18.93 -23.72
C ARG F 146 -2.66 19.28 -23.85
N LYS F 147 -2.15 19.33 -25.09
CA LYS F 147 -0.75 19.69 -25.30
C LYS F 147 -0.48 21.12 -24.84
N GLU F 148 -1.38 22.04 -25.15
CA GLU F 148 -1.21 23.42 -24.67
C GLU F 148 -1.19 23.49 -23.15
N ALA F 149 -2.04 22.70 -22.50
CA ALA F 149 -2.07 22.69 -21.04
C ALA F 149 -0.75 22.18 -20.47
N VAL F 150 -0.23 21.10 -21.03
CA VAL F 150 1.04 20.55 -20.51
C VAL F 150 2.17 21.54 -20.73
N THR F 151 2.24 22.15 -21.91
CA THR F 151 3.30 23.11 -22.17
C THR F 151 3.21 24.33 -21.25
N ASP F 152 1.99 24.85 -21.08
CA ASP F 152 1.79 25.98 -20.18
C ASP F 152 2.17 25.63 -18.74
N GLY F 153 1.84 24.41 -18.31
CA GLY F 153 2.23 23.99 -16.97
C GLY F 153 3.73 23.87 -16.82
N LEU F 154 4.41 23.37 -17.86
CA LEU F 154 5.87 23.30 -17.81
C LEU F 154 6.48 24.69 -17.72
N LYS F 155 5.94 25.64 -18.49
CA LYS F 155 6.41 27.02 -18.40
C LYS F 155 6.20 27.60 -17.01
N ARG F 156 4.98 27.47 -16.48
CA ARG F 156 4.67 28.04 -15.17
C ARG F 156 5.47 27.37 -14.06
N ALA F 157 5.86 26.11 -14.25
CA ALA F 157 6.64 25.43 -13.22
C ALA F 157 8.11 25.80 -13.30
N LEU F 158 8.64 25.99 -14.52
CA LEU F 158 10.00 26.46 -14.66
C LEU F 158 10.16 27.93 -14.28
N ARG F 159 9.06 28.69 -14.28
CA ARG F 159 9.13 30.09 -13.85
C ARG F 159 9.76 30.23 -12.48
N SER F 160 9.36 29.38 -11.53
CA SER F 160 9.77 29.48 -10.13
C SER F 160 11.27 29.23 -9.89
N PHE F 161 12.12 29.11 -10.92
CA PHE F 161 13.55 28.90 -10.70
C PHE F 161 14.36 30.19 -10.76
N GLY F 162 13.88 31.20 -11.44
CA GLY F 162 14.62 32.44 -11.56
C GLY F 162 14.15 33.26 -12.74
N ASN F 163 14.59 34.52 -12.77
CA ASN F 163 14.21 35.43 -13.85
C ASN F 163 14.63 34.89 -15.20
N ALA F 164 15.79 34.25 -15.28
CA ALA F 164 16.30 33.76 -16.56
C ALA F 164 15.38 32.73 -17.19
N LEU F 165 14.59 32.01 -16.38
CA LEU F 165 13.72 30.96 -16.87
C LEU F 165 12.27 31.40 -17.00
N GLY F 166 12.01 32.70 -17.02
CA GLY F 166 10.68 33.22 -17.28
C GLY F 166 10.01 33.92 -16.11
N ASN F 167 10.70 34.11 -14.98
CA ASN F 167 10.09 34.78 -13.85
C ASN F 167 9.98 36.28 -14.08
N CYS F 168 10.74 36.85 -15.01
CA CYS F 168 10.72 38.28 -15.26
C CYS F 168 9.61 38.72 -16.20
N ILE F 169 8.97 37.79 -16.90
CA ILE F 169 7.90 38.15 -17.84
C ILE F 169 6.73 38.80 -17.12
N LEU F 170 6.64 38.66 -15.80
CA LEU F 170 5.58 39.27 -15.02
C LEU F 170 6.02 40.55 -14.33
N ASP F 171 7.26 40.98 -14.51
CA ASP F 171 7.76 42.22 -13.94
C ASP F 171 7.38 43.37 -14.88
N LYS F 172 6.45 44.22 -14.44
CA LYS F 172 5.94 45.28 -15.30
C LYS F 172 7.05 46.27 -15.70
N ASP F 173 7.94 46.59 -14.76
CA ASP F 173 9.06 47.47 -15.08
C ASP F 173 9.98 46.83 -16.13
N TYR F 174 10.21 45.53 -16.03
CA TYR F 174 10.99 44.82 -17.04
C TYR F 174 10.34 44.93 -18.41
N LEU F 175 9.01 44.82 -18.47
CA LEU F 175 8.31 44.98 -19.75
C LEU F 175 8.44 46.40 -20.27
N ARG F 176 8.29 47.40 -19.40
CA ARG F 176 8.46 48.79 -19.82
C ARG F 176 9.84 49.01 -20.40
N SER F 177 10.88 48.46 -19.75
CA SER F 177 12.23 48.59 -20.29
C SER F 177 12.42 47.78 -21.56
N LEU F 178 11.62 46.73 -21.76
CA LEU F 178 11.69 45.97 -23.00
C LEU F 178 11.11 46.76 -24.16
N ASN F 179 10.04 47.52 -23.89
CA ASN F 179 9.48 48.39 -24.94
C ASN F 179 10.47 49.46 -25.36
N LYS F 180 11.40 49.84 -24.48
CA LYS F 180 12.39 50.88 -24.75
C LYS F 180 13.64 50.33 -25.43
N LEU F 181 13.53 49.21 -26.13
CA LEU F 181 14.64 48.59 -26.83
C LEU F 181 14.34 48.49 -28.32
N PRO F 182 15.35 48.42 -29.17
CA PRO F 182 15.11 48.31 -30.61
C PRO F 182 14.37 47.01 -30.97
N ARG F 183 13.26 47.17 -31.68
CA ARG F 183 12.45 46.04 -32.13
C ARG F 183 13.18 45.39 -33.30
N GLN F 184 13.99 44.39 -32.98
CA GLN F 184 14.86 43.75 -33.96
C GLN F 184 14.08 42.74 -34.81
N LEU F 185 14.60 42.48 -36.01
CA LEU F 185 14.04 41.54 -36.96
C LEU F 185 14.41 40.11 -36.55
N PRO F 186 13.59 39.13 -36.93
CA PRO F 186 13.90 37.73 -36.59
C PRO F 186 15.31 37.32 -36.96
N LEU F 187 15.96 36.58 -36.06
CA LEU F 187 17.31 36.09 -36.28
C LEU F 187 17.34 35.04 -37.39
N GLU F 188 18.48 34.98 -38.08
CA GLU F 188 18.69 34.01 -39.15
C GLU F 188 19.37 32.76 -38.60
N VAL F 189 18.84 31.59 -38.97
CA VAL F 189 19.35 30.31 -38.50
C VAL F 189 20.26 29.72 -39.56
N ASP F 190 21.47 29.34 -39.15
CA ASP F 190 22.47 28.77 -40.05
C ASP F 190 22.33 27.25 -40.05
N LEU F 191 21.95 26.68 -41.19
CA LEU F 191 21.75 25.24 -41.32
C LEU F 191 22.91 24.54 -42.04
N THR F 192 24.12 25.07 -41.91
CA THR F 192 25.28 24.42 -42.52
C THR F 192 25.74 23.21 -41.71
N LYS F 193 26.13 23.43 -40.46
CA LYS F 193 26.60 22.37 -39.58
C LYS F 193 25.48 21.60 -38.88
N ALA F 194 24.26 21.66 -39.40
CA ALA F 194 23.14 20.95 -38.79
C ALA F 194 23.35 19.44 -38.85
N LYS F 195 22.70 18.74 -37.93
CA LYS F 195 22.79 17.28 -37.89
C LYS F 195 22.19 16.69 -39.15
N ARG F 196 22.94 15.77 -39.78
CA ARG F 196 22.55 15.21 -41.07
C ARG F 196 22.53 13.69 -41.13
N GLN F 197 23.00 12.99 -40.09
CA GLN F 197 22.97 11.54 -40.08
C GLN F 197 22.67 11.06 -38.66
N ASP F 198 22.38 9.76 -38.55
CA ASP F 198 21.97 9.19 -37.27
C ASP F 198 23.15 9.04 -36.33
N LEU F 199 24.20 8.33 -36.77
CA LEU F 199 25.31 7.97 -35.90
C LEU F 199 26.00 9.22 -35.36
N GLU F 200 26.39 9.15 -34.08
CA GLU F 200 27.14 10.21 -33.40
C GLU F 200 28.40 9.57 -32.83
N PRO F 201 29.46 9.42 -33.63
CA PRO F 201 30.69 8.79 -33.14
C PRO F 201 31.29 9.50 -31.93
N SER F 202 31.15 10.83 -31.85
CA SER F 202 31.62 11.55 -30.67
C SER F 202 30.98 10.99 -29.39
N VAL F 203 29.68 10.67 -29.45
CA VAL F 203 29.00 10.12 -28.29
C VAL F 203 29.29 8.63 -28.13
N GLU F 204 29.23 7.89 -29.25
CA GLU F 204 29.49 6.45 -29.21
C GLU F 204 30.83 6.12 -28.59
N GLU F 205 31.87 6.92 -28.89
CA GLU F 205 33.19 6.69 -28.33
C GLU F 205 33.16 6.76 -26.80
N ALA F 206 32.67 7.88 -26.27
CA ALA F 206 32.63 8.07 -24.83
C ALA F 206 31.75 7.01 -24.16
N ARG F 207 30.67 6.61 -24.82
CA ARG F 207 29.77 5.63 -24.21
C ARG F 207 30.39 4.24 -24.19
N TYR F 208 31.11 3.88 -25.25
CA TYR F 208 31.84 2.61 -25.26
C TYR F 208 32.95 2.63 -24.21
N ASN F 209 33.55 3.79 -23.97
CA ASN F 209 34.54 3.91 -22.90
C ASN F 209 33.91 4.05 -21.51
N SER F 210 32.59 4.21 -21.43
CA SER F 210 31.91 4.39 -20.16
C SER F 210 31.74 3.10 -19.37
N CYS F 211 32.11 1.95 -19.94
CA CYS F 211 31.98 0.67 -19.25
C CYS F 211 33.23 0.36 -18.43
N CYS G 28 22.77 -0.58 -13.06
CA CYS G 28 21.69 -0.91 -13.97
C CYS G 28 21.01 0.35 -14.48
N PHE G 29 19.87 0.19 -15.16
CA PHE G 29 19.12 1.33 -15.64
C PHE G 29 18.51 2.10 -14.48
N GLY G 30 18.53 3.43 -14.59
CA GLY G 30 18.12 4.30 -13.51
C GLY G 30 19.16 4.54 -12.44
N GLN G 31 20.23 3.73 -12.41
CA GLN G 31 21.30 3.87 -11.42
C GLN G 31 22.61 4.35 -12.02
N CYS G 32 22.98 3.85 -13.20
CA CYS G 32 24.26 4.21 -13.80
C CYS G 32 24.32 5.71 -14.06
N GLN G 33 25.43 6.33 -13.66
CA GLN G 33 25.62 7.77 -13.82
C GLN G 33 26.43 8.08 -15.06
N TYR G 34 26.14 9.23 -15.67
CA TYR G 34 26.82 9.65 -16.89
C TYR G 34 28.25 10.10 -16.58
N THR G 35 29.19 9.65 -17.42
CA THR G 35 30.56 10.12 -17.32
C THR G 35 30.69 11.50 -17.96
N ALA G 36 31.82 12.17 -17.67
CA ALA G 36 32.04 13.51 -18.17
C ALA G 36 32.06 13.53 -19.70
N GLU G 37 32.79 12.61 -20.31
CA GLU G 37 32.89 12.57 -21.76
C GLU G 37 31.54 12.31 -22.40
N GLU G 38 30.84 11.28 -21.91
CA GLU G 38 29.50 10.96 -22.43
C GLU G 38 28.55 12.15 -22.25
N TYR G 39 28.57 12.78 -21.08
CA TYR G 39 27.72 13.94 -20.84
C TYR G 39 27.99 15.04 -21.87
N GLN G 40 29.25 15.45 -21.99
CA GLN G 40 29.57 16.57 -22.88
C GLN G 40 29.22 16.23 -24.32
N ALA G 41 29.55 15.01 -24.76
CA ALA G 41 29.23 14.59 -26.12
C ALA G 41 27.72 14.66 -26.36
N ILE G 42 26.93 14.09 -25.45
CA ILE G 42 25.47 14.08 -25.63
C ILE G 42 24.94 15.51 -25.64
N GLN G 43 25.43 16.36 -24.74
CA GLN G 43 24.97 17.75 -24.68
C GLN G 43 25.22 18.47 -26.00
N LYS G 44 26.47 18.42 -26.47
CA LYS G 44 26.80 19.13 -27.71
C LYS G 44 26.05 18.55 -28.90
N ALA G 45 25.87 17.22 -28.94
CA ALA G 45 25.09 16.62 -30.02
C ALA G 45 23.62 17.01 -29.94
N LEU G 46 23.10 17.27 -28.73
CA LEU G 46 21.72 17.65 -28.58
C LEU G 46 21.49 19.12 -28.90
N ARG G 47 22.54 19.95 -28.84
CA ARG G 47 22.38 21.31 -29.32
C ARG G 47 22.27 21.39 -30.84
N GLN G 48 22.57 20.30 -31.54
CA GLN G 48 22.47 20.29 -33.01
C GLN G 48 21.03 20.47 -33.45
N ARG G 49 20.87 20.99 -34.68
CA ARG G 49 19.59 21.04 -35.37
C ARG G 49 19.58 20.01 -36.49
N LEU G 50 18.37 19.65 -36.93
CA LEU G 50 18.22 18.60 -37.93
C LEU G 50 18.21 19.18 -39.33
N GLY G 51 18.60 18.37 -40.31
CA GLY G 51 18.60 18.75 -41.69
C GLY G 51 17.35 18.32 -42.41
N PRO G 52 17.20 18.73 -43.67
CA PRO G 52 16.03 18.32 -44.45
C PRO G 52 15.87 16.81 -44.60
N GLU G 53 16.92 16.03 -44.37
CA GLU G 53 16.83 14.58 -44.49
C GLU G 53 15.90 13.95 -43.46
N TYR G 54 15.46 14.71 -42.45
CA TYR G 54 14.57 14.21 -41.41
C TYR G 54 13.18 14.80 -41.48
N ILE G 55 13.06 16.11 -41.74
CA ILE G 55 11.76 16.76 -41.76
C ILE G 55 10.91 16.23 -42.91
N SER G 56 9.60 16.20 -42.69
CA SER G 56 8.65 15.85 -43.73
C SER G 56 7.55 16.90 -43.78
N SER G 57 6.51 16.69 -44.57
CA SER G 57 5.50 17.72 -44.77
C SER G 57 4.13 17.09 -44.93
N ARG G 58 3.12 17.75 -44.36
CA ARG G 58 1.73 17.36 -44.49
C ARG G 58 0.92 18.57 -44.95
N MET G 59 -0.35 18.34 -45.26
CA MET G 59 -1.27 19.39 -45.67
C MET G 59 -2.34 19.54 -44.60
N ALA G 60 -2.22 20.59 -43.79
CA ALA G 60 -3.20 20.86 -42.74
C ALA G 60 -4.56 21.18 -43.34
N GLY G 61 -5.62 20.82 -42.61
CA GLY G 61 -6.97 21.12 -43.05
C GLY G 61 -7.29 22.59 -42.92
N GLY G 62 -7.50 23.26 -44.05
CA GLY G 62 -7.70 24.69 -44.07
C GLY G 62 -6.45 25.53 -43.93
N GLY G 63 -5.39 24.97 -43.36
CA GLY G 63 -4.14 25.70 -43.19
C GLY G 63 -3.19 25.53 -44.37
N GLN G 64 -1.90 25.41 -44.08
CA GLN G 64 -0.90 25.29 -45.14
C GLN G 64 0.08 24.17 -44.85
N LYS G 65 1.15 24.10 -45.62
CA LYS G 65 2.19 23.09 -45.46
C LYS G 65 2.81 23.16 -44.06
N VAL G 66 2.65 22.07 -43.29
CA VAL G 66 3.24 21.97 -41.96
C VAL G 66 4.36 20.93 -42.01
N CYS G 67 5.32 21.07 -41.10
CA CYS G 67 6.49 20.20 -41.05
C CYS G 67 6.48 19.36 -39.77
N TYR G 68 6.96 18.13 -39.89
CA TYR G 68 6.98 17.20 -38.77
C TYR G 68 8.20 16.29 -38.90
N ILE G 69 8.36 15.41 -37.92
CA ILE G 69 9.41 14.40 -37.92
C ILE G 69 8.78 13.03 -37.72
N GLU G 70 9.07 12.10 -38.63
CA GLU G 70 8.49 10.77 -38.55
C GLU G 70 8.94 10.05 -37.28
N GLY G 71 8.11 9.11 -36.83
CA GLY G 71 8.36 8.36 -35.61
C GLY G 71 9.68 7.62 -35.58
N HIS G 72 9.87 6.73 -36.57
CA HIS G 72 11.12 5.97 -36.66
C HIS G 72 12.34 6.87 -36.66
N ARG G 73 12.23 8.07 -37.24
CA ARG G 73 13.32 9.03 -37.22
C ARG G 73 13.72 9.36 -35.79
N VAL G 74 12.75 9.77 -34.97
CA VAL G 74 13.03 10.12 -33.57
C VAL G 74 13.51 8.90 -32.81
N ILE G 75 12.95 7.73 -33.11
CA ILE G 75 13.36 6.51 -32.41
C ILE G 75 14.84 6.22 -32.67
N ASN G 76 15.26 6.28 -33.93
CA ASN G 76 16.67 6.09 -34.26
C ASN G 76 17.54 7.18 -33.65
N LEU G 77 17.07 8.43 -33.68
CA LEU G 77 17.83 9.52 -33.07
C LEU G 77 18.09 9.25 -31.60
N ALA G 78 17.07 8.78 -30.88
CA ALA G 78 17.25 8.47 -29.46
C ALA G 78 18.19 7.28 -29.28
N ASN G 79 17.97 6.21 -30.05
CA ASN G 79 18.83 5.03 -29.95
C ASN G 79 20.28 5.35 -30.27
N GLU G 80 20.54 6.40 -31.04
CA GLU G 80 21.92 6.82 -31.30
C GLU G 80 22.46 7.73 -30.20
N MET G 81 21.68 8.74 -29.81
CA MET G 81 22.12 9.70 -28.81
C MET G 81 22.42 9.01 -27.48
N PHE G 82 21.53 8.14 -27.02
CA PHE G 82 21.65 7.51 -25.72
C PHE G 82 22.06 6.06 -25.77
N GLY G 83 21.74 5.35 -26.84
CA GLY G 83 21.97 3.93 -26.93
C GLY G 83 20.66 3.15 -26.97
N TYR G 84 20.78 1.88 -27.37
CA TYR G 84 19.58 1.03 -27.37
C TYR G 84 19.07 0.80 -25.97
N ASN G 85 19.94 0.89 -24.97
CA ASN G 85 19.57 0.72 -23.57
C ASN G 85 19.89 1.96 -22.75
N GLY G 86 20.08 3.10 -23.41
CA GLY G 86 20.38 4.34 -22.73
C GLY G 86 19.13 5.17 -22.49
N TRP G 87 18.08 4.87 -23.27
CA TRP G 87 16.80 5.54 -23.11
C TRP G 87 15.72 4.48 -22.94
N ALA G 88 14.60 4.89 -22.36
CA ALA G 88 13.47 4.00 -22.13
C ALA G 88 12.20 4.83 -22.06
N HIS G 89 11.11 4.27 -22.56
CA HIS G 89 9.82 4.94 -22.51
C HIS G 89 8.77 3.99 -21.95
N SER G 90 7.68 4.56 -21.44
CA SER G 90 6.61 3.79 -20.84
C SER G 90 5.31 4.56 -20.99
N ILE G 91 4.20 3.81 -21.02
CA ILE G 91 2.87 4.40 -21.14
C ILE G 91 2.32 4.55 -19.73
N THR G 92 2.32 5.80 -19.23
CA THR G 92 1.78 6.05 -17.90
C THR G 92 0.28 5.82 -17.86
N GLN G 93 -0.44 6.29 -18.88
CA GLN G 93 -1.88 6.09 -18.96
C GLN G 93 -2.34 6.42 -20.37
N GLN G 94 -3.25 5.60 -20.90
CA GLN G 94 -3.90 5.86 -22.18
C GLN G 94 -5.41 5.78 -21.97
N ASN G 95 -6.12 6.81 -22.39
CA ASN G 95 -7.57 6.91 -22.19
C ASN G 95 -8.23 7.35 -23.48
N VAL G 96 -9.25 6.60 -23.91
CA VAL G 96 -10.02 6.94 -25.09
C VAL G 96 -10.98 8.06 -24.72
N ASP G 97 -10.85 9.22 -25.39
CA ASP G 97 -11.67 10.37 -25.04
C ASP G 97 -13.12 10.18 -25.49
N PHE G 98 -13.32 9.77 -26.74
CA PHE G 98 -14.68 9.64 -27.25
C PHE G 98 -14.69 8.68 -28.43
N VAL G 99 -15.88 8.14 -28.70
CA VAL G 99 -16.15 7.32 -29.88
C VAL G 99 -17.54 7.69 -30.36
N ASP G 100 -17.62 8.35 -31.52
CA ASP G 100 -18.88 8.81 -32.07
C ASP G 100 -19.11 8.20 -33.45
N LEU G 101 -20.37 8.20 -33.87
CA LEU G 101 -20.76 7.60 -35.15
C LEU G 101 -21.74 8.55 -35.84
N ASN G 102 -21.33 9.09 -36.99
CA ASN G 102 -22.17 9.99 -37.78
C ASN G 102 -22.35 9.37 -39.17
N ASN G 103 -23.54 8.82 -39.41
CA ASN G 103 -23.95 8.26 -40.70
C ASN G 103 -22.82 7.46 -41.37
N GLY G 104 -22.33 6.48 -40.64
CA GLY G 104 -21.35 5.54 -41.17
C GLY G 104 -19.90 5.91 -40.96
N ALA G 105 -19.61 7.11 -40.47
CA ALA G 105 -18.24 7.54 -40.24
C ALA G 105 -17.94 7.51 -38.74
N PHE G 106 -16.81 6.90 -38.39
CA PHE G 106 -16.39 6.77 -36.99
C PHE G 106 -15.35 7.85 -36.68
N TYR G 107 -15.64 8.68 -35.68
CA TYR G 107 -14.75 9.73 -35.22
C TYR G 107 -14.24 9.36 -33.84
N VAL G 108 -12.94 9.09 -33.73
CA VAL G 108 -12.34 8.57 -32.51
C VAL G 108 -11.23 9.51 -32.06
N GLY G 109 -11.27 9.90 -30.79
CA GLY G 109 -10.18 10.65 -30.18
C GLY G 109 -9.56 9.88 -29.03
N VAL G 110 -8.24 9.78 -29.02
CA VAL G 110 -7.50 8.99 -28.03
C VAL G 110 -6.25 9.76 -27.64
N CYS G 111 -5.92 9.71 -26.35
CA CYS G 111 -4.73 10.38 -25.82
C CYS G 111 -3.90 9.38 -25.04
N ALA G 112 -2.59 9.64 -24.96
CA ALA G 112 -1.67 8.80 -24.24
C ALA G 112 -0.65 9.66 -23.50
N PHE G 113 -0.06 9.09 -22.46
CA PHE G 113 0.95 9.77 -21.64
C PHE G 113 2.21 8.91 -21.62
N VAL G 114 3.23 9.35 -22.34
CA VAL G 114 4.49 8.63 -22.46
C VAL G 114 5.52 9.30 -21.57
N ARG G 115 6.29 8.49 -20.85
CA ARG G 115 7.37 8.95 -19.98
C ARG G 115 8.67 8.34 -20.45
N VAL G 116 9.58 9.18 -20.92
CA VAL G 116 10.91 8.74 -21.37
C VAL G 116 11.90 8.95 -20.24
N GLN G 117 12.79 7.98 -20.05
CA GLN G 117 13.75 8.00 -18.96
C GLN G 117 15.10 7.53 -19.44
N LEU G 118 16.16 8.25 -19.03
CA LEU G 118 17.52 7.88 -19.34
C LEU G 118 18.11 7.02 -18.22
N LYS G 119 19.17 6.29 -18.57
CA LYS G 119 19.78 5.36 -17.62
C LYS G 119 20.29 6.05 -16.35
N ASP G 120 20.46 7.37 -16.37
CA ASP G 120 20.88 8.08 -15.17
C ASP G 120 19.73 8.41 -14.23
N GLY G 121 18.48 8.26 -14.67
CA GLY G 121 17.32 8.58 -13.88
C GLY G 121 16.54 9.78 -14.38
N SER G 122 17.16 10.63 -15.21
CA SER G 122 16.46 11.75 -15.80
C SER G 122 15.27 11.27 -16.61
N TYR G 123 14.21 12.07 -16.62
CA TYR G 123 12.95 11.64 -17.23
C TYR G 123 12.17 12.85 -17.74
N HIS G 124 11.43 12.63 -18.82
CA HIS G 124 10.52 13.62 -19.37
C HIS G 124 9.24 12.93 -19.79
N GLU G 125 8.11 13.55 -19.48
CA GLU G 125 6.79 12.97 -19.73
C GLU G 125 5.91 14.00 -20.42
N ASP G 126 5.19 13.56 -21.45
CA ASP G 126 4.35 14.46 -22.22
C ASP G 126 3.22 13.66 -22.87
N VAL G 127 2.21 14.39 -23.34
CA VAL G 127 1.01 13.79 -23.91
C VAL G 127 1.19 13.60 -25.41
N GLY G 128 0.38 12.72 -25.97
CA GLY G 128 0.27 12.58 -27.41
C GLY G 128 -1.14 12.16 -27.77
N TYR G 129 -1.57 12.54 -28.97
CA TYR G 129 -2.95 12.32 -29.39
C TYR G 129 -3.00 11.52 -30.70
N GLY G 130 -4.08 10.77 -30.84
CA GLY G 130 -4.35 10.05 -32.07
C GLY G 130 -5.77 10.28 -32.53
N VAL G 131 -5.95 10.36 -33.83
CA VAL G 131 -7.22 10.81 -34.42
C VAL G 131 -7.55 9.91 -35.62
N SER G 132 -8.76 9.38 -35.63
CA SER G 132 -9.27 8.60 -36.77
C SER G 132 -10.72 9.02 -37.00
N GLU G 133 -10.94 9.85 -38.01
CA GLU G 133 -12.27 10.38 -38.31
C GLU G 133 -12.93 9.78 -39.53
N GLY G 134 -12.15 9.35 -40.53
CA GLY G 134 -12.71 8.95 -41.81
C GLY G 134 -13.24 7.53 -41.89
N LEU G 135 -12.51 6.58 -41.32
CA LEU G 135 -12.82 5.16 -41.53
C LEU G 135 -14.21 4.81 -41.01
N ALA G 136 -14.74 3.70 -41.52
CA ALA G 136 -16.06 3.20 -41.14
C ALA G 136 -15.99 1.97 -40.26
N SER G 137 -14.80 1.46 -39.96
CA SER G 137 -14.63 0.32 -39.07
C SER G 137 -14.15 0.82 -37.72
N LYS G 138 -14.90 0.50 -36.66
CA LYS G 138 -14.54 0.93 -35.32
C LYS G 138 -13.18 0.37 -34.90
N ALA G 139 -12.97 -0.93 -35.14
CA ALA G 139 -11.70 -1.55 -34.76
C ALA G 139 -10.53 -0.89 -35.46
N LEU G 140 -10.66 -0.60 -36.75
CA LEU G 140 -9.59 0.08 -37.49
C LEU G 140 -9.34 1.47 -36.93
N SER G 141 -10.42 2.22 -36.65
CA SER G 141 -10.26 3.56 -36.12
C SER G 141 -9.53 3.54 -34.78
N LEU G 142 -9.90 2.60 -33.90
CA LEU G 142 -9.24 2.52 -32.59
C LEU G 142 -7.79 2.07 -32.73
N GLU G 143 -7.53 1.07 -33.57
CA GLU G 143 -6.16 0.64 -33.84
C GLU G 143 -5.31 1.83 -34.27
N LYS G 144 -5.80 2.64 -35.21
CA LYS G 144 -5.07 3.81 -35.64
C LYS G 144 -4.88 4.80 -34.50
N ALA G 145 -5.97 5.14 -33.81
CA ALA G 145 -5.95 6.22 -32.82
C ALA G 145 -4.99 5.92 -31.67
N ARG G 146 -5.05 4.71 -31.13
CA ARG G 146 -4.25 4.41 -29.93
C ARG G 146 -2.76 4.42 -30.24
N LYS G 147 -2.37 3.73 -31.33
CA LYS G 147 -0.97 3.71 -31.74
C LYS G 147 -0.47 5.09 -32.10
N GLU G 148 -1.28 5.87 -32.82
CA GLU G 148 -0.90 7.25 -33.15
C GLU G 148 -0.70 8.08 -31.88
N ALA G 149 -1.59 7.91 -30.90
CA ALA G 149 -1.46 8.66 -29.66
C ALA G 149 -0.17 8.32 -28.93
N VAL G 150 0.15 7.02 -28.83
CA VAL G 150 1.37 6.63 -28.13
C VAL G 150 2.61 7.13 -28.86
N THR G 151 2.64 7.02 -30.19
CA THR G 151 3.78 7.50 -30.95
C THR G 151 3.95 9.01 -30.83
N ASP G 152 2.85 9.75 -30.93
CA ASP G 152 2.90 11.20 -30.78
C ASP G 152 3.38 11.59 -29.38
N GLY G 153 2.93 10.86 -28.36
CA GLY G 153 3.40 11.12 -27.01
C GLY G 153 4.88 10.84 -26.85
N LEU G 154 5.37 9.78 -27.49
CA LEU G 154 6.80 9.50 -27.46
C LEU G 154 7.60 10.61 -28.12
N LYS G 155 7.12 11.11 -29.26
CA LYS G 155 7.79 12.23 -29.92
C LYS G 155 7.80 13.47 -29.01
N ARG G 156 6.64 13.84 -28.48
CA ARG G 156 6.55 15.04 -27.65
C ARG G 156 7.36 14.90 -26.37
N ALA G 157 7.55 13.68 -25.88
CA ALA G 157 8.33 13.48 -24.66
C ALA G 157 9.82 13.49 -24.95
N LEU G 158 10.23 12.95 -26.10
CA LEU G 158 11.64 13.03 -26.49
C LEU G 158 12.04 14.43 -26.91
N ARG G 159 11.07 15.27 -27.28
CA ARG G 159 11.37 16.66 -27.63
C ARG G 159 12.14 17.36 -26.52
N SER G 160 11.72 17.18 -25.27
CA SER G 160 12.25 17.91 -24.11
C SER G 160 13.72 17.59 -23.80
N PHE G 161 14.44 16.83 -24.63
CA PHE G 161 15.85 16.54 -24.38
C PHE G 161 16.79 17.47 -25.14
N GLY G 162 16.35 18.06 -26.24
CA GLY G 162 17.19 18.93 -27.03
C GLY G 162 16.65 19.08 -28.43
N ASN G 163 17.24 20.05 -29.15
CA ASN G 163 16.83 20.31 -30.53
C ASN G 163 17.00 19.07 -31.40
N ALA G 164 18.06 18.30 -31.15
CA ALA G 164 18.37 17.15 -32.00
C ALA G 164 17.24 16.11 -31.99
N LEU G 165 16.44 16.06 -30.93
CA LEU G 165 15.37 15.08 -30.81
C LEU G 165 14.00 15.65 -31.15
N GLY G 166 13.96 16.79 -31.83
CA GLY G 166 12.71 17.34 -32.32
C GLY G 166 12.26 18.64 -31.67
N ASN G 167 13.07 19.24 -30.80
CA ASN G 167 12.66 20.49 -30.16
C ASN G 167 12.71 21.68 -31.10
N CYS G 168 13.45 21.58 -32.20
CA CYS G 168 13.61 22.69 -33.13
C CYS G 168 12.47 22.80 -34.14
N ILE G 169 11.64 21.75 -34.27
CA ILE G 169 10.55 21.76 -35.24
C ILE G 169 9.53 22.85 -34.95
N LEU G 170 9.55 23.42 -33.74
CA LEU G 170 8.62 24.48 -33.36
C LEU G 170 9.23 25.88 -33.48
N ASP G 171 10.48 25.98 -33.89
CA ASP G 171 11.13 27.28 -34.09
C ASP G 171 10.79 27.79 -35.48
N LYS G 172 9.98 28.86 -35.55
CA LYS G 172 9.52 29.37 -36.83
C LYS G 172 10.68 29.84 -37.70
N ASP G 173 11.68 30.47 -37.09
CA ASP G 173 12.86 30.89 -37.84
C ASP G 173 13.61 29.70 -38.43
N TYR G 174 13.71 28.61 -37.66
CA TYR G 174 14.31 27.39 -38.18
C TYR G 174 13.56 26.86 -39.39
N LEU G 175 12.22 26.90 -39.36
CA LEU G 175 11.44 26.47 -40.51
C LEU G 175 11.68 27.38 -41.72
N ARG G 176 11.67 28.69 -41.49
CA ARG G 176 11.93 29.63 -42.58
C ARG G 176 13.30 29.37 -43.22
N SER G 177 14.32 29.10 -42.39
CA SER G 177 15.63 28.77 -42.93
C SER G 177 15.64 27.39 -43.60
N LEU G 178 14.73 26.50 -43.21
CA LEU G 178 14.63 25.20 -43.86
C LEU G 178 14.04 25.33 -45.26
N ASN G 179 13.09 26.26 -45.44
CA ASN G 179 12.54 26.48 -46.77
C ASN G 179 13.58 27.00 -47.75
N LYS G 180 14.63 27.67 -47.25
CA LYS G 180 15.66 28.26 -48.10
C LYS G 180 16.79 27.28 -48.43
N LEU G 181 16.52 25.99 -48.43
CA LEU G 181 17.51 24.97 -48.76
C LEU G 181 17.03 24.16 -49.96
N PRO G 182 17.96 23.54 -50.70
CA PRO G 182 17.55 22.71 -51.83
C PRO G 182 16.71 21.53 -51.37
N ARG G 183 15.53 21.38 -51.96
CA ARG G 183 14.60 20.31 -51.63
C ARG G 183 15.12 19.02 -52.25
N GLN G 184 15.86 18.24 -51.47
CA GLN G 184 16.52 17.05 -51.96
C GLN G 184 15.52 15.90 -52.14
N LEU G 185 15.89 14.96 -53.01
CA LEU G 185 15.10 13.78 -53.31
C LEU G 185 15.24 12.75 -52.18
N PRO G 186 14.25 11.89 -51.99
CA PRO G 186 14.33 10.87 -50.95
C PRO G 186 15.63 10.09 -50.99
N LEU G 187 16.19 9.83 -49.81
CA LEU G 187 17.45 9.12 -49.70
C LEU G 187 17.30 7.67 -50.15
N GLU G 188 18.40 7.12 -50.68
CA GLU G 188 18.44 5.73 -51.13
C GLU G 188 18.96 4.84 -50.01
N VAL G 189 18.27 3.74 -49.76
CA VAL G 189 18.62 2.80 -48.69
C VAL G 189 19.38 1.64 -49.29
N ASP G 190 20.55 1.35 -48.74
CA ASP G 190 21.40 0.26 -49.22
C ASP G 190 21.06 -1.01 -48.45
N LEU G 191 20.51 -2.01 -49.16
CA LEU G 191 20.12 -3.28 -48.56
C LEU G 191 21.11 -4.39 -48.86
N THR G 192 22.39 -4.06 -49.04
CA THR G 192 23.41 -5.08 -49.27
C THR G 192 23.79 -5.77 -47.96
N LYS G 193 24.28 -4.99 -46.99
CA LYS G 193 24.69 -5.51 -45.70
C LYS G 193 23.52 -5.69 -44.73
N ALA G 194 22.29 -5.75 -45.23
CA ALA G 194 21.14 -5.93 -44.37
C ALA G 194 21.17 -7.29 -43.67
N LYS G 195 20.50 -7.36 -42.52
CA LYS G 195 20.43 -8.60 -41.76
C LYS G 195 19.67 -9.65 -42.56
N ARG G 196 20.25 -10.84 -42.67
CA ARG G 196 19.69 -11.91 -43.50
C ARG G 196 19.52 -13.25 -42.78
N GLN G 197 20.02 -13.39 -41.56
CA GLN G 197 19.86 -14.63 -40.81
C GLN G 197 19.66 -14.28 -39.33
N ASP G 198 19.26 -15.29 -38.55
CA ASP G 198 18.93 -15.08 -37.16
C ASP G 198 20.18 -14.90 -36.30
N LEU G 199 21.08 -15.88 -36.35
CA LEU G 199 22.22 -15.90 -35.43
C LEU G 199 23.10 -14.67 -35.62
N GLU G 200 23.58 -14.14 -34.50
CA GLU G 200 24.52 -13.00 -34.47
C GLU G 200 25.73 -13.43 -33.66
N PRO G 201 26.68 -14.13 -34.29
CA PRO G 201 27.87 -14.58 -33.54
C PRO G 201 28.65 -13.45 -32.89
N SER G 202 28.69 -12.27 -33.52
CA SER G 202 29.36 -11.12 -32.90
C SER G 202 28.78 -10.83 -31.53
N VAL G 203 27.46 -10.90 -31.39
CA VAL G 203 26.81 -10.65 -30.11
C VAL G 203 26.91 -11.86 -29.20
N GLU G 204 26.64 -13.05 -29.75
CA GLU G 204 26.70 -14.29 -28.97
C GLU G 204 28.04 -14.45 -28.27
N GLU G 205 29.13 -14.10 -28.96
CA GLU G 205 30.48 -14.21 -28.38
C GLU G 205 30.61 -13.35 -27.14
N ALA G 206 30.33 -12.06 -27.27
CA ALA G 206 30.45 -11.14 -26.15
C ALA G 206 29.53 -11.53 -25.01
N ARG G 207 28.33 -12.04 -25.33
CA ARG G 207 27.39 -12.38 -24.27
C ARG G 207 27.83 -13.65 -23.54
N TYR G 208 28.36 -14.63 -24.27
CA TYR G 208 28.91 -15.82 -23.62
C TYR G 208 30.11 -15.48 -22.75
N ASN G 209 30.91 -14.49 -23.18
CA ASN G 209 32.01 -14.04 -22.33
C ASN G 209 31.56 -13.08 -21.23
N SER G 210 30.31 -12.62 -21.27
CA SER G 210 29.80 -11.68 -20.28
C SER G 210 29.42 -12.35 -18.96
N CYS G 211 29.49 -13.68 -18.88
CA CYS G 211 29.14 -14.39 -17.66
C CYS G 211 30.34 -14.55 -16.74
N CYS H 28 21.08 -10.81 -11.17
CA CYS H 28 19.94 -11.43 -11.81
C CYS H 28 19.36 -10.53 -12.90
N PHE H 29 18.18 -10.89 -13.40
CA PHE H 29 17.53 -10.07 -14.41
C PHE H 29 17.09 -8.74 -13.81
N GLY H 30 17.24 -7.67 -14.59
CA GLY H 30 16.99 -6.33 -14.09
C GLY H 30 18.15 -5.73 -13.31
N GLN H 31 19.12 -6.53 -12.89
CA GLN H 31 20.27 -6.07 -12.13
C GLN H 31 21.57 -6.12 -12.91
N CYS H 32 21.80 -7.19 -13.68
CA CYS H 32 23.05 -7.36 -14.41
C CYS H 32 23.26 -6.23 -15.41
N GLN H 33 24.46 -5.66 -15.40
CA GLN H 33 24.82 -4.56 -16.29
C GLN H 33 25.53 -5.08 -17.53
N TYR H 34 25.34 -4.40 -18.64
CA TYR H 34 25.94 -4.81 -19.91
C TYR H 34 27.43 -4.48 -19.92
N THR H 35 28.22 -5.43 -20.41
CA THR H 35 29.64 -5.21 -20.63
C THR H 35 29.86 -4.42 -21.92
N ALA H 36 31.08 -3.88 -22.07
CA ALA H 36 31.39 -3.05 -23.23
C ALA H 36 31.23 -3.82 -24.53
N GLU H 37 31.77 -5.05 -24.59
CA GLU H 37 31.70 -5.82 -25.82
C GLU H 37 30.26 -6.16 -26.18
N GLU H 38 29.49 -6.67 -25.20
CA GLU H 38 28.09 -6.99 -25.44
C GLU H 38 27.32 -5.76 -25.88
N TYR H 39 27.53 -4.63 -25.20
CA TYR H 39 26.85 -3.39 -25.58
C TYR H 39 27.14 -3.02 -27.02
N GLN H 40 28.42 -2.93 -27.40
CA GLN H 40 28.77 -2.49 -28.74
C GLN H 40 28.25 -3.46 -29.78
N ALA H 41 28.37 -4.76 -29.53
CA ALA H 41 27.85 -5.75 -30.46
C ALA H 41 26.35 -5.60 -30.66
N ILE H 42 25.59 -5.49 -29.56
CA ILE H 42 24.14 -5.35 -29.67
C ILE H 42 23.78 -4.08 -30.41
N GLN H 43 24.44 -2.97 -30.09
CA GLN H 43 24.14 -1.70 -30.75
C GLN H 43 24.35 -1.79 -32.25
N LYS H 44 25.55 -2.23 -32.67
CA LYS H 44 25.84 -2.30 -34.10
C LYS H 44 24.93 -3.29 -34.82
N ALA H 45 24.62 -4.42 -34.17
CA ALA H 45 23.69 -5.38 -34.76
C ALA H 45 22.28 -4.82 -34.85
N LEU H 46 21.90 -3.93 -33.93
CA LEU H 46 20.57 -3.34 -33.96
C LEU H 46 20.46 -2.22 -34.98
N ARG H 47 21.58 -1.61 -35.38
CA ARG H 47 21.51 -0.67 -36.49
C ARG H 47 21.26 -1.35 -37.83
N GLN H 48 21.38 -2.68 -37.90
CA GLN H 48 21.14 -3.41 -39.15
C GLN H 48 19.68 -3.27 -39.58
N ARG H 49 19.46 -3.44 -40.88
CA ARG H 49 18.13 -3.56 -41.47
C ARG H 49 17.88 -5.00 -41.88
N LEU H 50 16.61 -5.34 -42.05
CA LEU H 50 16.22 -6.72 -42.33
C LEU H 50 16.16 -6.97 -43.83
N GLY H 51 16.35 -8.22 -44.21
CA GLY H 51 16.28 -8.64 -45.60
C GLY H 51 14.92 -9.19 -45.96
N PRO H 52 14.72 -9.49 -47.26
CA PRO H 52 13.43 -10.06 -47.68
C PRO H 52 13.07 -11.37 -47.00
N GLU H 53 14.03 -12.08 -46.41
CA GLU H 53 13.75 -13.34 -45.73
C GLU H 53 12.88 -13.14 -44.48
N TYR H 54 12.68 -11.90 -44.04
CA TYR H 54 11.87 -11.60 -42.87
C TYR H 54 10.57 -10.89 -43.22
N ILE H 55 10.61 -9.93 -44.15
CA ILE H 55 9.43 -9.16 -44.51
C ILE H 55 8.41 -10.06 -45.20
N SER H 56 7.14 -9.75 -44.99
CA SER H 56 6.04 -10.42 -45.70
C SER H 56 5.10 -9.36 -46.24
N SER H 57 3.96 -9.78 -46.82
CA SER H 57 3.07 -8.83 -47.47
C SER H 57 1.62 -9.25 -47.26
N ARG H 58 0.77 -8.26 -47.05
CA ARG H 58 -0.67 -8.44 -46.92
C ARG H 58 -1.39 -7.50 -47.87
N MET H 59 -2.72 -7.65 -47.94
CA MET H 59 -3.57 -6.80 -48.76
C MET H 59 -4.47 -5.98 -47.83
N ALA H 60 -4.13 -4.70 -47.67
CA ALA H 60 -4.94 -3.81 -46.85
C ALA H 60 -6.33 -3.64 -47.45
N GLY H 61 -7.31 -3.43 -46.58
CA GLY H 61 -8.67 -3.21 -47.02
C GLY H 61 -8.84 -1.86 -47.69
N GLY H 62 -9.11 -1.85 -48.99
CA GLY H 62 -9.17 -0.62 -49.75
C GLY H 62 -7.82 -0.05 -50.14
N GLY H 63 -6.76 -0.38 -49.42
CA GLY H 63 -5.44 0.13 -49.72
C GLY H 63 -4.65 -0.73 -50.68
N GLN H 64 -3.34 -0.87 -50.43
CA GLN H 64 -2.48 -1.63 -51.33
C GLN H 64 -1.59 -2.60 -50.55
N LYS H 65 -0.60 -3.16 -51.23
CA LYS H 65 0.33 -4.09 -50.61
C LYS H 65 1.07 -3.43 -49.44
N VAL H 66 0.89 -3.99 -48.24
CA VAL H 66 1.57 -3.52 -47.05
C VAL H 66 2.58 -4.59 -46.63
N CYS H 67 3.63 -4.16 -45.95
CA CYS H 67 4.71 -5.03 -45.53
C CYS H 67 4.75 -5.13 -44.00
N TYR H 68 5.05 -6.32 -43.50
CA TYR H 68 5.08 -6.55 -42.06
C TYR H 68 6.15 -7.59 -41.74
N ILE H 69 6.30 -7.88 -40.45
CA ILE H 69 7.19 -8.92 -39.96
C ILE H 69 6.39 -9.85 -39.06
N GLU H 70 6.40 -11.14 -39.36
CA GLU H 70 5.65 -12.11 -38.58
C GLU H 70 6.14 -12.15 -37.13
N GLY H 71 5.24 -12.55 -36.23
CA GLY H 71 5.52 -12.60 -34.81
C GLY H 71 6.73 -13.45 -34.44
N HIS H 72 6.70 -14.73 -34.81
CA HIS H 72 7.82 -15.62 -34.51
C HIS H 72 9.14 -15.07 -35.02
N ARG H 73 9.11 -14.34 -36.14
CA ARG H 73 10.32 -13.70 -36.64
C ARG H 73 10.91 -12.74 -35.61
N VAL H 74 10.07 -11.83 -35.10
CA VAL H 74 10.53 -10.86 -34.10
C VAL H 74 10.95 -11.58 -32.82
N ILE H 75 10.23 -12.64 -32.45
CA ILE H 75 10.58 -13.39 -31.24
C ILE H 75 11.98 -13.97 -31.36
N ASN H 76 12.27 -14.62 -32.49
CA ASN H 76 13.60 -15.17 -32.71
C ASN H 76 14.65 -14.06 -32.77
N LEU H 77 14.32 -12.94 -33.43
CA LEU H 77 15.25 -11.82 -33.49
C LEU H 77 15.64 -11.34 -32.09
N ALA H 78 14.65 -11.22 -31.20
CA ALA H 78 14.94 -10.80 -29.84
C ALA H 78 15.75 -11.86 -29.09
N ASN H 79 15.34 -13.12 -29.19
CA ASN H 79 16.05 -14.21 -28.53
C ASN H 79 17.50 -14.33 -29.00
N GLU H 80 17.80 -13.85 -30.21
CA GLU H 80 19.18 -13.85 -30.68
C GLU H 80 19.92 -12.59 -30.24
N MET H 81 19.31 -11.42 -30.42
CA MET H 81 19.98 -10.17 -30.09
C MET H 81 20.32 -10.09 -28.61
N PHE H 82 19.37 -10.45 -27.74
CA PHE H 82 19.56 -10.32 -26.30
C PHE H 82 19.80 -11.65 -25.59
N GLY H 83 19.26 -12.74 -26.12
CA GLY H 83 19.33 -14.02 -25.46
C GLY H 83 17.96 -14.51 -25.04
N TYR H 84 17.88 -15.80 -24.73
CA TYR H 84 16.62 -16.34 -24.22
C TYR H 84 16.29 -15.75 -22.86
N ASN H 85 17.29 -15.30 -22.10
CA ASN H 85 17.09 -14.69 -20.80
C ASN H 85 17.64 -13.27 -20.76
N GLY H 86 17.87 -12.64 -21.91
CA GLY H 86 18.37 -11.29 -21.95
C GLY H 86 17.27 -10.27 -22.14
N TRP H 87 16.12 -10.71 -22.62
CA TRP H 87 14.96 -9.85 -22.80
C TRP H 87 13.76 -10.49 -22.10
N ALA H 88 12.77 -9.66 -21.80
CA ALA H 88 11.56 -10.12 -21.13
C ALA H 88 10.42 -9.18 -21.49
N HIS H 89 9.21 -9.74 -21.62
CA HIS H 89 8.02 -8.95 -21.91
C HIS H 89 6.92 -9.31 -20.92
N SER H 90 5.97 -8.39 -20.78
CA SER H 90 4.85 -8.56 -19.86
C SER H 90 3.65 -7.80 -20.37
N ILE H 91 2.47 -8.27 -20.00
CA ILE H 91 1.22 -7.63 -20.39
C ILE H 91 0.82 -6.67 -19.27
N THR H 92 1.03 -5.38 -19.50
CA THR H 92 0.65 -4.39 -18.49
C THR H 92 -0.87 -4.34 -18.32
N GLN H 93 -1.61 -4.35 -19.43
CA GLN H 93 -3.07 -4.35 -19.37
C GLN H 93 -3.62 -4.71 -20.74
N GLN H 94 -4.66 -5.53 -20.77
CA GLN H 94 -5.41 -5.84 -21.98
C GLN H 94 -6.88 -5.58 -21.72
N ASN H 95 -7.51 -4.81 -22.60
CA ASN H 95 -8.90 -4.40 -22.43
C ASN H 95 -9.66 -4.58 -23.73
N VAL H 96 -10.79 -5.27 -23.66
CA VAL H 96 -11.65 -5.46 -24.83
C VAL H 96 -12.42 -4.16 -25.07
N ASP H 97 -12.22 -3.56 -26.23
CA ASP H 97 -12.83 -2.26 -26.52
C ASP H 97 -14.33 -2.41 -26.76
N PHE H 98 -14.74 -3.35 -27.60
CA PHE H 98 -16.14 -3.50 -27.96
C PHE H 98 -16.40 -4.91 -28.45
N VAL H 99 -17.67 -5.31 -28.39
CA VAL H 99 -18.15 -6.56 -28.96
C VAL H 99 -19.53 -6.27 -29.55
N ASP H 100 -19.64 -6.28 -30.88
CA ASP H 100 -20.89 -5.99 -31.56
C ASP H 100 -21.31 -7.19 -32.40
N LEU H 101 -22.59 -7.20 -32.77
CA LEU H 101 -23.18 -8.31 -33.52
C LEU H 101 -24.04 -7.74 -34.63
N ASN H 102 -23.65 -7.99 -35.88
CA ASN H 102 -24.38 -7.54 -37.06
C ASN H 102 -24.77 -8.76 -37.89
N ASN H 103 -26.05 -9.12 -37.85
CA ASN H 103 -26.66 -10.20 -38.63
C ASN H 103 -25.76 -11.44 -38.68
N GLY H 104 -25.42 -11.95 -37.50
CA GLY H 104 -24.70 -13.19 -37.37
C GLY H 104 -23.20 -13.08 -37.35
N ALA H 105 -22.64 -11.89 -37.59
CA ALA H 105 -21.20 -11.69 -37.61
C ALA H 105 -20.77 -10.97 -36.34
N PHE H 106 -19.73 -11.48 -35.69
CA PHE H 106 -19.23 -10.93 -34.44
C PHE H 106 -18.02 -10.04 -34.74
N TYR H 107 -18.12 -8.78 -34.34
CA TYR H 107 -17.06 -7.80 -34.53
C TYR H 107 -16.47 -7.45 -33.17
N VAL H 108 -15.21 -7.80 -32.96
CA VAL H 108 -14.54 -7.67 -31.67
C VAL H 108 -13.30 -6.81 -31.85
N GLY H 109 -13.17 -5.80 -31.00
CA GLY H 109 -11.95 -5.02 -30.93
C GLY H 109 -11.28 -5.16 -29.57
N VAL H 110 -9.99 -5.44 -29.57
CA VAL H 110 -9.24 -5.70 -28.34
C VAL H 110 -7.88 -5.04 -28.46
N CYS H 111 -7.41 -4.46 -27.36
CA CYS H 111 -6.11 -3.82 -27.32
C CYS H 111 -5.32 -4.36 -26.14
N ALA H 112 -3.99 -4.32 -26.25
CA ALA H 112 -3.11 -4.81 -25.20
C ALA H 112 -1.92 -3.87 -25.08
N PHE H 113 -1.30 -3.89 -23.90
CA PHE H 113 -0.14 -3.05 -23.60
C PHE H 113 0.99 -3.96 -23.15
N VAL H 114 1.97 -4.15 -24.02
CA VAL H 114 3.11 -5.02 -23.74
C VAL H 114 4.31 -4.16 -23.38
N ARG H 115 5.04 -4.57 -22.34
CA ARG H 115 6.24 -3.89 -21.88
C ARG H 115 7.41 -4.85 -21.96
N VAL H 116 8.37 -4.54 -22.81
CA VAL H 116 9.57 -5.36 -22.98
C VAL H 116 10.68 -4.75 -22.12
N GLN H 117 11.45 -5.61 -21.47
CA GLN H 117 12.49 -5.18 -20.56
C GLN H 117 13.74 -6.04 -20.74
N LEU H 118 14.89 -5.40 -20.80
CA LEU H 118 16.16 -6.09 -20.91
C LEU H 118 16.75 -6.34 -19.52
N LYS H 119 17.66 -7.32 -19.46
CA LYS H 119 18.26 -7.71 -18.19
C LYS H 119 19.00 -6.57 -17.50
N ASP H 120 19.33 -5.50 -18.22
CA ASP H 120 19.98 -4.35 -17.62
C ASP H 120 19.00 -3.41 -16.94
N GLY H 121 17.70 -3.55 -17.19
CA GLY H 121 16.69 -2.67 -16.64
C GLY H 121 16.02 -1.79 -17.67
N SER H 122 16.62 -1.60 -18.84
CA SER H 122 15.99 -0.83 -19.91
C SER H 122 14.66 -1.46 -20.31
N TYR H 123 13.72 -0.62 -20.70
CA TYR H 123 12.36 -1.09 -20.95
C TYR H 123 11.67 -0.21 -22.00
N HIS H 124 10.80 -0.84 -22.78
CA HIS H 124 9.95 -0.15 -23.74
C HIS H 124 8.56 -0.75 -23.68
N GLU H 125 7.55 0.10 -23.71
CA GLU H 125 6.16 -0.30 -23.59
C GLU H 125 5.35 0.33 -24.71
N ASP H 126 4.47 -0.46 -25.33
CA ASP H 126 3.68 0.02 -26.45
C ASP H 126 2.40 -0.79 -26.56
N VAL H 127 1.46 -0.27 -27.36
CA VAL H 127 0.14 -0.86 -27.51
C VAL H 127 0.15 -1.87 -28.66
N GLY H 128 -0.83 -2.74 -28.65
CA GLY H 128 -1.10 -3.62 -29.79
C GLY H 128 -2.58 -3.89 -29.87
N TYR H 129 -3.06 -4.15 -31.07
CA TYR H 129 -4.49 -4.30 -31.32
C TYR H 129 -4.79 -5.64 -31.98
N GLY H 130 -5.98 -6.15 -31.70
CA GLY H 130 -6.47 -7.35 -32.35
C GLY H 130 -7.87 -7.15 -32.85
N VAL H 131 -8.17 -7.76 -33.99
CA VAL H 131 -9.40 -7.48 -34.73
C VAL H 131 -9.95 -8.80 -35.25
N SER H 132 -11.24 -9.06 -34.98
CA SER H 132 -11.95 -10.23 -35.52
C SER H 132 -13.34 -9.75 -35.95
N GLU H 133 -13.54 -9.60 -37.26
CA GLU H 133 -14.78 -9.08 -37.81
C GLU H 133 -15.68 -10.13 -38.45
N GLY H 134 -15.10 -11.17 -39.04
CA GLY H 134 -15.86 -12.10 -39.86
C GLY H 134 -16.60 -13.21 -39.14
N LEU H 135 -15.95 -13.83 -38.16
CA LEU H 135 -16.45 -15.08 -37.58
C LEU H 135 -17.82 -14.88 -36.92
N ALA H 136 -18.53 -15.99 -36.76
CA ALA H 136 -19.85 -16.01 -36.15
C ALA H 136 -19.84 -16.60 -34.74
N SER H 137 -18.69 -17.07 -34.26
CA SER H 137 -18.55 -17.60 -32.92
C SER H 137 -17.87 -16.55 -32.04
N LYS H 138 -18.54 -16.18 -30.95
CA LYS H 138 -17.99 -15.18 -30.04
C LYS H 138 -16.65 -15.63 -29.46
N ALA H 139 -16.60 -16.88 -28.99
CA ALA H 139 -15.37 -17.40 -28.39
C ALA H 139 -14.21 -17.35 -29.38
N LEU H 140 -14.44 -17.75 -30.63
CA LEU H 140 -13.38 -17.71 -31.64
C LEU H 140 -12.93 -16.28 -31.90
N SER H 141 -13.87 -15.36 -32.03
CA SER H 141 -13.52 -13.97 -32.29
C SER H 141 -12.67 -13.39 -31.15
N LEU H 142 -13.05 -13.67 -29.90
CA LEU H 142 -12.28 -13.17 -28.77
C LEU H 142 -10.91 -13.83 -28.68
N GLU H 143 -10.85 -15.16 -28.87
CA GLU H 143 -9.58 -15.87 -28.91
C GLU H 143 -8.63 -15.23 -29.91
N LYS H 144 -9.12 -14.97 -31.13
CA LYS H 144 -8.29 -14.34 -32.14
C LYS H 144 -7.87 -12.93 -31.70
N ALA H 145 -8.84 -12.12 -31.26
CA ALA H 145 -8.58 -10.70 -31.00
C ALA H 145 -7.55 -10.51 -29.89
N ARG H 146 -7.68 -11.25 -28.79
CA ARG H 146 -6.81 -11.02 -27.64
C ARG H 146 -5.37 -11.43 -27.95
N LYS H 147 -5.20 -12.61 -28.53
CA LYS H 147 -3.85 -13.07 -28.90
C LYS H 147 -3.23 -12.16 -29.94
N GLU H 148 -4.01 -11.73 -30.94
CA GLU H 148 -3.49 -10.80 -31.93
C GLU H 148 -3.07 -9.49 -31.27
N ALA H 149 -3.84 -9.00 -30.31
CA ALA H 149 -3.50 -7.75 -29.63
C ALA H 149 -2.19 -7.88 -28.88
N VAL H 150 -2.02 -8.98 -28.14
CA VAL H 150 -0.78 -9.16 -27.38
C VAL H 150 0.42 -9.30 -28.31
N THR H 151 0.28 -10.08 -29.38
CA THR H 151 1.39 -10.25 -30.32
C THR H 151 1.75 -8.92 -30.99
N ASP H 152 0.75 -8.17 -31.44
CA ASP H 152 0.98 -6.87 -32.05
C ASP H 152 1.65 -5.92 -31.06
N GLY H 153 1.23 -5.95 -29.80
CA GLY H 153 1.87 -5.11 -28.80
C GLY H 153 3.33 -5.49 -28.57
N LEU H 154 3.62 -6.80 -28.56
CA LEU H 154 5.00 -7.23 -28.42
C LEU H 154 5.84 -6.75 -29.59
N LYS H 155 5.30 -6.85 -30.81
CA LYS H 155 6.01 -6.35 -31.98
C LYS H 155 6.27 -4.84 -31.86
N ARG H 156 5.22 -4.07 -31.56
CA ARG H 156 5.37 -2.62 -31.47
C ARG H 156 6.29 -2.20 -30.34
N ALA H 157 6.40 -3.01 -29.29
CA ALA H 157 7.27 -2.66 -28.18
C ALA H 157 8.73 -3.03 -28.49
N LEU H 158 8.95 -4.14 -29.18
CA LEU H 158 10.30 -4.47 -29.61
C LEU H 158 10.79 -3.58 -30.74
N ARG H 159 9.88 -2.95 -31.47
CA ARG H 159 10.28 -2.02 -32.54
C ARG H 159 11.23 -0.94 -32.04
N SER H 160 10.93 -0.35 -30.88
CA SER H 160 11.65 0.81 -30.34
C SER H 160 13.12 0.51 -29.95
N PHE H 161 13.70 -0.66 -30.25
CA PHE H 161 15.08 -0.93 -29.91
C PHE H 161 16.05 -0.66 -31.06
N GLY H 162 15.58 -0.69 -32.30
CA GLY H 162 16.46 -0.47 -33.43
C GLY H 162 15.84 -1.00 -34.70
N ASN H 163 16.46 -0.63 -35.82
CA ASN H 163 15.98 -1.07 -37.13
C ASN H 163 15.93 -2.58 -37.22
N ALA H 164 16.91 -3.27 -36.62
CA ALA H 164 16.99 -4.73 -36.75
C ALA H 164 15.77 -5.41 -36.13
N LEU H 165 15.12 -4.78 -35.16
CA LEU H 165 13.97 -5.37 -34.48
C LEU H 165 12.63 -4.84 -34.99
N GLY H 166 12.62 -4.22 -36.17
CA GLY H 166 11.38 -3.79 -36.79
C GLY H 166 11.16 -2.29 -36.91
N ASN H 167 12.14 -1.47 -36.53
CA ASN H 167 11.97 -0.02 -36.65
C ASN H 167 12.02 0.45 -38.09
N CYS H 168 12.60 -0.34 -38.98
CA CYS H 168 12.75 0.06 -40.37
C CYS H 168 11.53 -0.26 -41.22
N ILE H 169 10.60 -1.09 -40.73
CA ILE H 169 9.42 -1.46 -41.50
C ILE H 169 8.54 -0.26 -41.80
N LEU H 170 8.74 0.86 -41.09
CA LEU H 170 7.98 2.07 -41.31
C LEU H 170 8.75 3.10 -42.14
N ASP H 171 9.97 2.78 -42.56
CA ASP H 171 10.77 3.67 -43.40
C ASP H 171 10.37 3.44 -44.86
N LYS H 172 9.72 4.45 -45.46
CA LYS H 172 9.21 4.30 -46.81
C LYS H 172 10.33 4.04 -47.82
N ASP H 173 11.47 4.71 -47.64
CA ASP H 173 12.61 4.47 -48.51
C ASP H 173 13.11 3.03 -48.39
N TYR H 174 13.12 2.50 -47.17
CA TYR H 174 13.48 1.10 -46.97
C TYR H 174 12.53 0.18 -47.73
N LEU H 175 11.24 0.48 -47.72
CA LEU H 175 10.28 -0.33 -48.47
C LEU H 175 10.54 -0.24 -49.97
N ARG H 176 10.78 0.99 -50.47
CA ARG H 176 11.07 1.16 -51.90
C ARG H 176 12.31 0.35 -52.30
N SER H 177 13.35 0.38 -51.46
CA SER H 177 14.54 -0.41 -51.75
C SER H 177 14.29 -1.91 -51.62
N LEU H 178 13.31 -2.30 -50.80
CA LEU H 178 12.96 -3.71 -50.71
C LEU H 178 12.25 -4.19 -51.97
N ASN H 179 11.41 -3.33 -52.56
CA ASN H 179 10.76 -3.67 -53.81
C ASN H 179 11.77 -3.86 -54.93
N LYS H 180 12.94 -3.22 -54.83
CA LYS H 180 13.98 -3.29 -55.85
C LYS H 180 14.93 -4.46 -55.64
N LEU H 181 14.47 -5.53 -54.99
CA LEU H 181 15.26 -6.71 -54.73
C LEU H 181 14.57 -7.94 -55.35
N PRO H 182 15.33 -8.99 -55.65
CA PRO H 182 14.71 -10.20 -56.21
C PRO H 182 13.73 -10.83 -55.22
N ARG H 183 12.50 -11.06 -55.69
CA ARG H 183 11.49 -11.68 -54.85
C ARG H 183 11.81 -13.16 -54.73
N GLN H 184 12.54 -13.53 -53.67
CA GLN H 184 13.04 -14.88 -53.53
C GLN H 184 11.95 -15.84 -53.09
N LEU H 185 12.16 -17.13 -53.40
CA LEU H 185 11.23 -18.19 -53.05
C LEU H 185 11.40 -18.55 -51.58
N PRO H 186 10.34 -19.05 -50.93
CA PRO H 186 10.45 -19.45 -49.52
C PRO H 186 11.64 -20.35 -49.25
N LEU H 187 12.33 -20.08 -48.15
CA LEU H 187 13.49 -20.87 -47.76
C LEU H 187 13.07 -22.29 -47.38
N GLU H 188 13.99 -23.24 -47.59
CA GLU H 188 13.76 -24.63 -47.25
C GLU H 188 14.30 -24.92 -45.85
N VAL H 189 13.47 -25.57 -45.03
CA VAL H 189 13.82 -25.87 -43.64
C VAL H 189 14.30 -27.32 -43.56
N ASP H 190 15.48 -27.51 -42.97
CA ASP H 190 16.07 -28.84 -42.81
C ASP H 190 15.68 -29.39 -41.45
N LEU H 191 14.90 -30.49 -41.45
CA LEU H 191 14.43 -31.12 -40.23
C LEU H 191 15.23 -32.37 -39.85
N THR H 192 16.51 -32.41 -40.20
CA THR H 192 17.34 -33.56 -39.84
C THR H 192 17.74 -33.50 -38.36
N LYS H 193 18.42 -32.43 -37.96
CA LYS H 193 18.88 -32.26 -36.59
C LYS H 193 17.80 -31.70 -35.66
N ALA H 194 16.52 -31.83 -36.03
CA ALA H 194 15.45 -31.33 -35.18
C ALA H 194 15.41 -32.09 -33.87
N LYS H 195 14.87 -31.44 -32.84
CA LYS H 195 14.76 -32.08 -31.53
C LYS H 195 13.81 -33.27 -31.60
N ARG H 196 14.27 -34.41 -31.08
CA ARG H 196 13.51 -35.65 -31.18
C ARG H 196 13.31 -36.37 -29.86
N GLN H 197 13.90 -35.92 -28.77
CA GLN H 197 13.70 -36.53 -27.46
C GLN H 197 13.70 -35.44 -26.39
N ASP H 198 13.29 -35.83 -25.19
CA ASP H 198 13.14 -34.88 -24.09
C ASP H 198 14.49 -34.48 -23.52
N LEU H 199 15.28 -35.46 -23.09
CA LEU H 199 16.51 -35.19 -22.35
C LEU H 199 17.50 -34.38 -23.18
N GLU H 200 18.16 -33.43 -22.51
CA GLU H 200 19.21 -32.61 -23.11
C GLU H 200 20.45 -32.76 -22.24
N PRO H 201 21.24 -33.81 -22.45
CA PRO H 201 22.43 -34.01 -21.61
C PRO H 201 23.42 -32.85 -21.64
N SER H 202 23.54 -32.17 -22.79
CA SER H 202 24.38 -30.99 -22.85
C SER H 202 23.98 -29.95 -21.81
N VAL H 203 22.68 -29.76 -21.62
CA VAL H 203 22.17 -28.80 -20.63
C VAL H 203 22.23 -29.38 -19.23
N GLU H 204 21.79 -30.64 -19.09
CA GLU H 204 21.81 -31.31 -17.79
C GLU H 204 23.19 -31.27 -17.15
N GLU H 205 24.24 -31.49 -17.95
CA GLU H 205 25.61 -31.47 -17.44
C GLU H 205 25.96 -30.11 -16.85
N ALA H 206 25.81 -29.07 -17.67
CA ALA H 206 26.16 -27.72 -17.22
C ALA H 206 25.34 -27.30 -16.02
N ARG H 207 24.07 -27.68 -15.97
CA ARG H 207 23.23 -27.27 -14.85
C ARG H 207 23.58 -28.02 -13.57
N TYR H 208 23.90 -29.32 -13.69
CA TYR H 208 24.35 -30.07 -12.53
C TYR H 208 25.67 -29.54 -12.01
N ASN H 209 26.53 -29.05 -12.90
CA ASN H 209 27.77 -28.40 -12.47
C ASN H 209 27.56 -26.95 -12.05
N SER H 210 26.37 -26.39 -12.28
CA SER H 210 26.08 -24.99 -11.96
C SER H 210 25.82 -24.76 -10.47
N CYS H 211 25.77 -25.81 -9.66
CA CYS H 211 25.52 -25.64 -8.23
C CYS H 211 26.83 -25.46 -7.47
N CYS I 28 18.29 -18.04 -4.30
CA CYS I 28 17.01 -18.70 -4.50
C CYS I 28 16.46 -18.41 -5.89
N PHE I 29 15.19 -18.76 -6.11
CA PHE I 29 14.54 -18.50 -7.38
C PHE I 29 14.34 -17.01 -7.57
N GLY I 30 14.54 -16.54 -8.81
CA GLY I 30 14.53 -15.13 -9.10
C GLY I 30 15.82 -14.41 -8.81
N GLN I 31 16.73 -15.02 -8.05
CA GLN I 31 18.00 -14.41 -7.68
C GLN I 31 19.20 -15.09 -8.36
N CYS I 32 19.20 -16.41 -8.44
CA CYS I 32 20.33 -17.14 -9.00
C CYS I 32 20.56 -16.75 -10.46
N GLN I 33 21.82 -16.48 -10.79
CA GLN I 33 22.21 -16.09 -12.14
C GLN I 33 22.71 -17.30 -12.92
N TYR I 34 22.48 -17.28 -14.23
CA TYR I 34 22.89 -18.38 -15.09
C TYR I 34 24.40 -18.35 -15.30
N THR I 35 25.02 -19.51 -15.21
CA THR I 35 26.43 -19.64 -15.54
C THR I 35 26.62 -19.68 -17.05
N ALA I 36 27.86 -19.48 -17.49
CA ALA I 36 28.16 -19.45 -18.92
C ALA I 36 27.79 -20.76 -19.60
N GLU I 37 28.17 -21.89 -18.99
CA GLU I 37 27.91 -23.18 -19.60
C GLU I 37 26.41 -23.44 -19.70
N GLU I 38 25.69 -23.25 -18.60
CA GLU I 38 24.23 -23.43 -18.60
C GLU I 38 23.56 -22.51 -19.61
N TYR I 39 23.97 -21.24 -19.63
CA TYR I 39 23.41 -20.29 -20.59
C TYR I 39 23.60 -20.77 -22.02
N GLN I 40 24.84 -21.07 -22.41
CA GLN I 40 25.10 -21.45 -23.79
C GLN I 40 24.38 -22.74 -24.16
N ALA I 41 24.37 -23.73 -23.26
CA ALA I 41 23.66 -24.97 -23.52
C ALA I 41 22.18 -24.72 -23.75
N ILE I 42 21.54 -23.96 -22.86
CA ILE I 42 20.12 -23.68 -23.00
C ILE I 42 19.83 -22.93 -24.29
N GLN I 43 20.66 -21.93 -24.61
CA GLN I 43 20.46 -21.15 -25.83
C GLN I 43 20.52 -22.04 -27.07
N LYS I 44 21.59 -22.84 -27.20
CA LYS I 44 21.74 -23.68 -28.38
C LYS I 44 20.63 -24.72 -28.45
N ALA I 45 20.22 -25.28 -27.31
CA ALA I 45 19.11 -26.23 -27.32
C ALA I 45 17.79 -25.56 -27.68
N LEU I 46 17.64 -24.27 -27.35
CA LEU I 46 16.41 -23.55 -27.68
C LEU I 46 16.35 -23.11 -29.13
N ARG I 47 17.50 -23.00 -29.80
CA ARG I 47 17.45 -22.75 -31.24
C ARG I 47 16.99 -23.97 -32.03
N GLN I 48 16.93 -25.15 -31.41
CA GLN I 48 16.48 -26.36 -32.09
C GLN I 48 15.02 -26.25 -32.50
N ARG I 49 14.64 -27.02 -33.51
CA ARG I 49 13.26 -27.22 -33.91
C ARG I 49 12.81 -28.62 -33.51
N LEU I 50 11.50 -28.82 -33.45
CA LEU I 50 10.93 -30.08 -32.98
C LEU I 50 10.69 -31.04 -34.14
N GLY I 51 10.68 -32.33 -33.82
CA GLY I 51 10.42 -33.36 -34.80
C GLY I 51 8.97 -33.79 -34.81
N PRO I 52 8.60 -34.65 -35.77
CA PRO I 52 7.21 -35.14 -35.83
C PRO I 52 6.73 -35.86 -34.58
N GLU I 53 7.64 -36.33 -33.72
CA GLU I 53 7.23 -37.02 -32.51
C GLU I 53 6.50 -36.13 -31.52
N TYR I 54 6.48 -34.82 -31.75
CA TYR I 54 5.80 -33.87 -30.86
C TYR I 54 4.56 -33.26 -31.48
N ILE I 55 4.60 -32.92 -32.77
CA ILE I 55 3.49 -32.26 -33.42
C ILE I 55 2.29 -33.21 -33.50
N SER I 56 1.10 -32.63 -33.45
CA SER I 56 -0.14 -33.37 -33.66
C SER I 56 -1.01 -32.62 -34.66
N SER I 57 -2.24 -33.10 -34.88
CA SER I 57 -3.09 -32.52 -35.91
C SER I 57 -4.54 -32.54 -35.48
N ARG I 58 -5.27 -31.49 -35.84
CA ARG I 58 -6.69 -31.37 -35.59
C ARG I 58 -7.38 -31.01 -36.91
N MET I 59 -8.71 -31.02 -36.90
CA MET I 59 -9.51 -30.65 -38.06
C MET I 59 -10.25 -29.36 -37.74
N ALA I 60 -9.75 -28.25 -38.28
CA ALA I 60 -10.39 -26.95 -38.06
C ALA I 60 -11.78 -26.94 -38.68
N GLY I 61 -12.68 -26.17 -38.07
CA GLY I 61 -14.02 -26.01 -38.60
C GLY I 61 -14.03 -25.15 -39.84
N GLY I 62 -14.37 -25.76 -40.98
CA GLY I 62 -14.31 -25.08 -42.26
C GLY I 62 -12.91 -24.96 -42.85
N GLY I 63 -11.87 -25.04 -42.03
CA GLY I 63 -10.52 -24.91 -42.54
C GLY I 63 -9.89 -26.23 -42.93
N GLN I 64 -8.59 -26.40 -42.65
CA GLN I 64 -7.87 -27.60 -43.03
C GLN I 64 -7.03 -28.13 -41.87
N LYS I 65 -6.15 -29.08 -42.15
CA LYS I 65 -5.27 -29.68 -41.15
C LYS I 65 -4.38 -28.62 -40.50
N VAL I 66 -4.53 -28.47 -39.18
CA VAL I 66 -3.69 -27.57 -38.39
C VAL I 66 -2.76 -28.40 -37.52
N CYS I 67 -1.62 -27.82 -37.18
CA CYS I 67 -0.59 -28.48 -36.38
C CYS I 67 -0.44 -27.77 -35.05
N TYR I 68 -0.22 -28.55 -33.99
CA TYR I 68 -0.07 -28.00 -32.65
C TYR I 68 0.87 -28.89 -31.85
N ILE I 69 1.13 -28.48 -30.61
CA ILE I 69 1.93 -29.25 -29.66
C ILE I 69 1.11 -29.41 -28.39
N GLU I 70 0.94 -30.65 -27.95
CA GLU I 70 0.16 -30.93 -26.74
C GLU I 70 0.82 -30.30 -25.52
N GLY I 71 -0.01 -30.00 -24.51
CA GLY I 71 0.42 -29.35 -23.30
C GLY I 71 1.53 -30.06 -22.54
N HIS I 72 1.28 -31.30 -22.14
CA HIS I 72 2.29 -32.08 -21.41
C HIS I 72 3.62 -32.13 -22.15
N ARG I 73 3.58 -32.13 -23.49
CA ARG I 73 4.82 -32.07 -24.27
C ARG I 73 5.62 -30.82 -23.93
N VAL I 74 4.98 -29.65 -24.00
CA VAL I 74 5.67 -28.40 -23.69
C VAL I 74 6.12 -28.37 -22.23
N ILE I 75 5.30 -28.93 -21.34
CA ILE I 75 5.66 -28.97 -19.92
C ILE I 75 6.94 -29.75 -19.71
N ASN I 76 7.02 -30.94 -20.31
CA ASN I 76 8.24 -31.74 -20.22
C ASN I 76 9.42 -31.04 -20.89
N LEU I 77 9.17 -30.40 -22.03
CA LEU I 77 10.23 -29.65 -22.70
C LEU I 77 10.82 -28.59 -21.79
N ALA I 78 9.96 -27.86 -21.08
CA ALA I 78 10.44 -26.84 -20.14
C ALA I 78 11.18 -27.47 -18.97
N ASN I 79 10.59 -28.52 -18.38
CA ASN I 79 11.24 -29.20 -17.26
C ASN I 79 12.59 -29.78 -17.63
N GLU I 80 12.83 -30.06 -18.90
CA GLU I 80 14.14 -30.52 -19.34
C GLU I 80 15.08 -29.37 -19.65
N MET I 81 14.60 -28.37 -20.41
CA MET I 81 15.45 -27.25 -20.81
C MET I 81 15.96 -26.48 -19.60
N PHE I 82 15.06 -26.16 -18.65
CA PHE I 82 15.43 -25.35 -17.51
C PHE I 82 15.54 -26.12 -16.21
N GLY I 83 14.80 -27.21 -16.06
CA GLY I 83 14.76 -27.96 -14.83
C GLY I 83 13.39 -27.88 -14.18
N TYR I 84 13.17 -28.78 -13.21
CA TYR I 84 11.93 -28.75 -12.46
C TYR I 84 11.82 -27.47 -11.62
N ASN I 85 12.95 -26.86 -11.27
CA ASN I 85 12.98 -25.63 -10.50
C ASN I 85 13.68 -24.50 -11.26
N GLY I 86 13.82 -24.64 -12.57
CA GLY I 86 14.45 -23.61 -13.37
C GLY I 86 13.45 -22.70 -14.04
N TRP I 87 12.21 -23.17 -14.16
CA TRP I 87 11.13 -22.38 -14.72
C TRP I 87 9.95 -22.38 -13.75
N ALA I 88 9.09 -21.37 -13.91
CA ALA I 88 7.92 -21.23 -13.06
C ALA I 88 6.86 -20.46 -13.83
N HIS I 89 5.59 -20.82 -13.61
CA HIS I 89 4.48 -20.10 -14.23
C HIS I 89 3.46 -19.73 -13.16
N SER I 90 2.65 -18.73 -13.49
CA SER I 90 1.64 -18.23 -12.56
C SER I 90 0.50 -17.63 -13.36
N ILE I 91 -0.69 -17.63 -12.76
CA ILE I 91 -1.88 -17.08 -13.38
C ILE I 91 -2.01 -15.63 -12.91
N THR I 92 -1.65 -14.69 -13.79
CA THR I 92 -1.76 -13.27 -13.44
C THR I 92 -3.21 -12.86 -13.28
N GLN I 93 -4.09 -13.30 -14.18
CA GLN I 93 -5.51 -13.00 -14.10
C GLN I 93 -6.27 -13.91 -15.05
N GLN I 94 -7.41 -14.41 -14.59
CA GLN I 94 -8.33 -15.18 -15.42
C GLN I 94 -9.71 -14.58 -15.31
N ASN I 95 -10.32 -14.29 -16.46
CA ASN I 95 -11.63 -13.64 -16.51
C ASN I 95 -12.51 -14.36 -17.51
N VAL I 96 -13.71 -14.73 -17.07
CA VAL I 96 -14.70 -15.39 -17.94
C VAL I 96 -15.35 -14.31 -18.80
N ASP I 97 -15.19 -14.45 -20.12
CA ASP I 97 -15.71 -13.44 -21.03
C ASP I 97 -17.23 -13.49 -21.12
N PHE I 98 -17.79 -14.69 -21.33
CA PHE I 98 -19.23 -14.81 -21.50
C PHE I 98 -19.65 -16.24 -21.19
N VAL I 99 -20.95 -16.39 -20.89
CA VAL I 99 -21.60 -17.68 -20.71
C VAL I 99 -22.99 -17.54 -21.31
N ASP I 100 -23.24 -18.22 -22.43
CA ASP I 100 -24.51 -18.12 -23.12
C ASP I 100 -25.18 -19.49 -23.21
N LEU I 101 -26.50 -19.47 -23.43
CA LEU I 101 -27.31 -20.68 -23.50
C LEU I 101 -28.25 -20.58 -24.67
N ASN I 102 -28.08 -21.47 -25.65
CA ASN I 102 -28.93 -21.52 -26.84
C ASN I 102 -29.58 -22.90 -26.91
N ASN I 103 -30.87 -22.96 -26.58
CA ASN I 103 -31.70 -24.17 -26.65
C ASN I 103 -30.95 -25.39 -26.13
N GLY I 104 -30.49 -25.29 -24.88
CA GLY I 104 -29.88 -26.40 -24.18
C GLY I 104 -28.38 -26.52 -24.33
N ALA I 105 -27.75 -25.72 -25.17
CA ALA I 105 -26.32 -25.76 -25.39
C ALA I 105 -25.65 -24.58 -24.70
N PHE I 106 -24.60 -24.84 -23.94
CA PHE I 106 -23.88 -23.82 -23.20
C PHE I 106 -22.63 -23.41 -23.98
N TYR I 107 -22.52 -22.13 -24.29
CA TYR I 107 -21.38 -21.57 -25.01
C TYR I 107 -20.61 -20.67 -24.05
N VAL I 108 -19.39 -21.08 -23.73
CA VAL I 108 -18.58 -20.42 -22.70
C VAL I 108 -17.26 -19.98 -23.32
N GLY I 109 -16.91 -18.71 -23.13
CA GLY I 109 -15.60 -18.22 -23.49
C GLY I 109 -14.83 -17.74 -22.28
N VAL I 110 -13.59 -18.18 -22.13
CA VAL I 110 -12.76 -17.87 -20.98
C VAL I 110 -11.33 -17.62 -21.45
N CYS I 111 -10.68 -16.63 -20.84
CA CYS I 111 -9.31 -16.28 -21.16
C CYS I 111 -8.49 -16.27 -19.88
N ALA I 112 -7.19 -16.51 -20.04
CA ALA I 112 -6.26 -16.53 -18.90
C ALA I 112 -4.97 -15.85 -19.31
N PHE I 113 -4.24 -15.38 -18.30
CA PHE I 113 -2.96 -14.69 -18.49
C PHE I 113 -1.90 -15.42 -17.67
N VAL I 114 -1.04 -16.16 -18.36
CA VAL I 114 0.01 -16.93 -17.71
C VAL I 114 1.34 -16.20 -17.85
N ARG I 115 2.10 -16.16 -16.76
CA ARG I 115 3.41 -15.52 -16.73
C ARG I 115 4.45 -16.57 -16.36
N VAL I 116 5.36 -16.85 -17.28
CA VAL I 116 6.45 -17.80 -17.06
C VAL I 116 7.69 -17.02 -16.66
N GLN I 117 8.43 -17.54 -15.69
CA GLN I 117 9.61 -16.87 -15.17
C GLN I 117 10.71 -17.88 -14.92
N LEU I 118 11.93 -17.52 -15.32
CA LEU I 118 13.09 -18.35 -15.08
C LEU I 118 13.78 -17.94 -13.78
N LYS I 119 14.58 -18.86 -13.24
CA LYS I 119 15.24 -18.60 -11.96
C LYS I 119 16.17 -17.40 -11.99
N ASP I 120 16.56 -16.93 -13.18
CA ASP I 120 17.40 -15.74 -13.28
C ASP I 120 16.61 -14.45 -13.20
N GLY I 121 15.28 -14.51 -13.30
CA GLY I 121 14.43 -13.35 -13.26
C GLY I 121 13.75 -13.02 -14.59
N SER I 122 14.27 -13.55 -15.69
CA SER I 122 13.63 -13.36 -16.98
C SER I 122 12.21 -13.91 -16.96
N TYR I 123 11.32 -13.28 -17.72
CA TYR I 123 9.91 -13.60 -17.65
C TYR I 123 9.24 -13.31 -18.99
N HIS I 124 8.22 -14.12 -19.31
CA HIS I 124 7.39 -13.90 -20.48
C HIS I 124 5.94 -14.18 -20.11
N GLU I 125 5.05 -13.31 -20.56
CA GLU I 125 3.64 -13.39 -20.23
C GLU I 125 2.80 -13.28 -21.49
N ASP I 126 1.77 -14.13 -21.59
CA ASP I 126 0.93 -14.15 -22.77
C ASP I 126 -0.45 -14.69 -22.40
N VAL I 127 -1.40 -14.50 -23.30
CA VAL I 127 -2.78 -14.88 -23.06
C VAL I 127 -3.02 -16.30 -23.55
N GLY I 128 -4.09 -16.90 -23.04
CA GLY I 128 -4.58 -18.17 -23.56
C GLY I 128 -6.08 -18.21 -23.39
N TYR I 129 -6.74 -18.95 -24.28
CA TYR I 129 -8.19 -18.96 -24.33
C TYR I 129 -8.72 -20.38 -24.17
N GLY I 130 -9.91 -20.49 -23.61
CA GLY I 130 -10.60 -21.76 -23.50
C GLY I 130 -12.02 -21.63 -23.99
N VAL I 131 -12.51 -22.68 -24.64
CA VAL I 131 -13.77 -22.65 -25.37
C VAL I 131 -14.51 -23.94 -25.10
N SER I 132 -15.79 -23.82 -24.69
CA SER I 132 -16.68 -24.98 -24.52
C SER I 132 -18.04 -24.59 -25.08
N GLU I 133 -18.35 -25.10 -26.28
CA GLU I 133 -19.58 -24.75 -26.98
C GLU I 133 -20.64 -25.84 -26.97
N GLY I 134 -20.24 -27.11 -26.93
CA GLY I 134 -21.17 -28.21 -27.12
C GLY I 134 -21.96 -28.65 -25.91
N LEU I 135 -21.31 -28.75 -24.76
CA LEU I 135 -21.90 -29.40 -23.60
C LEU I 135 -23.17 -28.68 -23.13
N ALA I 136 -23.99 -29.42 -22.40
CA ALA I 136 -25.24 -28.91 -21.85
C ALA I 136 -25.17 -28.68 -20.34
N SER I 137 -24.04 -29.02 -19.72
CA SER I 137 -23.84 -28.79 -18.29
C SER I 137 -22.94 -27.57 -18.11
N LYS I 138 -23.44 -26.58 -17.36
CA LYS I 138 -22.68 -25.35 -17.15
C LYS I 138 -21.35 -25.62 -16.45
N ALA I 139 -21.38 -26.43 -15.38
CA ALA I 139 -20.17 -26.71 -14.63
C ALA I 139 -19.10 -27.37 -15.49
N LEU I 140 -19.50 -28.34 -16.31
CA LEU I 140 -18.53 -29.01 -17.18
C LEU I 140 -17.94 -28.04 -18.18
N SER I 141 -18.79 -27.22 -18.80
CA SER I 141 -18.31 -26.25 -19.78
C SER I 141 -17.32 -25.28 -19.15
N LEU I 142 -17.61 -24.80 -17.94
CA LEU I 142 -16.71 -23.86 -17.27
C LEU I 142 -15.39 -24.53 -16.89
N GLU I 143 -15.46 -25.74 -16.32
CA GLU I 143 -14.24 -26.49 -16.03
C GLU I 143 -13.35 -26.59 -17.26
N LYS I 144 -13.93 -27.02 -18.38
CA LYS I 144 -13.17 -27.15 -19.62
C LYS I 144 -12.59 -25.82 -20.05
N ALA I 145 -13.41 -24.78 -20.08
CA ALA I 145 -12.97 -23.49 -20.60
C ALA I 145 -11.82 -22.94 -19.76
N ARG I 146 -11.93 -23.00 -18.44
CA ARG I 146 -10.91 -22.41 -17.58
C ARG I 146 -9.60 -23.18 -17.68
N LYS I 147 -9.66 -24.52 -17.59
CA LYS I 147 -8.42 -25.30 -17.68
C LYS I 147 -7.77 -25.14 -19.05
N GLU I 148 -8.57 -25.16 -20.13
CA GLU I 148 -8.03 -24.93 -21.47
C GLU I 148 -7.39 -23.56 -21.58
N ALA I 149 -8.02 -22.52 -21.01
CA ALA I 149 -7.46 -21.18 -21.10
C ALA I 149 -6.11 -21.11 -20.41
N VAL I 150 -6.00 -21.66 -19.21
CA VAL I 150 -4.73 -21.60 -18.49
C VAL I 150 -3.64 -22.37 -19.24
N THR I 151 -3.96 -23.57 -19.72
CA THR I 151 -2.95 -24.35 -20.43
C THR I 151 -2.51 -23.68 -21.73
N ASP I 152 -3.47 -23.15 -22.50
CA ASP I 152 -3.15 -22.45 -23.72
C ASP I 152 -2.28 -21.22 -23.44
N GLY I 153 -2.58 -20.50 -22.36
CA GLY I 153 -1.74 -19.37 -21.99
C GLY I 153 -0.33 -19.79 -21.63
N LEU I 154 -0.21 -20.93 -20.94
CA LEU I 154 1.13 -21.45 -20.62
C LEU I 154 1.90 -21.79 -21.88
N LYS I 155 1.23 -22.41 -22.85
CA LYS I 155 1.87 -22.70 -24.13
C LYS I 155 2.32 -21.43 -24.84
N ARG I 156 1.42 -20.45 -24.96
CA ARG I 156 1.75 -19.21 -25.66
C ARG I 156 2.84 -18.42 -24.94
N ALA I 157 2.95 -18.58 -23.62
CA ALA I 157 3.97 -17.86 -22.89
C ALA I 157 5.33 -18.56 -22.98
N LEU I 158 5.34 -19.89 -22.98
CA LEU I 158 6.59 -20.62 -23.17
C LEU I 158 7.09 -20.54 -24.61
N ARG I 159 6.21 -20.22 -25.56
CA ARG I 159 6.63 -20.07 -26.96
C ARG I 159 7.76 -19.05 -27.11
N SER I 160 7.65 -17.92 -26.42
CA SER I 160 8.57 -16.79 -26.61
C SER I 160 10.00 -17.06 -26.18
N PHE I 161 10.34 -18.30 -25.83
CA PHE I 161 11.70 -18.63 -25.43
C PHE I 161 12.56 -19.16 -26.56
N GLY I 162 11.97 -19.73 -27.59
CA GLY I 162 12.74 -20.28 -28.69
C GLY I 162 11.93 -21.29 -29.47
N ASN I 163 12.47 -21.66 -30.63
CA ASN I 163 11.78 -22.62 -31.49
C ASN I 163 11.56 -23.93 -30.77
N ALA I 164 12.50 -24.36 -29.94
CA ALA I 164 12.39 -25.65 -29.26
C ALA I 164 11.18 -25.72 -28.34
N LEU I 165 10.71 -24.58 -27.84
CA LEU I 165 9.60 -24.54 -26.92
C LEU I 165 8.29 -24.14 -27.59
N GLY I 166 8.22 -24.24 -28.92
CA GLY I 166 6.97 -24.01 -29.63
C GLY I 166 6.94 -22.79 -30.51
N ASN I 167 8.04 -22.06 -30.66
CA ASN I 167 8.02 -20.88 -31.51
C ASN I 167 8.00 -21.24 -32.99
N CYS I 168 8.40 -22.47 -33.34
CA CYS I 168 8.46 -22.88 -34.74
C CYS I 168 7.12 -23.39 -35.26
N ILE I 169 6.16 -23.70 -34.38
CA ILE I 169 4.87 -24.21 -34.82
C ILE I 169 4.12 -23.20 -35.67
N LEU I 170 4.53 -21.95 -35.64
CA LEU I 170 3.91 -20.90 -36.45
C LEU I 170 4.71 -20.58 -37.71
N ASP I 171 5.83 -21.26 -37.92
CA ASP I 171 6.64 -21.07 -39.12
C ASP I 171 6.07 -21.94 -40.23
N LYS I 172 5.48 -21.31 -41.24
CA LYS I 172 4.80 -22.04 -42.31
C LYS I 172 5.77 -22.94 -43.07
N ASP I 173 7.00 -22.47 -43.30
CA ASP I 173 8.01 -23.29 -43.96
C ASP I 173 8.32 -24.54 -43.13
N TYR I 174 8.42 -24.37 -41.81
CA TYR I 174 8.63 -25.52 -40.93
C TYR I 174 7.50 -26.54 -41.08
N LEU I 175 6.25 -26.06 -41.16
CA LEU I 175 5.13 -26.97 -41.36
C LEU I 175 5.20 -27.69 -42.69
N ARG I 176 5.53 -26.95 -43.76
CA ARG I 176 5.68 -27.57 -45.07
C ARG I 176 6.76 -28.66 -45.05
N SER I 177 7.88 -28.40 -44.38
CA SER I 177 8.91 -29.42 -44.26
C SER I 177 8.48 -30.56 -43.35
N LEU I 178 7.56 -30.30 -42.43
CA LEU I 178 7.03 -31.38 -41.58
C LEU I 178 6.14 -32.32 -42.39
N ASN I 179 5.34 -31.77 -43.32
CA ASN I 179 4.52 -32.62 -44.16
C ASN I 179 5.36 -33.53 -45.06
N LYS I 180 6.60 -33.12 -45.37
CA LYS I 180 7.48 -33.88 -46.25
C LYS I 180 8.32 -34.92 -45.50
N LEU I 181 7.85 -35.38 -44.35
CA LEU I 181 8.55 -36.37 -43.54
C LEU I 181 7.68 -37.61 -43.35
N PRO I 182 8.28 -38.77 -43.10
CA PRO I 182 7.48 -39.98 -42.87
C PRO I 182 6.59 -39.82 -41.65
N ARG I 183 5.30 -40.05 -41.84
CA ARG I 183 4.31 -39.95 -40.76
C ARG I 183 4.43 -41.19 -39.89
N GLN I 184 5.21 -41.08 -38.82
CA GLN I 184 5.50 -42.22 -37.97
C GLN I 184 4.33 -42.54 -37.06
N LEU I 185 4.27 -43.80 -36.64
CA LEU I 185 3.24 -44.29 -35.74
C LEU I 185 3.55 -43.87 -34.30
N PRO I 186 2.53 -43.73 -33.46
CA PRO I 186 2.77 -43.35 -32.05
C PRO I 186 3.82 -44.21 -31.38
N LEU I 187 4.69 -43.55 -30.61
CA LEU I 187 5.75 -44.24 -29.89
C LEU I 187 5.18 -45.14 -28.80
N GLU I 188 5.91 -46.20 -28.49
CA GLU I 188 5.53 -47.14 -27.43
C GLU I 188 6.20 -46.73 -26.12
N VAL I 189 5.41 -46.72 -25.05
CA VAL I 189 5.87 -46.31 -23.73
C VAL I 189 6.23 -47.54 -22.92
N ASP I 190 7.44 -47.57 -22.36
CA ASP I 190 7.92 -48.70 -21.58
C ASP I 190 7.58 -48.46 -20.11
N LEU I 191 6.72 -49.30 -19.54
CA LEU I 191 6.29 -49.19 -18.16
C LEU I 191 6.98 -50.22 -17.26
N THR I 192 8.19 -50.63 -17.60
CA THR I 192 8.94 -51.54 -16.75
C THR I 192 9.54 -50.80 -15.56
N LYS I 193 10.37 -49.79 -15.82
CA LYS I 193 11.01 -48.99 -14.79
C LYS I 193 10.10 -47.89 -14.25
N ALA I 194 8.79 -48.01 -14.43
CA ALA I 194 7.88 -47.01 -13.93
C ALA I 194 7.89 -46.96 -12.40
N LYS I 195 7.54 -45.80 -11.86
CA LYS I 195 7.49 -45.64 -10.41
C LYS I 195 6.42 -46.54 -9.82
N ARG I 196 6.79 -47.29 -8.78
CA ARG I 196 5.90 -48.28 -8.21
C ARG I 196 5.71 -48.16 -6.70
N GLN I 197 6.46 -47.29 -6.03
CA GLN I 197 6.31 -47.08 -4.59
C GLN I 197 6.54 -45.60 -4.30
N ASP I 198 6.19 -45.20 -3.07
CA ASP I 198 6.26 -43.80 -2.69
C ASP I 198 7.69 -43.33 -2.44
N LEU I 199 8.38 -44.02 -1.52
CA LEU I 199 9.69 -43.57 -1.07
C LEU I 199 10.70 -43.52 -2.22
N GLU I 200 11.54 -42.49 -2.20
CA GLU I 200 12.63 -42.32 -3.16
C GLU I 200 13.92 -42.15 -2.37
N PRO I 201 14.53 -43.25 -1.95
CA PRO I 201 15.78 -43.15 -1.17
C PRO I 201 16.90 -42.44 -1.90
N SER I 202 16.97 -42.54 -3.23
CA SER I 202 17.95 -41.79 -3.99
C SER I 202 17.87 -40.30 -3.69
N VAL I 203 16.64 -39.78 -3.58
CA VAL I 203 16.44 -38.38 -3.24
C VAL I 203 16.59 -38.15 -1.75
N GLU I 204 15.99 -39.03 -0.94
CA GLU I 204 16.04 -38.91 0.51
C GLU I 204 17.46 -38.80 1.04
N GLU I 205 18.39 -39.58 0.48
CA GLU I 205 19.78 -39.52 0.92
C GLU I 205 20.36 -38.12 0.74
N ALA I 206 20.30 -37.61 -0.49
CA ALA I 206 20.85 -36.29 -0.79
C ALA I 206 20.16 -35.21 0.02
N ARG I 207 18.86 -35.36 0.27
CA ARG I 207 18.13 -34.31 0.99
C ARG I 207 18.49 -34.34 2.48
N TYR I 208 18.64 -35.53 3.06
CA TYR I 208 19.09 -35.62 4.44
C TYR I 208 20.52 -35.12 4.60
N ASN I 209 21.35 -35.31 3.58
CA ASN I 209 22.70 -34.75 3.61
C ASN I 209 22.74 -33.28 3.22
N SER I 210 21.64 -32.72 2.75
CA SER I 210 21.57 -31.33 2.32
C SER I 210 21.46 -30.35 3.48
N CYS I 211 21.34 -30.84 4.71
CA CYS I 211 21.23 -29.96 5.88
C CYS I 211 22.60 -29.63 6.45
N CYS J 28 15.21 -20.25 5.39
CA CYS J 28 13.85 -20.72 5.59
C CYS J 28 13.22 -21.14 4.27
N PHE J 29 11.91 -21.37 4.27
CA PHE J 29 11.21 -21.74 3.06
C PHE J 29 11.18 -20.57 2.09
N GLY J 30 11.34 -20.86 0.81
CA GLY J 30 11.48 -19.83 -0.21
C GLY J 30 12.88 -19.27 -0.35
N GLN J 31 13.77 -19.55 0.61
CA GLN J 31 15.15 -19.06 0.58
C GLN J 31 16.17 -20.15 0.34
N CYS J 32 16.00 -21.32 0.94
CA CYS J 32 16.98 -22.40 0.81
C CYS J 32 17.14 -22.83 -0.64
N GLN J 33 18.38 -22.95 -1.08
CA GLN J 33 18.70 -23.32 -2.46
C GLN J 33 19.00 -24.82 -2.54
N TYR J 34 18.65 -25.40 -3.69
CA TYR J 34 18.86 -26.83 -3.90
C TYR J 34 20.33 -27.14 -4.14
N THR J 35 20.82 -28.20 -3.49
CA THR J 35 22.15 -28.71 -3.75
C THR J 35 22.17 -29.53 -5.04
N ALA J 36 23.39 -29.77 -5.54
CA ALA J 36 23.55 -30.50 -6.80
C ALA J 36 22.96 -31.91 -6.70
N GLU J 37 23.28 -32.62 -5.63
CA GLU J 37 22.82 -34.01 -5.47
C GLU J 37 21.29 -34.06 -5.40
N GLU J 38 20.70 -33.23 -4.53
CA GLU J 38 19.26 -33.16 -4.42
C GLU J 38 18.60 -32.80 -5.74
N TYR J 39 19.15 -31.80 -6.44
CA TYR J 39 18.63 -31.41 -7.74
C TYR J 39 18.60 -32.57 -8.72
N GLN J 40 19.75 -33.22 -8.91
CA GLN J 40 19.83 -34.30 -9.89
C GLN J 40 18.92 -35.45 -9.52
N ALA J 41 18.89 -35.81 -8.24
CA ALA J 41 18.01 -36.88 -7.78
C ALA J 41 16.55 -36.57 -8.07
N ILE J 42 16.11 -35.37 -7.70
CA ILE J 42 14.71 -34.99 -7.93
C ILE J 42 14.39 -34.97 -9.42
N GLN J 43 15.29 -34.42 -10.24
CA GLN J 43 15.05 -34.36 -11.67
C GLN J 43 14.87 -35.75 -12.26
N LYS J 44 15.84 -36.65 -12.01
CA LYS J 44 15.75 -38.00 -12.57
C LYS J 44 14.55 -38.75 -12.03
N ALA J 45 14.21 -38.56 -10.75
CA ALA J 45 13.02 -39.20 -10.21
C ALA J 45 11.74 -38.63 -10.82
N LEU J 46 11.77 -37.36 -11.25
CA LEU J 46 10.60 -36.76 -11.87
C LEU J 46 10.45 -37.18 -13.31
N ARG J 47 11.52 -37.62 -13.96
CA ARG J 47 11.34 -38.19 -15.30
C ARG J 47 10.65 -39.55 -15.26
N GLN J 48 10.51 -40.16 -14.07
CA GLN J 48 9.82 -41.44 -13.96
C GLN J 48 8.35 -41.32 -14.34
N ARG J 49 7.77 -42.44 -14.78
CA ARG J 49 6.34 -42.57 -14.99
C ARG J 49 5.75 -43.46 -13.90
N LEU J 50 4.42 -43.37 -13.74
CA LEU J 50 3.74 -44.09 -12.68
C LEU J 50 3.25 -45.44 -13.16
N GLY J 51 3.11 -46.37 -12.22
CA GLY J 51 2.61 -47.69 -12.52
C GLY J 51 1.12 -47.83 -12.27
N PRO J 52 0.54 -48.98 -12.62
CA PRO J 52 -0.89 -49.20 -12.37
C PRO J 52 -1.29 -49.11 -10.91
N GLU J 53 -0.35 -49.21 -9.97
CA GLU J 53 -0.68 -49.12 -8.55
C GLU J 53 -1.20 -47.75 -8.14
N TYR J 54 -1.10 -46.75 -9.01
CA TYR J 54 -1.58 -45.39 -8.74
C TYR J 54 -2.80 -45.01 -9.54
N ILE J 55 -2.83 -45.38 -10.82
CA ILE J 55 -3.94 -44.99 -11.69
C ILE J 55 -5.23 -45.66 -11.24
N SER J 56 -6.34 -44.98 -11.47
CA SER J 56 -7.67 -45.53 -11.23
C SER J 56 -8.53 -45.28 -12.47
N SER J 57 -9.82 -45.61 -12.41
CA SER J 57 -10.66 -45.53 -13.59
C SER J 57 -12.07 -45.06 -13.22
N ARG J 58 -12.64 -44.24 -14.09
CA ARG J 58 -14.01 -43.76 -13.96
C ARG J 58 -14.74 -44.01 -15.28
N MET J 59 -16.05 -43.78 -15.28
CA MET J 59 -16.88 -43.89 -16.47
C MET J 59 -17.40 -42.49 -16.81
N ALA J 60 -16.80 -41.89 -17.84
CA ALA J 60 -17.23 -40.56 -18.27
C ALA J 60 -18.66 -40.58 -18.77
N GLY J 61 -19.35 -39.45 -18.57
CA GLY J 61 -20.71 -39.31 -19.05
C GLY J 61 -20.76 -39.19 -20.56
N GLY J 62 -21.35 -40.19 -21.22
CA GLY J 62 -21.35 -40.27 -22.66
C GLY J 62 -20.06 -40.76 -23.28
N GLY J 63 -18.93 -40.65 -22.58
CA GLY J 63 -17.65 -41.09 -23.09
C GLY J 63 -17.33 -42.53 -22.74
N GLN J 64 -16.06 -42.80 -22.42
CA GLN J 64 -15.61 -44.15 -22.11
C GLN J 64 -14.74 -44.17 -20.86
N LYS J 65 -14.09 -45.29 -20.61
CA LYS J 65 -13.22 -45.43 -19.44
C LYS J 65 -12.10 -44.39 -19.45
N VAL J 66 -12.08 -43.54 -18.43
CA VAL J 66 -11.05 -42.52 -18.26
C VAL J 66 -10.19 -42.90 -17.07
N CYS J 67 -8.95 -42.43 -17.08
CA CYS J 67 -7.96 -42.73 -16.05
C CYS J 67 -7.61 -41.46 -15.28
N TYR J 68 -7.40 -41.60 -13.98
CA TYR J 68 -7.09 -40.47 -13.12
C TYR J 68 -6.16 -40.93 -12.00
N ILE J 69 -5.75 -39.97 -11.16
CA ILE J 69 -4.93 -40.24 -9.99
C ILE J 69 -5.62 -39.63 -8.78
N GLU J 70 -5.85 -40.45 -7.75
CA GLU J 70 -6.52 -39.97 -6.54
C GLU J 70 -5.68 -38.89 -5.86
N GLY J 71 -6.35 -38.02 -5.12
CA GLY J 71 -5.72 -36.91 -4.43
C GLY J 71 -4.61 -37.30 -3.48
N HIS J 72 -4.93 -38.14 -2.50
CA HIS J 72 -3.94 -38.59 -1.52
C HIS J 72 -2.71 -39.20 -2.20
N ARG J 73 -2.89 -39.85 -3.34
CA ARG J 73 -1.75 -40.37 -4.10
C ARG J 73 -0.79 -39.26 -4.47
N VAL J 74 -1.30 -38.20 -5.09
CA VAL J 74 -0.45 -37.07 -5.49
C VAL J 74 0.15 -36.39 -4.28
N ILE J 75 -0.62 -36.30 -3.19
CA ILE J 75 -0.13 -35.66 -1.98
C ILE J 75 1.09 -36.42 -1.43
N ASN J 76 0.97 -37.74 -1.33
CA ASN J 76 2.09 -38.56 -0.88
C ASN J 76 3.27 -38.49 -1.85
N LEU J 77 2.99 -38.49 -3.16
CA LEU J 77 4.05 -38.37 -4.14
C LEU J 77 4.84 -37.09 -3.95
N ALA J 78 4.15 -35.98 -3.72
CA ALA J 78 4.84 -34.70 -3.49
C ALA J 78 5.62 -34.72 -2.18
N ASN J 79 4.97 -35.18 -1.10
CA ASN J 79 5.64 -35.25 0.20
C ASN J 79 6.87 -36.15 0.17
N GLU J 80 6.93 -37.11 -0.77
CA GLU J 80 8.13 -37.92 -0.91
C GLU J 80 9.17 -37.27 -1.80
N MET J 81 8.74 -36.75 -2.97
CA MET J 81 9.68 -36.13 -3.91
C MET J 81 10.41 -34.96 -3.28
N PHE J 82 9.67 -34.07 -2.60
CA PHE J 82 10.26 -32.86 -2.04
C PHE J 82 10.46 -32.88 -0.54
N GLY J 83 9.63 -33.64 0.18
CA GLY J 83 9.65 -33.63 1.63
C GLY J 83 8.37 -33.04 2.20
N TYR J 84 8.16 -33.29 3.49
CA TYR J 84 7.00 -32.72 4.16
C TYR J 84 7.09 -31.20 4.23
N ASN J 85 8.31 -30.66 4.22
CA ASN J 85 8.55 -29.22 4.26
C ASN J 85 9.30 -28.73 3.03
N GLY J 86 9.32 -29.51 1.96
CA GLY J 86 10.00 -29.12 0.74
C GLY J 86 9.06 -28.50 -0.26
N TRP J 87 7.76 -28.76 -0.11
CA TRP J 87 6.75 -28.20 -0.98
C TRP J 87 5.70 -27.49 -0.13
N ALA J 88 4.96 -26.57 -0.77
CA ALA J 88 3.92 -25.82 -0.10
C ALA J 88 2.90 -25.39 -1.13
N HIS J 89 1.63 -25.37 -0.74
CA HIS J 89 0.55 -24.91 -1.61
C HIS J 89 -0.31 -23.89 -0.88
N SER J 90 -1.03 -23.09 -1.66
CA SER J 90 -1.88 -22.05 -1.12
C SER J 90 -3.01 -21.78 -2.09
N ILE J 91 -4.13 -21.31 -1.55
CA ILE J 91 -5.31 -20.99 -2.36
C ILE J 91 -5.23 -19.50 -2.68
N THR J 92 -4.84 -19.17 -3.91
CA THR J 92 -4.77 -17.77 -4.32
C THR J 92 -6.16 -17.15 -4.37
N GLN J 93 -7.14 -17.89 -4.92
CA GLN J 93 -8.50 -17.42 -4.99
C GLN J 93 -9.43 -18.58 -5.30
N GLN J 94 -10.58 -18.62 -4.64
CA GLN J 94 -11.64 -19.56 -4.93
C GLN J 94 -12.92 -18.77 -5.15
N ASN J 95 -13.59 -19.03 -6.27
CA ASN J 95 -14.78 -18.27 -6.65
C ASN J 95 -15.87 -19.22 -7.10
N VAL J 96 -17.05 -19.08 -6.52
CA VAL J 96 -18.22 -19.86 -6.91
C VAL J 96 -18.78 -19.27 -8.20
N ASP J 97 -18.79 -20.07 -9.27
CA ASP J 97 -19.24 -19.56 -10.56
C ASP J 97 -20.76 -19.36 -10.59
N PHE J 98 -21.50 -20.37 -10.13
CA PHE J 98 -22.96 -20.30 -10.19
C PHE J 98 -23.55 -21.25 -9.17
N VAL J 99 -24.81 -20.98 -8.81
CA VAL J 99 -25.62 -21.85 -7.97
C VAL J 99 -27.03 -21.81 -8.53
N ASP J 100 -27.48 -22.92 -9.12
CA ASP J 100 -28.79 -23.00 -9.73
C ASP J 100 -29.63 -24.08 -9.05
N LEU J 101 -30.94 -23.98 -9.24
CA LEU J 101 -31.90 -24.90 -8.63
C LEU J 101 -32.93 -25.28 -9.68
N ASN J 102 -32.96 -26.56 -10.06
CA ASN J 102 -33.92 -27.07 -11.04
C ASN J 102 -34.72 -28.18 -10.38
N ASN J 103 -35.97 -27.87 -10.06
CA ASN J 103 -36.96 -28.82 -9.51
C ASN J 103 -36.33 -29.75 -8.46
N GLY J 104 -35.75 -29.13 -7.44
CA GLY J 104 -35.23 -29.86 -6.29
C GLY J 104 -33.78 -30.27 -6.38
N ALA J 105 -33.13 -30.10 -7.53
CA ALA J 105 -31.74 -30.48 -7.71
C ALA J 105 -30.87 -29.22 -7.72
N PHE J 106 -29.79 -29.25 -6.95
CA PHE J 106 -28.87 -28.13 -6.84
C PHE J 106 -27.66 -28.38 -7.74
N TYR J 107 -27.42 -27.45 -8.67
CA TYR J 107 -26.30 -27.53 -9.61
C TYR J 107 -25.33 -26.42 -9.25
N VAL J 108 -24.13 -26.81 -8.79
CA VAL J 108 -23.15 -25.87 -8.26
C VAL J 108 -21.85 -26.02 -9.05
N GLY J 109 -21.32 -24.90 -9.52
CA GLY J 109 -20.00 -24.86 -10.12
C GLY J 109 -19.07 -23.98 -9.33
N VAL J 110 -17.88 -24.48 -9.01
CA VAL J 110 -16.92 -23.77 -8.17
C VAL J 110 -15.53 -24.00 -8.73
N CYS J 111 -14.71 -22.95 -8.73
CA CYS J 111 -13.34 -23.03 -9.20
C CYS J 111 -12.40 -22.50 -8.14
N ALA J 112 -11.16 -22.96 -8.18
CA ALA J 112 -10.14 -22.54 -7.23
C ALA J 112 -8.82 -22.38 -7.97
N PHE J 113 -7.93 -21.57 -7.39
CA PHE J 113 -6.62 -21.30 -7.97
C PHE J 113 -5.57 -21.65 -6.93
N VAL J 114 -4.89 -22.77 -7.14
CA VAL J 114 -3.89 -23.27 -6.20
C VAL J 114 -2.50 -22.96 -6.75
N ARG J 115 -1.62 -22.48 -5.87
CA ARG J 115 -0.24 -22.16 -6.22
C ARG J 115 0.68 -23.01 -5.35
N VAL J 116 1.43 -23.91 -5.98
CA VAL J 116 2.40 -24.76 -5.30
C VAL J 116 3.77 -24.12 -5.44
N GLN J 117 4.54 -24.14 -4.35
CA GLN J 117 5.85 -23.49 -4.32
C GLN J 117 6.84 -24.38 -3.59
N LEU J 118 8.04 -24.51 -4.16
CA LEU J 118 9.11 -25.26 -3.54
C LEU J 118 9.99 -24.35 -2.69
N LYS J 119 10.73 -24.97 -1.76
CA LYS J 119 11.55 -24.23 -0.82
C LYS J 119 12.62 -23.37 -1.50
N ASP J 120 12.92 -23.63 -2.78
CA ASP J 120 13.87 -22.80 -3.51
C ASP J 120 13.24 -21.54 -4.09
N GLY J 121 11.92 -21.45 -4.11
CA GLY J 121 11.22 -20.31 -4.68
C GLY J 121 10.45 -20.63 -5.94
N SER J 122 10.79 -21.73 -6.61
CA SER J 122 10.05 -22.13 -7.80
C SER J 122 8.58 -22.37 -7.45
N TYR J 123 7.70 -22.07 -8.41
CA TYR J 123 6.28 -22.09 -8.15
C TYR J 123 5.51 -22.41 -9.42
N HIS J 124 4.38 -23.11 -9.24
CA HIS J 124 3.45 -23.38 -10.32
C HIS J 124 2.04 -23.19 -9.81
N GLU J 125 1.20 -22.54 -10.62
CA GLU J 125 -0.16 -22.20 -10.24
C GLU J 125 -1.12 -22.61 -11.35
N ASP J 126 -2.24 -23.21 -10.96
CA ASP J 126 -3.21 -23.69 -11.94
C ASP J 126 -4.58 -23.75 -11.29
N VAL J 127 -5.61 -23.89 -12.13
CA VAL J 127 -7.00 -23.88 -11.68
C VAL J 127 -7.44 -25.30 -11.36
N GLY J 128 -8.52 -25.38 -10.59
CA GLY J 128 -9.21 -26.64 -10.36
C GLY J 128 -10.68 -26.37 -10.17
N TYR J 129 -11.50 -27.35 -10.54
CA TYR J 129 -12.94 -27.17 -10.54
C TYR J 129 -13.63 -28.22 -9.68
N GLY J 130 -14.77 -27.85 -9.14
CA GLY J 130 -15.60 -28.77 -8.38
C GLY J 130 -17.04 -28.68 -8.85
N VAL J 131 -17.71 -29.83 -8.87
CA VAL J 131 -19.01 -29.95 -9.49
C VAL J 131 -19.92 -30.80 -8.61
N SER J 132 -21.11 -30.28 -8.30
CA SER J 132 -22.13 -31.02 -7.58
C SER J 132 -23.47 -30.73 -8.24
N GLU J 133 -23.96 -31.68 -9.04
CA GLU J 133 -25.20 -31.50 -9.79
C GLU J 133 -26.38 -32.28 -9.22
N GLY J 134 -26.14 -33.43 -8.61
CA GLY J 134 -27.22 -34.32 -8.22
C GLY J 134 -27.91 -34.00 -6.92
N LEU J 135 -27.13 -33.64 -5.91
CA LEU J 135 -27.65 -33.53 -4.55
C LEU J 135 -28.75 -32.48 -4.45
N ALA J 136 -29.57 -32.61 -3.41
CA ALA J 136 -30.68 -31.70 -3.16
C ALA J 136 -30.42 -30.77 -1.99
N SER J 137 -29.29 -30.89 -1.31
CA SER J 137 -28.93 -30.01 -0.20
C SER J 137 -27.89 -29.01 -0.69
N LYS J 138 -28.21 -27.73 -0.54
CA LYS J 138 -27.28 -26.68 -0.97
C LYS J 138 -25.96 -26.77 -0.22
N ALA J 139 -26.02 -26.94 1.10
CA ALA J 139 -24.81 -27.03 1.90
C ALA J 139 -23.94 -28.20 1.45
N LEU J 140 -24.55 -29.35 1.20
CA LEU J 140 -23.80 -30.51 0.74
C LEU J 140 -23.16 -30.26 -0.61
N SER J 141 -23.91 -29.67 -1.54
CA SER J 141 -23.38 -29.40 -2.87
C SER J 141 -22.18 -28.45 -2.79
N LEU J 142 -22.29 -27.38 -1.98
CA LEU J 142 -21.19 -26.44 -1.87
C LEU J 142 -19.99 -27.06 -1.17
N GLU J 143 -20.23 -27.79 -0.09
CA GLU J 143 -19.16 -28.52 0.60
C GLU J 143 -18.39 -29.39 -0.38
N LYS J 144 -19.10 -30.17 -1.19
CA LYS J 144 -18.45 -31.01 -2.20
C LYS J 144 -17.68 -30.17 -3.20
N ALA J 145 -18.34 -29.15 -3.78
CA ALA J 145 -17.77 -28.41 -4.90
C ALA J 145 -16.49 -27.69 -4.51
N ARG J 146 -16.47 -27.02 -3.35
CA ARG J 146 -15.31 -26.21 -2.99
C ARG J 146 -14.09 -27.07 -2.71
N LYS J 147 -14.27 -28.14 -1.92
CA LYS J 147 -13.17 -29.04 -1.62
C LYS J 147 -12.67 -29.73 -2.88
N GLU J 148 -13.60 -30.18 -3.74
CA GLU J 148 -13.19 -30.79 -5.00
C GLU J 148 -12.40 -29.82 -5.86
N ALA J 149 -12.82 -28.56 -5.90
CA ALA J 149 -12.11 -27.56 -6.70
C ALA J 149 -10.69 -27.36 -6.19
N VAL J 150 -10.53 -27.22 -4.87
CA VAL J 150 -9.19 -27.00 -4.32
C VAL J 150 -8.30 -28.21 -4.55
N THR J 151 -8.81 -29.42 -4.33
CA THR J 151 -8.01 -30.62 -4.53
C THR J 151 -7.61 -30.79 -5.99
N ASP J 152 -8.56 -30.59 -6.90
CA ASP J 152 -8.27 -30.68 -8.33
C ASP J 152 -7.25 -29.63 -8.75
N GLY J 153 -7.34 -28.42 -8.21
CA GLY J 153 -6.36 -27.40 -8.51
C GLY J 153 -4.98 -27.76 -8.00
N LEU J 154 -4.91 -28.38 -6.81
CA LEU J 154 -3.62 -28.85 -6.29
C LEU J 154 -3.02 -29.90 -7.21
N LYS J 155 -3.85 -30.84 -7.68
CA LYS J 155 -3.36 -31.84 -8.63
C LYS J 155 -2.85 -31.19 -9.91
N ARG J 156 -3.65 -30.30 -10.51
CA ARG J 156 -3.26 -29.67 -11.76
C ARG J 156 -2.02 -28.79 -11.60
N ALA J 157 -1.79 -28.26 -10.40
CA ALA J 157 -0.62 -27.42 -10.19
C ALA J 157 0.63 -28.26 -9.94
N LEU J 158 0.48 -29.39 -9.25
CA LEU J 158 1.61 -30.29 -9.07
C LEU J 158 1.96 -31.03 -10.35
N ARG J 159 1.02 -31.13 -11.30
CA ARG J 159 1.32 -31.78 -12.57
C ARG J 159 2.55 -31.18 -13.26
N SER J 160 2.64 -29.85 -13.28
CA SER J 160 3.68 -29.13 -14.03
C SER J 160 5.11 -29.37 -13.53
N PHE J 161 5.38 -30.30 -12.60
CA PHE J 161 6.74 -30.55 -12.14
C PHE J 161 7.41 -31.72 -12.86
N GLY J 162 6.65 -32.65 -13.42
CA GLY J 162 7.22 -33.80 -14.08
C GLY J 162 6.22 -34.92 -14.21
N ASN J 163 6.60 -35.90 -15.03
CA ASN J 163 5.74 -37.06 -15.25
C ASN J 163 5.42 -37.78 -13.95
N ALA J 164 6.40 -37.85 -13.04
CA ALA J 164 6.22 -38.59 -11.80
C ALA J 164 5.10 -38.02 -10.93
N LEU J 165 4.80 -36.73 -11.09
CA LEU J 165 3.77 -36.08 -10.28
C LEU J 165 2.45 -35.90 -11.01
N GLY J 166 2.25 -36.64 -12.11
CA GLY J 166 0.98 -36.64 -12.80
C GLY J 166 0.97 -36.02 -14.19
N ASN J 167 2.12 -35.62 -14.72
CA ASN J 167 2.15 -35.03 -16.05
C ASN J 167 1.94 -36.06 -17.14
N CYS J 168 2.16 -37.35 -16.84
CA CYS J 168 2.02 -38.40 -17.84
C CYS J 168 0.59 -38.89 -18.01
N ILE J 169 -0.31 -38.56 -17.07
CA ILE J 169 -1.69 -39.02 -17.16
C ILE J 169 -2.40 -38.49 -18.41
N LEU J 170 -1.84 -37.48 -19.06
CA LEU J 170 -2.41 -36.92 -20.28
C LEU J 170 -1.74 -37.43 -21.54
N ASP J 171 -0.74 -38.30 -21.41
CA ASP J 171 -0.06 -38.89 -22.56
C ASP J 171 -0.85 -40.10 -23.03
N LYS J 172 -1.47 -39.98 -24.22
CA LYS J 172 -2.32 -41.05 -24.73
C LYS J 172 -1.52 -42.35 -24.92
N ASP J 173 -0.28 -42.23 -25.39
CA ASP J 173 0.58 -43.40 -25.53
C ASP J 173 0.83 -44.07 -24.18
N TYR J 174 1.06 -43.25 -23.14
CA TYR J 174 1.22 -43.79 -21.79
C TYR J 174 -0.02 -44.56 -21.36
N LEU J 175 -1.21 -44.03 -21.66
CA LEU J 175 -2.44 -44.73 -21.31
C LEU J 175 -2.56 -46.05 -22.08
N ARG J 176 -2.24 -46.03 -23.38
CA ARG J 176 -2.27 -47.26 -24.16
C ARG J 176 -1.33 -48.31 -23.57
N SER J 177 -0.14 -47.89 -23.16
CA SER J 177 0.79 -48.81 -22.51
C SER J 177 0.31 -49.24 -21.13
N LEU J 178 -0.52 -48.42 -20.49
CA LEU J 178 -1.10 -48.81 -19.20
C LEU J 178 -2.12 -49.92 -19.39
N ASN J 179 -2.90 -49.85 -20.48
CA ASN J 179 -3.84 -50.92 -20.79
C ASN J 179 -3.11 -52.23 -21.08
N LYS J 180 -1.86 -52.15 -21.53
CA LYS J 180 -1.08 -53.32 -21.91
C LYS J 180 -0.32 -53.94 -20.73
N LEU J 181 -0.76 -53.70 -19.51
CA LEU J 181 -0.16 -54.26 -18.32
C LEU J 181 -1.20 -55.07 -17.54
N PRO J 182 -0.77 -56.05 -16.74
CA PRO J 182 -1.74 -56.79 -15.92
C PRO J 182 -2.40 -55.85 -14.92
N ARG J 183 -3.72 -55.78 -14.97
CA ARG J 183 -4.48 -54.93 -14.07
C ARG J 183 -4.54 -55.62 -12.71
N GLN J 184 -3.61 -55.25 -11.84
CA GLN J 184 -3.48 -55.91 -10.55
C GLN J 184 -4.58 -55.46 -9.60
N LEU J 185 -4.86 -56.32 -8.61
CA LEU J 185 -5.86 -56.06 -7.60
C LEU J 185 -5.34 -55.04 -6.59
N PRO J 186 -6.23 -54.29 -5.94
CA PRO J 186 -5.80 -53.29 -4.96
C PRO J 186 -4.80 -53.86 -3.94
N LEU J 187 -3.78 -53.06 -3.64
CA LEU J 187 -2.75 -53.46 -2.70
C LEU J 187 -3.31 -53.62 -1.30
N GLU J 188 -2.68 -54.51 -0.54
CA GLU J 188 -3.07 -54.77 0.84
C GLU J 188 -2.26 -53.87 1.77
N VAL J 189 -2.94 -53.23 2.72
CA VAL J 189 -2.34 -52.27 3.64
C VAL J 189 -2.03 -52.97 4.95
N ASP J 190 -0.78 -52.86 5.40
CA ASP J 190 -0.32 -53.46 6.64
C ASP J 190 -0.51 -52.48 7.78
N LEU J 191 -1.40 -52.81 8.72
CA LEU J 191 -1.70 -51.96 9.87
C LEU J 191 -1.03 -52.46 11.15
N THR J 192 0.11 -53.13 11.03
CA THR J 192 0.84 -53.58 12.21
C THR J 192 1.61 -52.43 12.86
N LYS J 193 2.50 -51.80 12.10
CA LYS J 193 3.31 -50.69 12.59
C LYS J 193 2.59 -49.34 12.56
N ALA J 194 1.25 -49.35 12.50
CA ALA J 194 0.50 -48.11 12.49
C ALA J 194 0.68 -47.34 13.79
N LYS J 195 0.51 -46.01 13.70
CA LYS J 195 0.63 -45.16 14.88
C LYS J 195 -0.49 -45.48 15.87
N ARG J 196 -0.11 -45.67 17.14
CA ARG J 196 -1.06 -46.07 18.17
C ARG J 196 -1.06 -45.19 19.40
N GLN J 197 -0.14 -44.24 19.53
CA GLN J 197 -0.12 -43.31 20.64
C GLN J 197 0.33 -41.95 20.14
N ASP J 198 0.16 -40.93 20.99
CA ASP J 198 0.45 -39.56 20.59
C ASP J 198 1.95 -39.29 20.55
N LEU J 199 2.65 -39.54 21.66
CA LEU J 199 4.04 -39.14 21.79
C LEU J 199 4.92 -39.79 20.74
N GLU J 200 5.87 -39.02 20.21
CA GLU J 200 6.86 -39.47 19.26
C GLU J 200 8.24 -39.14 19.81
N PRO J 201 8.78 -39.98 20.69
CA PRO J 201 10.09 -39.69 21.30
C PRO J 201 11.21 -39.53 20.28
N SER J 202 11.15 -40.25 19.16
CA SER J 202 12.15 -40.09 18.10
C SER J 202 12.24 -38.64 17.64
N VAL J 203 11.09 -37.97 17.51
CA VAL J 203 11.06 -36.58 17.08
C VAL J 203 11.40 -35.66 18.25
N GLU J 204 10.81 -35.92 19.42
CA GLU J 204 11.05 -35.10 20.60
C GLU J 204 12.54 -34.97 20.92
N GLU J 205 13.28 -36.08 20.79
CA GLU J 205 14.71 -36.06 21.07
C GLU J 205 15.44 -35.07 20.15
N ALA J 206 15.28 -35.25 18.84
CA ALA J 206 15.96 -34.39 17.88
C ALA J 206 15.53 -32.94 18.03
N ARG J 207 14.26 -32.69 18.36
CA ARG J 207 13.80 -31.32 18.46
C ARG J 207 14.33 -30.65 19.72
N TYR J 208 14.37 -31.38 20.84
CA TYR J 208 14.96 -30.84 22.06
C TYR J 208 16.45 -30.59 21.89
N ASN J 209 17.13 -31.42 21.10
CA ASN J 209 18.53 -31.16 20.80
C ASN J 209 18.73 -30.13 19.70
N SER J 210 17.65 -29.73 19.01
CA SER J 210 17.73 -28.77 17.91
C SER J 210 17.88 -27.33 18.37
N CYS J 211 17.80 -27.07 19.68
CA CYS J 211 17.91 -25.70 20.18
C CYS J 211 19.36 -25.36 20.50
N CYS K 28 13.07 -16.73 14.72
CA CYS K 28 11.69 -16.82 15.21
C CYS K 28 10.86 -17.76 14.34
N PHE K 29 9.55 -17.76 14.54
CA PHE K 29 8.67 -18.59 13.73
C PHE K 29 8.63 -18.07 12.30
N GLY K 30 8.60 -19.00 11.35
CA GLY K 30 8.73 -18.67 9.95
C GLY K 30 10.16 -18.47 9.49
N GLN K 31 11.11 -18.33 10.42
CA GLN K 31 12.51 -18.14 10.11
C GLN K 31 13.38 -19.34 10.49
N CYS K 32 13.12 -19.95 11.65
CA CYS K 32 13.94 -21.06 12.12
C CYS K 32 13.89 -22.22 11.14
N GLN K 33 15.07 -22.75 10.79
CA GLN K 33 15.18 -23.85 9.84
C GLN K 33 15.34 -25.18 10.58
N TYR K 34 14.80 -26.24 9.97
CA TYR K 34 14.85 -27.57 10.56
C TYR K 34 16.25 -28.18 10.45
N THR K 35 16.69 -28.79 11.53
CA THR K 35 17.93 -29.55 11.51
C THR K 35 17.72 -30.92 10.86
N ALA K 36 18.83 -31.58 10.51
CA ALA K 36 18.76 -32.85 9.81
C ALA K 36 18.03 -33.92 10.64
N GLU K 37 18.38 -34.02 11.93
CA GLU K 37 17.79 -35.05 12.77
C GLU K 37 16.29 -34.84 12.92
N GLU K 38 15.89 -33.60 13.25
CA GLU K 38 14.48 -33.26 13.37
C GLU K 38 13.73 -33.53 12.06
N TYR K 39 14.33 -33.11 10.93
CA TYR K 39 13.71 -33.35 9.63
C TYR K 39 13.45 -34.83 9.39
N GLN K 40 14.49 -35.66 9.53
CA GLN K 40 14.34 -37.08 9.24
C GLN K 40 13.33 -37.73 10.18
N ALA K 41 13.40 -37.39 11.47
CA ALA K 41 12.44 -37.93 12.43
C ALA K 41 11.02 -37.58 12.05
N ILE K 42 10.75 -36.30 11.75
CA ILE K 42 9.41 -35.87 11.39
C ILE K 42 8.94 -36.57 10.13
N GLN K 43 9.81 -36.67 9.12
CA GLN K 43 9.46 -37.32 7.87
C GLN K 43 9.03 -38.77 8.11
N LYS K 44 9.89 -39.54 8.78
CA LYS K 44 9.58 -40.95 9.01
C LYS K 44 8.33 -41.12 9.87
N ALA K 45 8.15 -40.25 10.87
CA ALA K 45 6.94 -40.32 11.67
C ALA K 45 5.70 -39.93 10.88
N LEU K 46 5.85 -39.07 9.87
CA LEU K 46 4.70 -38.68 9.05
C LEU K 46 4.34 -39.72 8.01
N ARG K 47 5.28 -40.61 7.66
CA ARG K 47 4.88 -41.71 6.79
C ARG K 47 4.02 -42.74 7.52
N GLN K 48 3.91 -42.66 8.85
CA GLN K 48 3.08 -43.60 9.60
C GLN K 48 1.61 -43.46 9.23
N ARG K 49 0.87 -44.54 9.44
CA ARG K 49 -0.59 -44.55 9.36
C ARG K 49 -1.17 -44.67 10.76
N LEU K 50 -2.44 -44.32 10.90
CA LEU K 50 -3.10 -44.29 12.20
C LEU K 50 -3.78 -45.62 12.51
N GLY K 51 -3.92 -45.91 13.79
CA GLY K 51 -4.58 -47.11 14.24
C GLY K 51 -6.04 -46.86 14.57
N PRO K 52 -6.78 -47.93 14.89
CA PRO K 52 -8.19 -47.77 15.26
C PRO K 52 -8.43 -46.88 16.47
N GLU K 53 -7.41 -46.64 17.31
CA GLU K 53 -7.59 -45.77 18.46
C GLU K 53 -7.83 -44.32 18.08
N TYR K 54 -7.65 -43.95 16.82
CA TYR K 54 -7.89 -42.59 16.35
C TYR K 54 -9.09 -42.48 15.43
N ILE K 55 -9.27 -43.44 14.52
CA ILE K 55 -10.38 -43.38 13.58
C ILE K 55 -11.70 -43.52 14.32
N SER K 56 -12.74 -42.86 13.79
CA SER K 56 -14.08 -43.01 14.31
C SER K 56 -15.03 -43.27 13.15
N SER K 57 -16.33 -43.31 13.41
CA SER K 57 -17.28 -43.67 12.37
C SER K 57 -18.57 -42.88 12.54
N ARG K 58 -19.14 -42.46 11.41
CA ARG K 58 -20.42 -41.76 11.36
C ARG K 58 -21.29 -42.45 10.32
N MET K 59 -22.55 -42.04 10.25
CA MET K 59 -23.52 -42.57 9.28
C MET K 59 -23.90 -41.48 8.30
N ALA K 60 -23.38 -41.58 7.07
CA ALA K 60 -23.70 -40.60 6.04
C ALA K 60 -25.19 -40.66 5.69
N GLY K 61 -25.73 -39.51 5.29
CA GLY K 61 -27.13 -39.44 4.89
C GLY K 61 -27.34 -40.12 3.55
N GLY K 62 -28.11 -41.21 3.54
CA GLY K 62 -28.30 -42.02 2.36
C GLY K 62 -27.16 -42.95 2.02
N GLY K 63 -25.95 -42.67 2.51
CA GLY K 63 -24.81 -43.53 2.23
C GLY K 63 -24.62 -44.59 3.29
N GLN K 64 -23.37 -44.87 3.65
CA GLN K 64 -23.06 -45.92 4.62
C GLN K 64 -22.07 -45.43 5.67
N LYS K 65 -21.54 -46.36 6.46
CA LYS K 65 -20.57 -46.03 7.50
C LYS K 65 -19.35 -45.35 6.91
N VAL K 66 -19.10 -44.10 7.34
CA VAL K 66 -17.94 -43.34 6.92
C VAL K 66 -17.01 -43.17 8.11
N CYS K 67 -15.72 -43.02 7.82
CA CYS K 67 -14.68 -42.89 8.84
C CYS K 67 -14.04 -41.51 8.78
N TYR K 68 -13.71 -40.97 9.95
CA TYR K 68 -13.10 -39.65 10.04
C TYR K 68 -12.17 -39.64 11.26
N ILE K 69 -11.51 -38.49 11.47
CA ILE K 69 -10.66 -38.27 12.63
C ILE K 69 -11.14 -37.00 13.33
N GLU K 70 -11.43 -37.11 14.63
CA GLU K 70 -11.91 -35.97 15.39
C GLU K 70 -10.86 -34.86 15.43
N GLY K 71 -11.35 -33.63 15.61
CA GLY K 71 -10.50 -32.45 15.62
C GLY K 71 -9.38 -32.46 16.63
N HIS K 72 -9.72 -32.61 17.91
CA HIS K 72 -8.73 -32.64 18.97
C HIS K 72 -7.65 -33.69 18.71
N ARG K 73 -8.02 -34.82 18.11
CA ARG K 73 -7.04 -35.84 17.74
C ARG K 73 -5.98 -35.26 16.82
N VAL K 74 -6.40 -34.63 15.72
CA VAL K 74 -5.46 -34.04 14.77
C VAL K 74 -4.66 -32.92 15.42
N ILE K 75 -5.30 -32.15 16.30
CA ILE K 75 -4.62 -31.06 16.98
C ILE K 75 -3.47 -31.60 17.83
N ASN K 76 -3.75 -32.63 18.63
CA ASN K 76 -2.70 -33.25 19.43
C ASN K 76 -1.62 -33.89 18.56
N LEU K 77 -2.03 -34.55 17.47
CA LEU K 77 -1.06 -35.14 16.55
C LEU K 77 -0.09 -34.09 16.03
N ALA K 78 -0.61 -32.92 15.63
CA ALA K 78 0.25 -31.86 15.13
C ALA K 78 1.14 -31.30 16.24
N ASN K 79 0.55 -31.03 17.41
CA ASN K 79 1.32 -30.51 18.53
C ASN K 79 2.44 -31.46 18.96
N GLU K 80 2.30 -32.76 18.67
CA GLU K 80 3.38 -33.69 18.96
C GLU K 80 4.38 -33.78 17.82
N MET K 81 3.90 -33.89 16.58
CA MET K 81 4.79 -34.04 15.43
C MET K 81 5.71 -32.84 15.28
N PHE K 82 5.16 -31.63 15.39
CA PHE K 82 5.94 -30.42 15.17
C PHE K 82 6.27 -29.67 16.46
N GLY K 83 5.43 -29.78 17.48
CA GLY K 83 5.60 -29.02 18.70
C GLY K 83 4.47 -28.02 18.89
N TYR K 84 4.35 -27.52 20.12
CA TYR K 84 3.36 -26.48 20.39
C TYR K 84 3.70 -25.19 19.65
N ASN K 85 4.97 -24.97 19.34
CA ASN K 85 5.43 -23.79 18.62
C ASN K 85 6.11 -24.17 17.30
N GLY K 86 5.90 -25.38 16.82
CA GLY K 86 6.48 -25.80 15.56
C GLY K 86 5.53 -25.66 14.39
N TRP K 87 4.24 -25.59 14.70
CA TRP K 87 3.21 -25.40 13.69
C TRP K 87 2.34 -24.21 14.08
N ALA K 88 1.65 -23.65 13.09
CA ALA K 88 0.77 -22.53 13.30
C ALA K 88 -0.30 -22.54 12.21
N HIS K 89 -1.51 -22.13 12.58
CA HIS K 89 -2.61 -22.05 11.62
C HIS K 89 -3.27 -20.68 11.72
N SER K 90 -3.97 -20.31 10.64
CA SER K 90 -4.64 -19.02 10.57
C SER K 90 -5.82 -19.13 9.64
N ILE K 91 -6.83 -18.28 9.87
CA ILE K 91 -8.03 -18.24 9.06
C ILE K 91 -7.82 -17.16 7.99
N THR K 92 -7.56 -17.59 6.76
CA THR K 92 -7.36 -16.64 5.67
C THR K 92 -8.66 -15.90 5.35
N GLN K 93 -9.78 -16.63 5.30
CA GLN K 93 -11.07 -16.02 5.02
C GLN K 93 -12.17 -17.01 5.38
N GLN K 94 -13.23 -16.50 6.00
CA GLN K 94 -14.44 -17.27 6.27
C GLN K 94 -15.63 -16.51 5.71
N ASN K 95 -16.45 -17.20 4.91
CA ASN K 95 -17.58 -16.59 4.24
C ASN K 95 -18.82 -17.46 4.40
N VAL K 96 -19.90 -16.86 4.87
CA VAL K 96 -21.18 -17.55 4.99
C VAL K 96 -21.82 -17.65 3.62
N ASP K 97 -22.03 -18.88 3.15
CA ASP K 97 -22.56 -19.08 1.80
C ASP K 97 -24.03 -18.69 1.71
N PHE K 98 -24.85 -19.19 2.63
CA PHE K 98 -26.29 -18.95 2.57
C PHE K 98 -26.89 -19.16 3.95
N VAL K 99 -28.07 -18.56 4.15
CA VAL K 99 -28.89 -18.76 5.34
C VAL K 99 -30.34 -18.77 4.88
N ASP K 100 -30.98 -19.94 4.98
CA ASP K 100 -32.35 -20.11 4.54
C ASP K 100 -33.22 -20.57 5.71
N LEU K 101 -34.53 -20.37 5.57
CA LEU K 101 -35.50 -20.70 6.61
C LEU K 101 -36.68 -21.40 5.98
N ASN K 102 -36.88 -22.67 6.32
CA ASN K 102 -38.00 -23.47 5.82
C ASN K 102 -38.84 -23.95 6.99
N ASN K 103 -40.02 -23.35 7.15
CA ASN K 103 -41.02 -23.72 8.16
C ASN K 103 -40.39 -24.04 9.52
N GLY K 104 -39.64 -23.05 10.03
CA GLY K 104 -39.10 -23.13 11.37
C GLY K 104 -37.72 -23.73 11.48
N ALA K 105 -37.18 -24.29 10.40
CA ALA K 105 -35.87 -24.91 10.41
C ALA K 105 -34.87 -24.00 9.71
N PHE K 106 -33.72 -23.77 10.34
CA PHE K 106 -32.69 -22.90 9.81
C PHE K 106 -31.62 -23.75 9.14
N TYR K 107 -31.38 -23.48 7.86
CA TYR K 107 -30.37 -24.18 7.06
C TYR K 107 -29.25 -23.21 6.76
N VAL K 108 -28.07 -23.47 7.32
CA VAL K 108 -26.93 -22.56 7.25
C VAL K 108 -25.76 -23.28 6.61
N GLY K 109 -25.16 -22.65 5.59
CA GLY K 109 -23.91 -23.13 5.02
C GLY K 109 -22.80 -22.12 5.19
N VAL K 110 -21.64 -22.57 5.68
CA VAL K 110 -20.52 -21.69 5.97
C VAL K 110 -19.24 -22.41 5.56
N CYS K 111 -18.31 -21.65 4.97
CA CYS K 111 -17.02 -22.18 4.55
C CYS K 111 -15.91 -21.32 5.14
N ALA K 112 -14.74 -21.94 5.31
CA ALA K 112 -13.58 -21.24 5.85
C ALA K 112 -12.33 -21.71 5.10
N PHE K 113 -11.29 -20.87 5.14
CA PHE K 113 -10.02 -21.14 4.49
C PHE K 113 -8.93 -21.04 5.55
N VAL K 114 -8.39 -22.20 5.96
CA VAL K 114 -7.38 -22.27 7.00
C VAL K 114 -6.02 -22.48 6.35
N ARG K 115 -5.02 -21.76 6.84
CA ARG K 115 -3.65 -21.88 6.37
C ARG K 115 -2.76 -22.30 7.53
N VAL K 116 -2.18 -23.49 7.43
CA VAL K 116 -1.26 -24.00 8.44
C VAL K 116 0.17 -23.74 7.98
N GLN K 117 1.01 -23.32 8.92
CA GLN K 117 2.39 -22.94 8.59
C GLN K 117 3.33 -23.49 9.67
N LEU K 118 4.44 -24.06 9.22
CA LEU K 118 5.47 -24.55 10.11
C LEU K 118 6.53 -23.47 10.35
N LYS K 119 7.26 -23.64 11.44
CA LYS K 119 8.26 -22.64 11.83
C LYS K 119 9.35 -22.44 10.78
N ASP K 120 9.48 -23.35 9.82
CA ASP K 120 10.45 -23.18 8.75
C ASP K 120 9.93 -22.31 7.61
N GLY K 121 8.64 -22.03 7.57
CA GLY K 121 8.03 -21.23 6.51
C GLY K 121 7.12 -22.02 5.60
N SER K 122 7.25 -23.35 5.58
CA SER K 122 6.35 -24.18 4.78
C SER K 122 4.91 -23.99 5.23
N TYR K 123 3.99 -24.11 4.28
CA TYR K 123 2.60 -23.76 4.54
C TYR K 123 1.69 -24.59 3.64
N HIS K 124 0.50 -24.90 4.18
CA HIS K 124 -0.56 -25.56 3.43
C HIS K 124 -1.88 -24.90 3.77
N GLU K 125 -2.70 -24.67 2.75
CA GLU K 125 -3.97 -23.98 2.90
C GLU K 125 -5.07 -24.78 2.21
N ASP K 126 -6.21 -24.91 2.88
CA ASP K 126 -7.31 -25.69 2.34
C ASP K 126 -8.62 -25.20 2.95
N VAL K 127 -9.72 -25.62 2.33
CA VAL K 127 -11.05 -25.16 2.72
C VAL K 127 -11.62 -26.11 3.77
N GLY K 128 -12.63 -25.61 4.48
CA GLY K 128 -13.43 -26.45 5.36
C GLY K 128 -14.83 -25.91 5.40
N TYR K 129 -15.79 -26.80 5.63
CA TYR K 129 -17.20 -26.45 5.58
C TYR K 129 -17.91 -26.77 6.88
N GLY K 130 -18.95 -25.99 7.17
CA GLY K 130 -19.80 -26.24 8.31
C GLY K 130 -21.25 -26.17 7.91
N VAL K 131 -22.07 -27.03 8.51
CA VAL K 131 -23.44 -27.25 8.08
C VAL K 131 -24.31 -27.39 9.32
N SER K 132 -25.39 -26.60 9.38
CA SER K 132 -26.39 -26.71 10.44
C SER K 132 -27.78 -26.58 9.79
N GLU K 133 -28.47 -27.70 9.63
CA GLU K 133 -29.77 -27.74 8.97
C GLU K 133 -30.94 -27.93 9.92
N GLY K 134 -30.75 -28.63 11.03
CA GLY K 134 -31.85 -29.04 11.88
C GLY K 134 -32.37 -28.00 12.84
N LEU K 135 -31.47 -27.26 13.49
CA LEU K 135 -31.85 -26.41 14.60
C LEU K 135 -32.84 -25.32 14.16
N ALA K 136 -33.56 -24.78 15.14
CA ALA K 136 -34.53 -23.73 14.90
C ALA K 136 -34.06 -22.37 15.41
N SER K 137 -32.88 -22.31 16.02
CA SER K 137 -32.29 -21.06 16.50
C SER K 137 -31.20 -20.64 15.53
N LYS K 138 -31.31 -19.42 14.98
CA LYS K 138 -30.34 -18.92 14.03
C LYS K 138 -28.94 -18.85 14.65
N ALA K 139 -28.85 -18.30 15.86
CA ALA K 139 -27.55 -18.16 16.53
C ALA K 139 -26.88 -19.49 16.74
N LEU K 140 -27.63 -20.51 17.19
CA LEU K 140 -27.06 -21.83 17.39
C LEU K 140 -26.53 -22.42 16.08
N SER K 141 -27.34 -22.31 15.02
CA SER K 141 -26.94 -22.84 13.73
C SER K 141 -25.66 -22.15 13.24
N LEU K 142 -25.57 -20.83 13.39
CA LEU K 142 -24.39 -20.11 12.93
C LEU K 142 -23.16 -20.46 13.76
N GLU K 143 -23.31 -20.51 15.09
CA GLU K 143 -22.21 -20.95 15.95
C GLU K 143 -21.66 -22.30 15.50
N LYS K 144 -22.56 -23.26 15.31
CA LYS K 144 -22.15 -24.60 14.88
C LYS K 144 -21.47 -24.54 13.52
N ALA K 145 -22.09 -23.86 12.56
CA ALA K 145 -21.57 -23.87 11.19
C ALA K 145 -20.17 -23.26 11.15
N ARG K 146 -19.98 -22.12 11.81
CA ARG K 146 -18.70 -21.42 11.73
C ARG K 146 -17.60 -22.21 12.44
N LYS K 147 -17.85 -22.67 13.66
CA LYS K 147 -16.83 -23.42 14.37
C LYS K 147 -16.48 -24.73 13.64
N GLU K 148 -17.50 -25.46 13.19
CA GLU K 148 -17.26 -26.68 12.44
C GLU K 148 -16.50 -26.42 11.15
N ALA K 149 -16.82 -25.32 10.45
CA ALA K 149 -16.12 -25.00 9.21
C ALA K 149 -14.65 -24.75 9.46
N VAL K 150 -14.33 -23.97 10.50
CA VAL K 150 -12.93 -23.69 10.78
C VAL K 150 -12.19 -24.96 11.17
N THR K 151 -12.81 -25.80 12.01
CA THR K 151 -12.16 -27.04 12.41
C THR K 151 -11.93 -27.98 11.23
N ASP K 152 -12.94 -28.11 10.36
CA ASP K 152 -12.81 -28.94 9.16
C ASP K 152 -11.72 -28.41 8.25
N GLY K 153 -11.62 -27.09 8.11
CA GLY K 153 -10.54 -26.52 7.32
C GLY K 153 -9.18 -26.81 7.91
N LEU K 154 -9.07 -26.77 9.23
CA LEU K 154 -7.81 -27.12 9.88
C LEU K 154 -7.44 -28.57 9.61
N LYS K 155 -8.43 -29.47 9.67
CA LYS K 155 -8.18 -30.87 9.35
C LYS K 155 -7.71 -31.03 7.91
N ARG K 156 -8.45 -30.44 6.96
CA ARG K 156 -8.10 -30.58 5.55
C ARG K 156 -6.76 -29.94 5.23
N ALA K 157 -6.36 -28.92 5.99
CA ALA K 157 -5.07 -28.29 5.72
C ALA K 157 -3.92 -29.07 6.32
N LEU K 158 -4.12 -29.66 7.50
CA LEU K 158 -3.09 -30.52 8.08
C LEU K 158 -2.98 -31.85 7.37
N ARG K 159 -4.01 -32.28 6.63
CA ARG K 159 -3.95 -33.52 5.87
C ARG K 159 -2.73 -33.55 4.95
N SER K 160 -2.48 -32.46 4.24
CA SER K 160 -1.44 -32.39 3.21
C SER K 160 -0.01 -32.53 3.76
N PHE K 161 0.19 -32.83 5.04
CA PHE K 161 1.53 -33.01 5.60
C PHE K 161 2.00 -34.46 5.60
N GLY K 162 1.08 -35.41 5.60
CA GLY K 162 1.45 -36.81 5.64
C GLY K 162 0.31 -37.67 6.11
N ASN K 163 0.48 -38.98 5.92
CA ASN K 163 -0.55 -39.94 6.32
C ASN K 163 -0.85 -39.83 7.81
N ALA K 164 0.18 -39.59 8.63
CA ALA K 164 0.00 -39.55 10.07
C ALA K 164 -0.97 -38.46 10.51
N LEU K 165 -1.11 -37.40 9.72
CA LEU K 165 -1.97 -36.27 10.07
C LEU K 165 -3.32 -36.30 9.35
N GLY K 166 -3.71 -37.46 8.82
CA GLY K 166 -5.03 -37.62 8.24
C GLY K 166 -5.08 -37.83 6.74
N ASN K 167 -3.94 -37.96 6.07
CA ASN K 167 -3.95 -38.17 4.62
C ASN K 167 -4.39 -39.57 4.24
N CYS K 168 -4.33 -40.53 5.17
CA CYS K 168 -4.69 -41.90 4.87
C CYS K 168 -6.18 -42.18 5.02
N ILE K 169 -6.94 -41.29 5.65
CA ILE K 169 -8.36 -41.51 5.85
C ILE K 169 -9.12 -41.59 4.54
N LEU K 170 -8.53 -41.13 3.44
CA LEU K 170 -9.16 -41.19 2.13
C LEU K 170 -8.65 -42.35 1.28
N ASP K 171 -7.73 -43.16 1.80
CA ASP K 171 -7.24 -44.33 1.09
C ASP K 171 -8.19 -45.49 1.33
N LYS K 172 -8.90 -45.90 0.28
CA LYS K 172 -9.93 -46.94 0.43
C LYS K 172 -9.34 -48.25 0.92
N ASP K 173 -8.15 -48.60 0.43
CA ASP K 173 -7.48 -49.82 0.90
C ASP K 173 -7.19 -49.74 2.40
N TYR K 174 -6.75 -48.57 2.87
CA TYR K 174 -6.53 -48.38 4.30
C TYR K 174 -7.80 -48.61 5.10
N LEU K 175 -8.94 -48.12 4.60
CA LEU K 175 -10.21 -48.36 5.28
C LEU K 175 -10.58 -49.83 5.29
N ARG K 176 -10.41 -50.51 4.14
CA ARG K 176 -10.69 -51.94 4.08
C ARG K 176 -9.84 -52.71 5.09
N SER K 177 -8.57 -52.36 5.21
CA SER K 177 -7.72 -53.00 6.20
C SER K 177 -8.09 -52.58 7.62
N LEU K 178 -8.71 -51.42 7.79
CA LEU K 178 -9.15 -51.00 9.12
C LEU K 178 -10.35 -51.83 9.57
N ASN K 179 -11.25 -52.16 8.64
CA ASN K 179 -12.38 -53.03 8.98
C ASN K 179 -11.92 -54.41 9.41
N LYS K 180 -10.73 -54.85 8.96
CA LYS K 180 -10.20 -56.17 9.25
C LYS K 180 -9.40 -56.22 10.55
N LEU K 181 -9.68 -55.32 11.49
CA LEU K 181 -8.99 -55.30 12.77
C LEU K 181 -9.99 -55.47 13.91
N PRO K 182 -9.55 -55.97 15.06
CA PRO K 182 -10.46 -56.10 16.20
C PRO K 182 -10.96 -54.74 16.68
N ARG K 183 -12.29 -54.60 16.74
CA ARG K 183 -12.91 -53.36 17.19
C ARG K 183 -12.77 -53.29 18.70
N GLN K 184 -11.72 -52.61 19.16
CA GLN K 184 -11.40 -52.54 20.57
C GLN K 184 -12.35 -51.58 21.30
N LEU K 185 -12.48 -51.79 22.60
CA LEU K 185 -13.34 -50.95 23.41
C LEU K 185 -12.67 -49.59 23.66
N PRO K 186 -13.47 -48.55 23.88
CA PRO K 186 -12.90 -47.22 24.12
C PRO K 186 -11.82 -47.24 25.19
N LEU K 187 -10.74 -46.49 24.93
CA LEU K 187 -9.63 -46.42 25.87
C LEU K 187 -10.04 -45.73 27.16
N GLU K 188 -9.40 -46.12 28.25
CA GLU K 188 -9.66 -45.53 29.56
C GLU K 188 -8.65 -44.41 29.82
N VAL K 189 -9.15 -43.26 30.28
CA VAL K 189 -8.32 -42.08 30.51
C VAL K 189 -7.96 -42.02 31.98
N ASP K 190 -6.66 -41.90 32.27
CA ASP K 190 -6.16 -41.84 33.63
C ASP K 190 -6.07 -40.37 34.06
N LEU K 191 -6.87 -40.00 35.05
CA LEU K 191 -6.93 -38.63 35.56
C LEU K 191 -6.18 -38.48 36.88
N THR K 192 -5.13 -39.27 37.11
CA THR K 192 -4.35 -39.13 38.33
C THR K 192 -3.40 -37.92 38.27
N LYS K 193 -2.50 -37.91 37.30
CA LYS K 193 -1.54 -36.83 37.13
C LYS K 193 -2.11 -35.62 36.38
N ALA K 194 -3.43 -35.46 36.34
CA ALA K 194 -4.01 -34.32 35.65
C ALA K 194 -3.63 -33.02 36.33
N LYS K 195 -3.64 -31.93 35.55
CA LYS K 195 -3.30 -30.62 36.10
C LYS K 195 -4.33 -30.19 37.12
N ARG K 196 -3.85 -29.74 38.29
CA ARG K 196 -4.72 -29.39 39.40
C ARG K 196 -4.48 -28.01 39.98
N GLN K 197 -3.42 -27.31 39.58
CA GLN K 197 -3.15 -25.96 40.06
C GLN K 197 -2.57 -25.13 38.93
N ASP K 198 -2.50 -23.82 39.17
CA ASP K 198 -2.07 -22.89 38.13
C ASP K 198 -0.56 -22.93 37.91
N LEU K 199 0.22 -22.71 38.97
CA LEU K 199 1.65 -22.55 38.84
C LEU K 199 2.32 -23.81 38.28
N GLU K 200 3.29 -23.59 37.39
CA GLU K 200 4.11 -24.66 36.81
C GLU K 200 5.56 -24.31 37.06
N PRO K 201 6.09 -24.65 38.26
CA PRO K 201 7.48 -24.29 38.57
C PRO K 201 8.50 -24.87 37.61
N SER K 202 8.24 -26.06 37.07
CA SER K 202 9.15 -26.63 36.06
C SER K 202 9.35 -25.68 34.89
N VAL K 203 8.28 -25.03 34.44
CA VAL K 203 8.37 -24.09 33.33
C VAL K 203 8.92 -22.75 33.80
N GLU K 204 8.40 -22.27 34.94
CA GLU K 204 8.83 -20.98 35.50
C GLU K 204 10.34 -20.92 35.67
N GLU K 205 10.95 -22.02 36.12
CA GLU K 205 12.40 -22.07 36.30
C GLU K 205 13.14 -21.77 35.01
N ALA K 206 12.85 -22.57 33.97
CA ALA K 206 13.51 -22.40 32.68
C ALA K 206 13.24 -21.02 32.08
N ARG K 207 12.03 -20.49 32.28
CA ARG K 207 11.71 -19.20 31.68
C ARG K 207 12.42 -18.06 32.40
N TYR K 208 12.51 -18.14 33.73
CA TYR K 208 13.27 -17.15 34.48
C TYR K 208 14.76 -17.23 34.14
N ASN K 209 15.26 -18.43 33.83
CA ASN K 209 16.64 -18.57 33.40
C ASN K 209 16.83 -18.26 31.91
N SER K 210 15.75 -18.05 31.16
CA SER K 210 15.83 -17.79 29.73
C SER K 210 16.30 -16.38 29.39
N CYS K 211 16.47 -15.51 30.37
CA CYS K 211 16.93 -14.15 30.10
C CYS K 211 18.45 -14.06 30.12
#